data_1QP5
# 
_entry.id   1QP5 
# 
_audit_conform.dict_name       mmcif_pdbx.dic 
_audit_conform.dict_version    5.386 
_audit_conform.dict_location   http://mmcif.pdb.org/dictionaries/ascii/mmcif_pdbx.dic 
# 
loop_
_database_2.database_id 
_database_2.database_code 
_database_2.pdbx_database_accession 
_database_2.pdbx_DOI 
PDB   1QP5         pdb_00001qp5 10.2210/pdb1qp5/pdb 
NDB   BD0022       ?            ?                   
RCSB  RCSB009134   ?            ?                   
WWPDB D_1000009134 ?            ?                   
# 
loop_
_pdbx_audit_revision_history.ordinal 
_pdbx_audit_revision_history.data_content_type 
_pdbx_audit_revision_history.major_revision 
_pdbx_audit_revision_history.minor_revision 
_pdbx_audit_revision_history.revision_date 
1 'Structure model' 1 0 1999-06-14 
2 'Structure model' 1 1 2008-04-27 
3 'Structure model' 1 2 2011-07-13 
4 'Structure model' 1 3 2017-10-04 
5 'Structure model' 1 4 2024-02-14 
# 
_pdbx_audit_revision_details.ordinal             1 
_pdbx_audit_revision_details.revision_ordinal    1 
_pdbx_audit_revision_details.data_content_type   'Structure model' 
_pdbx_audit_revision_details.provider            repository 
_pdbx_audit_revision_details.type                'Initial release' 
_pdbx_audit_revision_details.description         ? 
_pdbx_audit_revision_details.details             ? 
# 
loop_
_pdbx_audit_revision_group.ordinal 
_pdbx_audit_revision_group.revision_ordinal 
_pdbx_audit_revision_group.data_content_type 
_pdbx_audit_revision_group.group 
1 2 'Structure model' 'Version format compliance' 
2 3 'Structure model' 'Version format compliance' 
3 4 'Structure model' 'Refinement description'    
4 5 'Structure model' 'Data collection'           
5 5 'Structure model' 'Database references'       
6 5 'Structure model' 'Derived calculations'      
# 
loop_
_pdbx_audit_revision_category.ordinal 
_pdbx_audit_revision_category.revision_ordinal 
_pdbx_audit_revision_category.data_content_type 
_pdbx_audit_revision_category.category 
1 4 'Structure model' software               
2 5 'Structure model' chem_comp_atom         
3 5 'Structure model' chem_comp_bond         
4 5 'Structure model' database_2             
5 5 'Structure model' pdbx_struct_conn_angle 
6 5 'Structure model' struct_conn            
7 5 'Structure model' struct_site            
# 
loop_
_pdbx_audit_revision_item.ordinal 
_pdbx_audit_revision_item.revision_ordinal 
_pdbx_audit_revision_item.data_content_type 
_pdbx_audit_revision_item.item 
1  4 'Structure model' '_software.name'                              
2  5 'Structure model' '_database_2.pdbx_DOI'                        
3  5 'Structure model' '_database_2.pdbx_database_accession'         
4  5 'Structure model' '_pdbx_struct_conn_angle.ptnr1_auth_asym_id'  
5  5 'Structure model' '_pdbx_struct_conn_angle.ptnr1_auth_comp_id'  
6  5 'Structure model' '_pdbx_struct_conn_angle.ptnr1_auth_seq_id'   
7  5 'Structure model' '_pdbx_struct_conn_angle.ptnr1_label_asym_id' 
8  5 'Structure model' '_pdbx_struct_conn_angle.ptnr1_label_atom_id' 
9  5 'Structure model' '_pdbx_struct_conn_angle.ptnr1_label_comp_id' 
10 5 'Structure model' '_pdbx_struct_conn_angle.ptnr1_label_seq_id'  
11 5 'Structure model' '_pdbx_struct_conn_angle.ptnr1_symmetry'      
12 5 'Structure model' '_pdbx_struct_conn_angle.ptnr2_auth_asym_id'  
13 5 'Structure model' '_pdbx_struct_conn_angle.ptnr2_auth_seq_id'   
14 5 'Structure model' '_pdbx_struct_conn_angle.ptnr2_label_asym_id' 
15 5 'Structure model' '_pdbx_struct_conn_angle.ptnr3_auth_asym_id'  
16 5 'Structure model' '_pdbx_struct_conn_angle.ptnr3_auth_comp_id'  
17 5 'Structure model' '_pdbx_struct_conn_angle.ptnr3_auth_seq_id'   
18 5 'Structure model' '_pdbx_struct_conn_angle.ptnr3_label_asym_id' 
19 5 'Structure model' '_pdbx_struct_conn_angle.ptnr3_label_atom_id' 
20 5 'Structure model' '_pdbx_struct_conn_angle.ptnr3_label_comp_id' 
21 5 'Structure model' '_pdbx_struct_conn_angle.ptnr3_label_seq_id'  
22 5 'Structure model' '_pdbx_struct_conn_angle.ptnr3_symmetry'      
23 5 'Structure model' '_pdbx_struct_conn_angle.value'               
24 5 'Structure model' '_struct_conn.pdbx_dist_value'                
25 5 'Structure model' '_struct_conn.ptnr1_auth_asym_id'             
26 5 'Structure model' '_struct_conn.ptnr1_auth_comp_id'             
27 5 'Structure model' '_struct_conn.ptnr1_auth_seq_id'              
28 5 'Structure model' '_struct_conn.ptnr1_label_asym_id'            
29 5 'Structure model' '_struct_conn.ptnr1_label_atom_id'            
30 5 'Structure model' '_struct_conn.ptnr1_label_comp_id'            
31 5 'Structure model' '_struct_conn.ptnr1_label_seq_id'             
32 5 'Structure model' '_struct_conn.ptnr2_auth_asym_id'             
33 5 'Structure model' '_struct_conn.ptnr2_auth_comp_id'             
34 5 'Structure model' '_struct_conn.ptnr2_auth_seq_id'              
35 5 'Structure model' '_struct_conn.ptnr2_label_asym_id'            
36 5 'Structure model' '_struct_conn.ptnr2_label_atom_id'            
37 5 'Structure model' '_struct_conn.ptnr2_label_comp_id'            
38 5 'Structure model' '_struct_conn.ptnr2_label_seq_id'             
39 5 'Structure model' '_struct_conn.ptnr2_symmetry'                 
40 5 'Structure model' '_struct_site.pdbx_auth_asym_id'              
41 5 'Structure model' '_struct_site.pdbx_auth_comp_id'              
42 5 'Structure model' '_struct_site.pdbx_auth_seq_id'               
# 
_pdbx_database_status.status_code                     REL 
_pdbx_database_status.entry_id                        1QP5 
_pdbx_database_status.recvd_initial_deposition_date   1999-06-01 
_pdbx_database_status.deposit_site                    RCSB 
_pdbx_database_status.process_site                    RCSB 
_pdbx_database_status.SG_entry                        . 
_pdbx_database_status.pdb_format_compatible           Y 
_pdbx_database_status.status_code_mr                  ? 
_pdbx_database_status.status_code_sf                  ? 
_pdbx_database_status.status_code_cs                  ? 
_pdbx_database_status.methods_development_category    ? 
_pdbx_database_status.status_code_nmr_data            ? 
# 
_pdbx_database_related.db_name        NDB 
_pdbx_database_related.db_id          BDL034 
_pdbx_database_related.details        'COORDINATES OF THE DODECAMER' 
_pdbx_database_related.content_type   unspecified 
# 
loop_
_audit_author.name 
_audit_author.pdbx_ordinal 
'Timsit, Y.'  1 
'Vilbois, E.' 2 
'Moras, D.'   3 
# 
loop_
_citation.id 
_citation.title 
_citation.journal_abbrev 
_citation.journal_volume 
_citation.page_first 
_citation.page_last 
_citation.year 
_citation.journal_id_ASTM 
_citation.country 
_citation.journal_id_ISSN 
_citation.journal_id_CSD 
_citation.book_publisher 
_citation.pdbx_database_id_PubMed 
_citation.pdbx_database_id_DOI 
primary 'Base-pairing shift in the major groove of (CA)n tracts by B-DNA crystal structures.' Nature      354 167 170 1991 NATUAS 
UK 0028-0836 0006 ? 1944598 10.1038/354167a0       
1       'Self-fitting and self-modifying properties of the B-DNA molecule'                    J.Mol.Biol. 251 629 647 1995 JMOBAK 
UK 0022-2836 0070 ? ?       10.1006/jmbi.1995.0461 
# 
loop_
_citation_author.citation_id 
_citation_author.name 
_citation_author.ordinal 
_citation_author.identifier_ORCID 
primary 'Timsit, Y.'  1 ? 
primary 'Vilbois, E.' 2 ? 
primary 'Moras, D.'   3 ? 
1       'Timsit, Y.'  4 ? 
1       'Moras, D.'   5 ? 
# 
loop_
_entity.id 
_entity.type 
_entity.src_method 
_entity.pdbx_description 
_entity.formula_weight 
_entity.pdbx_number_of_molecules 
_entity.pdbx_ec 
_entity.pdbx_mutation 
_entity.pdbx_fragment 
_entity.details 
1 polymer     syn 
;DNA (5'-D(*AP*CP*CP*GP*GP*CP*GP*CP*CP*AP*CP*A)-3')
;
3617.371 1   ? ? ? ? 
2 polymer     syn 
;DNA (5'-D(*TP*GP*TP*GP*GP*CP*GP*CP*CP*GP*GP*T)-3')
;
3710.401 1   ? ? ? ? 
3 non-polymer syn 'MAGNESIUM ION'                                      24.305   8   ? ? ? ? 
4 water       nat water                                                18.015   107 ? ? ? ? 
# 
loop_
_entity_poly.entity_id 
_entity_poly.type 
_entity_poly.nstd_linkage 
_entity_poly.nstd_monomer 
_entity_poly.pdbx_seq_one_letter_code 
_entity_poly.pdbx_seq_one_letter_code_can 
_entity_poly.pdbx_strand_id 
_entity_poly.pdbx_target_identifier 
1 polydeoxyribonucleotide no no '(DA)(DC)(DC)(DG)(DG)(DC)(DG)(DC)(DC)(DA)(DC)(DA)' ACCGGCGCCACA A ? 
2 polydeoxyribonucleotide no no '(DT)(DG)(DT)(DG)(DG)(DC)(DG)(DC)(DC)(DG)(DG)(DT)' TGTGGCGCCGGT B ? 
# 
loop_
_pdbx_entity_nonpoly.entity_id 
_pdbx_entity_nonpoly.name 
_pdbx_entity_nonpoly.comp_id 
3 'MAGNESIUM ION' MG  
4 water           HOH 
# 
loop_
_entity_poly_seq.entity_id 
_entity_poly_seq.num 
_entity_poly_seq.mon_id 
_entity_poly_seq.hetero 
1 1  DA n 
1 2  DC n 
1 3  DC n 
1 4  DG n 
1 5  DG n 
1 6  DC n 
1 7  DG n 
1 8  DC n 
1 9  DC n 
1 10 DA n 
1 11 DC n 
1 12 DA n 
2 1  DT n 
2 2  DG n 
2 3  DT n 
2 4  DG n 
2 5  DG n 
2 6  DC n 
2 7  DG n 
2 8  DC n 
2 9  DC n 
2 10 DG n 
2 11 DG n 
2 12 DT n 
# 
loop_
_chem_comp.id 
_chem_comp.type 
_chem_comp.mon_nstd_flag 
_chem_comp.name 
_chem_comp.pdbx_synonyms 
_chem_comp.formula 
_chem_comp.formula_weight 
DA  'DNA linking' y "2'-DEOXYADENOSINE-5'-MONOPHOSPHATE" ? 'C10 H14 N5 O6 P' 331.222 
DC  'DNA linking' y "2'-DEOXYCYTIDINE-5'-MONOPHOSPHATE"  ? 'C9 H14 N3 O7 P'  307.197 
DG  'DNA linking' y "2'-DEOXYGUANOSINE-5'-MONOPHOSPHATE" ? 'C10 H14 N5 O7 P' 347.221 
DT  'DNA linking' y "THYMIDINE-5'-MONOPHOSPHATE"         ? 'C10 H15 N2 O8 P' 322.208 
HOH non-polymer   . WATER                                ? 'H2 O'            18.015  
MG  non-polymer   . 'MAGNESIUM ION'                      ? 'Mg 2'            24.305  
# 
loop_
_pdbx_poly_seq_scheme.asym_id 
_pdbx_poly_seq_scheme.entity_id 
_pdbx_poly_seq_scheme.seq_id 
_pdbx_poly_seq_scheme.mon_id 
_pdbx_poly_seq_scheme.ndb_seq_num 
_pdbx_poly_seq_scheme.pdb_seq_num 
_pdbx_poly_seq_scheme.auth_seq_num 
_pdbx_poly_seq_scheme.pdb_mon_id 
_pdbx_poly_seq_scheme.auth_mon_id 
_pdbx_poly_seq_scheme.pdb_strand_id 
_pdbx_poly_seq_scheme.pdb_ins_code 
_pdbx_poly_seq_scheme.hetero 
A 1 1  DA 1  1  1  DA A A . n 
A 1 2  DC 2  2  2  DC C A . n 
A 1 3  DC 3  3  3  DC C A . n 
A 1 4  DG 4  4  4  DG G A . n 
A 1 5  DG 5  5  5  DG G A . n 
A 1 6  DC 6  6  6  DC C A . n 
A 1 7  DG 7  7  7  DG G A . n 
A 1 8  DC 8  8  8  DC C A . n 
A 1 9  DC 9  9  9  DC C A . n 
A 1 10 DA 10 10 10 DA A A . n 
A 1 11 DC 11 11 11 DC C A . n 
A 1 12 DA 12 12 12 DA A A . n 
B 2 1  DT 1  13 13 DT T B . n 
B 2 2  DG 2  14 14 DG G B . n 
B 2 3  DT 3  15 15 DT T B . n 
B 2 4  DG 4  16 16 DG G B . n 
B 2 5  DG 5  17 17 DG G B . n 
B 2 6  DC 6  18 18 DC C B . n 
B 2 7  DG 7  19 19 DG G B . n 
B 2 8  DC 8  20 20 DC C B . n 
B 2 9  DC 9  21 21 DC C B . n 
B 2 10 DG 10 22 22 DG G B . n 
B 2 11 DG 11 23 23 DG G B . n 
B 2 12 DT 12 24 24 DT T B . n 
# 
loop_
_pdbx_nonpoly_scheme.asym_id 
_pdbx_nonpoly_scheme.entity_id 
_pdbx_nonpoly_scheme.mon_id 
_pdbx_nonpoly_scheme.ndb_seq_num 
_pdbx_nonpoly_scheme.pdb_seq_num 
_pdbx_nonpoly_scheme.auth_seq_num 
_pdbx_nonpoly_scheme.pdb_mon_id 
_pdbx_nonpoly_scheme.auth_mon_id 
_pdbx_nonpoly_scheme.pdb_strand_id 
_pdbx_nonpoly_scheme.pdb_ins_code 
C 3 MG  1  68  68  MG  TIP A . 
D 3 MG  1  75  75  MG  TIP A . 
E 3 MG  1  80  80  MG  TIP A . 
F 3 MG  1  87  87  MG  TIP A . 
G 3 MG  1  99  99  MG  TIP A . 
H 3 MG  1  112 112 MG  TIP A . 
I 3 MG  1  61  61  MG  TIP B . 
J 3 MG  1  119 119 MG  TIP B . 
K 4 HOH 1  25  25  HOH TIP A . 
K 4 HOH 2  26  26  HOH TIP A . 
K 4 HOH 3  30  30  HOH TIP A . 
K 4 HOH 4  34  34  HOH TIP A . 
K 4 HOH 5  35  35  HOH TIP A . 
K 4 HOH 6  37  37  HOH TIP A . 
K 4 HOH 7  38  38  HOH TIP A . 
K 4 HOH 8  39  39  HOH TIP A . 
K 4 HOH 9  40  40  HOH TIP A . 
K 4 HOH 10 42  42  HOH TIP A . 
K 4 HOH 11 45  45  HOH TIP A . 
K 4 HOH 12 46  46  HOH TIP A . 
K 4 HOH 13 48  48  HOH TIP A . 
K 4 HOH 14 50  50  HOH TIP A . 
K 4 HOH 15 51  51  HOH TIP A . 
K 4 HOH 16 52  52  HOH TIP A . 
K 4 HOH 17 55  55  HOH TIP A . 
K 4 HOH 18 64  64  HOH TIP A . 
K 4 HOH 19 65  65  HOH TIP A . 
K 4 HOH 20 71  71  HOH TIP A . 
K 4 HOH 21 72  72  HOH TIP A . 
K 4 HOH 22 74  74  HOH TIP A . 
K 4 HOH 23 76  76  HOH TIP A . 
K 4 HOH 24 77  77  HOH TIP A . 
K 4 HOH 25 78  78  HOH TIP A . 
K 4 HOH 26 79  79  HOH TIP A . 
K 4 HOH 27 81  81  HOH TIP A . 
K 4 HOH 28 82  82  HOH TIP A . 
K 4 HOH 29 83  83  HOH TIP A . 
K 4 HOH 30 84  84  HOH TIP A . 
K 4 HOH 31 85  85  HOH TIP A . 
K 4 HOH 32 86  86  HOH TIP A . 
K 4 HOH 33 88  88  HOH TIP A . 
K 4 HOH 34 89  89  HOH TIP A . 
K 4 HOH 35 90  90  HOH TIP A . 
K 4 HOH 36 91  91  HOH TIP A . 
K 4 HOH 37 92  92  HOH TIP A . 
K 4 HOH 38 93  93  HOH TIP A . 
K 4 HOH 39 94  94  HOH TIP A . 
K 4 HOH 40 95  95  HOH TIP A . 
K 4 HOH 41 96  96  HOH TIP A . 
K 4 HOH 42 97  97  HOH TIP A . 
K 4 HOH 43 100 100 HOH TIP A . 
K 4 HOH 44 101 101 HOH TIP A . 
K 4 HOH 45 102 102 HOH TIP A . 
K 4 HOH 46 103 103 HOH TIP A . 
K 4 HOH 47 104 104 HOH TIP A . 
K 4 HOH 48 105 105 HOH TIP A . 
K 4 HOH 49 107 107 HOH TIP A . 
K 4 HOH 50 109 109 HOH TIP A . 
K 4 HOH 51 110 110 HOH TIP A . 
K 4 HOH 52 113 113 HOH TIP A . 
K 4 HOH 53 114 114 HOH TIP A . 
K 4 HOH 54 115 115 HOH TIP A . 
K 4 HOH 55 116 116 HOH TIP A . 
K 4 HOH 56 117 117 HOH TIP A . 
K 4 HOH 57 118 118 HOH TIP A . 
K 4 HOH 58 123 123 HOH TIP A . 
K 4 HOH 59 126 126 HOH TIP A . 
K 4 HOH 60 128 128 HOH TIP A . 
K 4 HOH 61 129 129 HOH TIP A . 
K 4 HOH 62 131 131 HOH TIP A . 
K 4 HOH 63 132 132 HOH TIP A . 
K 4 HOH 64 133 133 HOH TIP A . 
K 4 HOH 65 134 134 HOH TIP A . 
K 4 HOH 66 136 136 HOH TIP A . 
K 4 HOH 67 138 138 HOH TIP A . 
L 4 HOH 1  27  27  HOH TIP B . 
L 4 HOH 2  28  28  HOH TIP B . 
L 4 HOH 3  29  29  HOH TIP B . 
L 4 HOH 4  31  31  HOH TIP B . 
L 4 HOH 5  32  32  HOH TIP B . 
L 4 HOH 6  33  33  HOH TIP B . 
L 4 HOH 7  36  36  HOH TIP B . 
L 4 HOH 8  41  41  HOH TIP B . 
L 4 HOH 9  43  43  HOH TIP B . 
L 4 HOH 10 44  44  HOH TIP B . 
L 4 HOH 11 47  47  HOH TIP B . 
L 4 HOH 12 49  49  HOH TIP B . 
L 4 HOH 13 53  53  HOH TIP B . 
L 4 HOH 14 54  54  HOH TIP B . 
L 4 HOH 15 56  56  HOH TIP B . 
L 4 HOH 16 57  57  HOH TIP B . 
L 4 HOH 17 58  58  HOH TIP B . 
L 4 HOH 18 59  59  HOH TIP B . 
L 4 HOH 19 60  60  HOH TIP B . 
L 4 HOH 20 62  62  HOH TIP B . 
L 4 HOH 21 63  63  HOH TIP B . 
L 4 HOH 22 66  66  HOH TIP B . 
L 4 HOH 23 67  67  HOH TIP B . 
L 4 HOH 24 69  69  HOH TIP B . 
L 4 HOH 25 70  70  HOH TIP B . 
L 4 HOH 26 73  73  HOH TIP B . 
L 4 HOH 27 98  98  HOH TIP B . 
L 4 HOH 28 106 106 HOH TIP B . 
L 4 HOH 29 108 108 HOH TIP B . 
L 4 HOH 30 111 111 HOH TIP B . 
L 4 HOH 31 120 120 HOH TIP B . 
L 4 HOH 32 121 121 HOH TIP B . 
L 4 HOH 33 122 122 HOH TIP B . 
L 4 HOH 34 124 124 HOH TIP B . 
L 4 HOH 35 125 125 HOH TIP B . 
L 4 HOH 36 127 127 HOH TIP B . 
L 4 HOH 37 130 130 HOH TIP B . 
L 4 HOH 38 135 135 HOH TIP B . 
L 4 HOH 39 137 137 HOH TIP B . 
L 4 HOH 40 139 139 HOH TIP B . 
# 
loop_
_software.name 
_software.classification 
_software.version 
_software.citation_id 
_software.pdbx_ordinal 
ULTIMA 'model building' . ? 1 
NUCLSQ refinement       . ? 2 
X-GEN  'data reduction' . ? 3 
X-GEN  'data scaling'   . ? 4 
ULTIMA phasing          . ? 5 
# 
_cell.entry_id           1QP5 
_cell.length_a           65.900 
_cell.length_b           65.900 
_cell.length_c           47.100 
_cell.angle_alpha        90.00 
_cell.angle_beta         90.00 
_cell.angle_gamma        120.00 
_cell.Z_PDB              9 
_cell.pdbx_unique_axis   ? 
# 
_symmetry.entry_id                         1QP5 
_symmetry.space_group_name_H-M             'H 3' 
_symmetry.pdbx_full_space_group_name_H-M   ? 
_symmetry.cell_setting                     trigonal 
_symmetry.Int_Tables_number                146 
# 
_exptl.entry_id          1QP5 
_exptl.method            'X-RAY DIFFRACTION' 
_exptl.crystals_number   1 
# 
_exptl_crystal.id                    1 
_exptl_crystal.density_meas          ? 
_exptl_crystal.density_percent_sol   52.11 
_exptl_crystal.density_Matthews      2.57 
_exptl_crystal.description           ? 
# 
_exptl_crystal_grow.crystal_id      1 
_exptl_crystal_grow.method          'VAPOR DIFFUSION' 
_exptl_crystal_grow.temp            277 
_exptl_crystal_grow.temp_details    ? 
_exptl_crystal_grow.pH              6 
_exptl_crystal_grow.pdbx_details    'WATER, SPERMINE, CACODYLATE, MAGNESIUM ACETATE, pH 6.0, VAPOR DIFFUSION at 277 K' 
_exptl_crystal_grow.pdbx_pH_range   ? 
# 
loop_
_exptl_crystal_grow_comp.crystal_id 
_exptl_crystal_grow_comp.id 
_exptl_crystal_grow_comp.sol_id 
_exptl_crystal_grow_comp.name 
_exptl_crystal_grow_comp.volume 
_exptl_crystal_grow_comp.conc 
_exptl_crystal_grow_comp.details 
1 1 1 SPERMINE            ? ? ? 
1 2 2 CACODYLATE          ? ? ? 
1 3 3 'MAGNESIUM ACETATE' ? ? ? 
# 
_diffrn.id                     1 
_diffrn.ambient_temp           258 
_diffrn.ambient_temp_details   ? 
_diffrn.crystal_id             1 
# 
_diffrn_detector.diffrn_id              1 
_diffrn_detector.detector               'AREA DETECTOR' 
_diffrn_detector.type                   SIEMENS 
_diffrn_detector.pdbx_collection_date   ? 
_diffrn_detector.details                ? 
# 
_diffrn_radiation.diffrn_id                        1 
_diffrn_radiation.wavelength_id                    1 
_diffrn_radiation.pdbx_monochromatic_or_laue_m_l   M 
_diffrn_radiation.monochromator                    ? 
_diffrn_radiation.pdbx_diffrn_protocol             'SINGLE WAVELENGTH' 
_diffrn_radiation.pdbx_scattering_type             x-ray 
# 
_diffrn_radiation_wavelength.id           1 
_diffrn_radiation_wavelength.wavelength   1.5418 
_diffrn_radiation_wavelength.wt           1.0 
# 
_diffrn_source.diffrn_id                   1 
_diffrn_source.source                      'ROTATING ANODE' 
_diffrn_source.type                        RIGAKU 
_diffrn_source.pdbx_synchrotron_site       ? 
_diffrn_source.pdbx_synchrotron_beamline   ? 
_diffrn_source.pdbx_wavelength             1.5418 
_diffrn_source.pdbx_wavelength_list        ? 
# 
_reflns.entry_id                     1QP5 
_reflns.observed_criterion_sigma_I   1.0 
_reflns.observed_criterion_sigma_F   2.0 
_reflns.d_resolution_low             15.0 
_reflns.d_resolution_high            2.6 
_reflns.number_obs                   1603 
_reflns.number_all                   3519 
_reflns.percent_possible_obs         ? 
_reflns.pdbx_Rmerge_I_obs            0.0620000 
_reflns.pdbx_Rsym_value              ? 
_reflns.pdbx_netI_over_sigmaI        ? 
_reflns.B_iso_Wilson_estimate        ? 
_reflns.pdbx_redundancy              ? 
_reflns.R_free_details               ? 
_reflns.pdbx_diffrn_id               1 
_reflns.pdbx_ordinal                 1 
# 
_refine.entry_id                                 1QP5 
_refine.ls_number_reflns_obs                     1603 
_refine.ls_number_reflns_all                     3519 
_refine.pdbx_ls_sigma_I                          1.0 
_refine.pdbx_ls_sigma_F                          2.0 
_refine.pdbx_data_cutoff_high_absF               ? 
_refine.pdbx_data_cutoff_low_absF                ? 
_refine.pdbx_data_cutoff_high_rms_absF           ? 
_refine.ls_d_res_low                             15.0 
_refine.ls_d_res_high                            2.6 
_refine.ls_percent_reflns_obs                    ? 
_refine.ls_R_factor_obs                          0.1610000 
_refine.ls_R_factor_all                          0.1610000 
_refine.ls_R_factor_R_work                       ? 
_refine.ls_R_factor_R_free                       ? 
_refine.ls_R_factor_R_free_error                 ? 
_refine.ls_R_factor_R_free_error_details         ? 
_refine.ls_percent_reflns_R_free                 ? 
_refine.ls_number_reflns_R_free                  ? 
_refine.ls_number_parameters                     ? 
_refine.ls_number_restraints                     ? 
_refine.occupancy_min                            ? 
_refine.occupancy_max                            ? 
_refine.B_iso_mean                               ? 
_refine.aniso_B[1][1]                            ? 
_refine.aniso_B[2][2]                            ? 
_refine.aniso_B[3][3]                            ? 
_refine.aniso_B[1][2]                            ? 
_refine.aniso_B[1][3]                            ? 
_refine.aniso_B[2][3]                            ? 
_refine.solvent_model_details                    ? 
_refine.solvent_model_param_ksol                 ? 
_refine.solvent_model_param_bsol                 ? 
_refine.pdbx_ls_cross_valid_method               ? 
_refine.details                                  ? 
_refine.pdbx_starting_model                      ? 
_refine.pdbx_method_to_determine_struct          ? 
_refine.pdbx_isotropic_thermal_model             ? 
_refine.pdbx_stereochemistry_target_values       ? 
_refine.pdbx_stereochem_target_val_spec_case     ? 
_refine.pdbx_R_Free_selection_details            ? 
_refine.pdbx_overall_ESU_R                       ? 
_refine.pdbx_overall_ESU_R_Free                  ? 
_refine.overall_SU_ML                            ? 
_refine.overall_SU_B                             ? 
_refine.ls_redundancy_reflns_obs                 ? 
_refine.pdbx_refine_id                           'X-RAY DIFFRACTION' 
_refine.pdbx_diffrn_id                           1 
_refine.pdbx_TLS_residual_ADP_flag               ? 
_refine.correlation_coeff_Fo_to_Fc               ? 
_refine.correlation_coeff_Fo_to_Fc_free          ? 
_refine.pdbx_solvent_vdw_probe_radii             ? 
_refine.pdbx_solvent_ion_probe_radii             ? 
_refine.pdbx_solvent_shrinkage_radii             ? 
_refine.pdbx_overall_phase_error                 ? 
_refine.overall_SU_R_Cruickshank_DPI             ? 
_refine.pdbx_overall_SU_R_free_Cruickshank_DPI   ? 
_refine.pdbx_overall_SU_R_Blow_DPI               ? 
_refine.pdbx_overall_SU_R_free_Blow_DPI          ? 
# 
_refine_hist.pdbx_refine_id                   'X-RAY DIFFRACTION' 
_refine_hist.cycle_id                         LAST 
_refine_hist.pdbx_number_atoms_protein        0 
_refine_hist.pdbx_number_atoms_nucleic_acid   486 
_refine_hist.pdbx_number_atoms_ligand         8 
_refine_hist.number_atoms_solvent             107 
_refine_hist.number_atoms_total               601 
_refine_hist.d_res_high                       2.6 
_refine_hist.d_res_low                        15.0 
# 
_struct.entry_id                  1QP5 
_struct.title                     'BASE-PAIRING SHIFT IN A DODECAMER CONTAINING A (CA)N TRACT' 
_struct.pdbx_model_details        ? 
_struct.pdbx_CASP_flag            ? 
_struct.pdbx_model_type_details   ? 
# 
_struct_keywords.entry_id        1QP5 
_struct_keywords.pdbx_keywords   DNA 
_struct_keywords.text            
'DNA-DNA INTERACTION, DNA SELF-FITTING, BASE PAIR SHIFT, FRAMESHIFT MUTATION, MICROSATELLITE INSTABILITY, DNA' 
# 
loop_
_struct_asym.id 
_struct_asym.pdbx_blank_PDB_chainid_flag 
_struct_asym.pdbx_modified 
_struct_asym.entity_id 
_struct_asym.details 
A N N 1 ? 
B N N 2 ? 
C N N 3 ? 
D N N 3 ? 
E N N 3 ? 
F N N 3 ? 
G N N 3 ? 
H N N 3 ? 
I N N 3 ? 
J N N 3 ? 
K N N 4 ? 
L N N 4 ? 
# 
loop_
_struct_ref.id 
_struct_ref.entity_id 
_struct_ref.db_name 
_struct_ref.db_code 
_struct_ref.pdbx_db_accession 
_struct_ref.pdbx_db_isoform 
_struct_ref.pdbx_seq_one_letter_code 
_struct_ref.pdbx_align_begin 
1 1 PDB 1QP5 1QP5 ? ? ? 
2 2 PDB 1QP5 1QP5 ? ? ? 
# 
loop_
_struct_ref_seq.align_id 
_struct_ref_seq.ref_id 
_struct_ref_seq.pdbx_PDB_id_code 
_struct_ref_seq.pdbx_strand_id 
_struct_ref_seq.seq_align_beg 
_struct_ref_seq.pdbx_seq_align_beg_ins_code 
_struct_ref_seq.seq_align_end 
_struct_ref_seq.pdbx_seq_align_end_ins_code 
_struct_ref_seq.pdbx_db_accession 
_struct_ref_seq.db_align_beg 
_struct_ref_seq.pdbx_db_align_beg_ins_code 
_struct_ref_seq.db_align_end 
_struct_ref_seq.pdbx_db_align_end_ins_code 
_struct_ref_seq.pdbx_auth_seq_align_beg 
_struct_ref_seq.pdbx_auth_seq_align_end 
1 1 1QP5 A 1 ? 12 ? 1QP5 1  ? 12 ? 1  12 
2 2 1QP5 B 1 ? 12 ? 1QP5 13 ? 24 ? 13 24 
# 
_pdbx_struct_assembly.id                   1 
_pdbx_struct_assembly.details              author_defined_assembly 
_pdbx_struct_assembly.method_details       ? 
_pdbx_struct_assembly.oligomeric_details   dimeric 
_pdbx_struct_assembly.oligomeric_count     2 
# 
_pdbx_struct_assembly_gen.assembly_id       1 
_pdbx_struct_assembly_gen.oper_expression   1 
_pdbx_struct_assembly_gen.asym_id_list      A,B,C,D,E,F,G,H,I,J,K,L 
# 
_pdbx_struct_oper_list.id                   1 
_pdbx_struct_oper_list.type                 'identity operation' 
_pdbx_struct_oper_list.name                 1_555 
_pdbx_struct_oper_list.symmetry_operation   x,y,z 
_pdbx_struct_oper_list.matrix[1][1]         1.0000000000 
_pdbx_struct_oper_list.matrix[1][2]         0.0000000000 
_pdbx_struct_oper_list.matrix[1][3]         0.0000000000 
_pdbx_struct_oper_list.vector[1]            0.0000000000 
_pdbx_struct_oper_list.matrix[2][1]         0.0000000000 
_pdbx_struct_oper_list.matrix[2][2]         1.0000000000 
_pdbx_struct_oper_list.matrix[2][3]         0.0000000000 
_pdbx_struct_oper_list.vector[2]            0.0000000000 
_pdbx_struct_oper_list.matrix[3][1]         0.0000000000 
_pdbx_struct_oper_list.matrix[3][2]         0.0000000000 
_pdbx_struct_oper_list.matrix[3][3]         1.0000000000 
_pdbx_struct_oper_list.vector[3]            0.0000000000 
# 
_struct_biol.id                    1 
_struct_biol.pdbx_parent_biol_id   ? 
_struct_biol.details               ? 
# 
loop_
_struct_conn.id 
_struct_conn.conn_type_id 
_struct_conn.pdbx_leaving_atom_flag 
_struct_conn.pdbx_PDB_id 
_struct_conn.ptnr1_label_asym_id 
_struct_conn.ptnr1_label_comp_id 
_struct_conn.ptnr1_label_seq_id 
_struct_conn.ptnr1_label_atom_id 
_struct_conn.pdbx_ptnr1_label_alt_id 
_struct_conn.pdbx_ptnr1_PDB_ins_code 
_struct_conn.pdbx_ptnr1_standard_comp_id 
_struct_conn.ptnr1_symmetry 
_struct_conn.ptnr2_label_asym_id 
_struct_conn.ptnr2_label_comp_id 
_struct_conn.ptnr2_label_seq_id 
_struct_conn.ptnr2_label_atom_id 
_struct_conn.pdbx_ptnr2_label_alt_id 
_struct_conn.pdbx_ptnr2_PDB_ins_code 
_struct_conn.ptnr1_auth_asym_id 
_struct_conn.ptnr1_auth_comp_id 
_struct_conn.ptnr1_auth_seq_id 
_struct_conn.ptnr2_auth_asym_id 
_struct_conn.ptnr2_auth_comp_id 
_struct_conn.ptnr2_auth_seq_id 
_struct_conn.ptnr2_symmetry 
_struct_conn.pdbx_ptnr3_label_atom_id 
_struct_conn.pdbx_ptnr3_label_seq_id 
_struct_conn.pdbx_ptnr3_label_comp_id 
_struct_conn.pdbx_ptnr3_label_asym_id 
_struct_conn.pdbx_ptnr3_label_alt_id 
_struct_conn.pdbx_ptnr3_PDB_ins_code 
_struct_conn.details 
_struct_conn.pdbx_dist_value 
_struct_conn.pdbx_value_order 
_struct_conn.pdbx_role 
metalc1  metalc ? ? K HOH .  O  ? ? ? 1_555 I MG  .  MG ? ? A HOH 64  B MG  61  1_555 ? ? ? ? ? ? ?               2.005 ? ? 
metalc2  metalc ? ? K HOH .  O  ? ? ? 1_555 I MG  .  MG ? ? A HOH 65  B MG  61  1_555 ? ? ? ? ? ? ?               1.995 ? ? 
metalc3  metalc ? ? C MG  .  MG ? ? ? 1_555 K HOH .  O  ? ? A MG  68  A HOH 71  1_555 ? ? ? ? ? ? ?               1.982 ? ? 
metalc4  metalc ? ? C MG  .  MG ? ? ? 1_555 K HOH .  O  ? ? A MG  68  A HOH 72  1_555 ? ? ? ? ? ? ?               1.992 ? ? 
metalc5  metalc ? ? C MG  .  MG ? ? ? 1_555 K HOH .  O  ? ? A MG  68  A HOH 74  1_555 ? ? ? ? ? ? ?               1.984 ? ? 
metalc6  metalc ? ? C MG  .  MG ? ? ? 1_555 L HOH .  O  ? ? A MG  68  B HOH 69  1_555 ? ? ? ? ? ? ?               2.002 ? ? 
metalc7  metalc ? ? C MG  .  MG ? ? ? 1_555 L HOH .  O  ? ? A MG  68  B HOH 70  1_555 ? ? ? ? ? ? ?               1.988 ? ? 
metalc8  metalc ? ? C MG  .  MG ? ? ? 1_555 L HOH .  O  ? ? A MG  68  B HOH 73  1_555 ? ? ? ? ? ? ?               1.994 ? ? 
metalc9  metalc ? ? D MG  .  MG ? ? ? 1_555 K HOH .  O  ? ? A MG  75  A HOH 76  1_555 ? ? ? ? ? ? ?               2.048 ? ? 
metalc10 metalc ? ? D MG  .  MG ? ? ? 1_555 K HOH .  O  ? ? A MG  75  A HOH 76  2_555 ? ? ? ? ? ? ?               2.048 ? ? 
metalc11 metalc ? ? D MG  .  MG ? ? ? 1_555 K HOH .  O  ? ? A MG  75  A HOH 76  3_555 ? ? ? ? ? ? ?               2.048 ? ? 
metalc12 metalc ? ? D MG  .  MG ? ? ? 1_555 K HOH .  O  ? ? A MG  75  A HOH 77  1_555 ? ? ? ? ? ? ?               2.044 ? ? 
metalc13 metalc ? ? D MG  .  MG ? ? ? 1_555 K HOH .  O  ? ? A MG  75  A HOH 77  3_555 ? ? ? ? ? ? ?               2.044 ? ? 
metalc14 metalc ? ? D MG  .  MG ? ? ? 1_555 K HOH .  O  ? ? A MG  75  A HOH 77  2_555 ? ? ? ? ? ? ?               2.044 ? ? 
metalc15 metalc ? ? E MG  .  MG ? ? ? 1_555 K HOH .  O  ? ? A MG  80  A HOH 81  1_555 ? ? ? ? ? ? ?               1.984 ? ? 
metalc16 metalc ? ? E MG  .  MG ? ? ? 1_555 K HOH .  O  ? ? A MG  80  A HOH 82  1_555 ? ? ? ? ? ? ?               1.983 ? ? 
metalc17 metalc ? ? E MG  .  MG ? ? ? 1_555 K HOH .  O  ? ? A MG  80  A HOH 83  1_555 ? ? ? ? ? ? ?               1.992 ? ? 
metalc18 metalc ? ? E MG  .  MG ? ? ? 1_555 K HOH .  O  ? ? A MG  80  A HOH 84  1_555 ? ? ? ? ? ? ?               1.993 ? ? 
metalc19 metalc ? ? E MG  .  MG ? ? ? 1_555 K HOH .  O  ? ? A MG  80  A HOH 85  1_555 ? ? ? ? ? ? ?               1.989 ? ? 
metalc20 metalc ? ? E MG  .  MG ? ? ? 1_555 K HOH .  O  ? ? A MG  80  A HOH 86  1_555 ? ? ? ? ? ? ?               2.003 ? ? 
metalc21 metalc ? ? F MG  .  MG ? ? ? 1_555 K HOH .  O  ? ? A MG  87  A HOH 88  1_555 ? ? ? ? ? ? ?               1.987 ? ? 
metalc22 metalc ? ? F MG  .  MG ? ? ? 1_555 K HOH .  O  ? ? A MG  87  A HOH 89  1_555 ? ? ? ? ? ? ?               1.994 ? ? 
metalc23 metalc ? ? F MG  .  MG ? ? ? 1_555 K HOH .  O  ? ? A MG  87  A HOH 90  1_555 ? ? ? ? ? ? ?               1.996 ? ? 
metalc24 metalc ? ? F MG  .  MG ? ? ? 1_555 K HOH .  O  ? ? A MG  87  A HOH 91  1_555 ? ? ? ? ? ? ?               1.988 ? ? 
metalc25 metalc ? ? F MG  .  MG ? ? ? 1_555 K HOH .  O  ? ? A MG  87  A HOH 92  1_555 ? ? ? ? ? ? ?               1.983 ? ? 
metalc26 metalc ? ? F MG  .  MG ? ? ? 1_555 K HOH .  O  ? ? A MG  87  A HOH 93  1_555 ? ? ? ? ? ? ?               1.984 ? ? 
metalc27 metalc ? ? G MG  .  MG ? ? ? 1_555 K HOH .  O  ? ? A MG  99  A HOH 100 1_555 ? ? ? ? ? ? ?               1.988 ? ? 
metalc28 metalc ? ? G MG  .  MG ? ? ? 1_555 K HOH .  O  ? ? A MG  99  A HOH 101 1_555 ? ? ? ? ? ? ?               1.994 ? ? 
metalc29 metalc ? ? G MG  .  MG ? ? ? 1_555 K HOH .  O  ? ? A MG  99  A HOH 102 1_555 ? ? ? ? ? ? ?               1.985 ? ? 
metalc30 metalc ? ? G MG  .  MG ? ? ? 1_555 K HOH .  O  ? ? A MG  99  A HOH 103 1_555 ? ? ? ? ? ? ?               1.983 ? ? 
metalc31 metalc ? ? G MG  .  MG ? ? ? 1_555 K HOH .  O  ? ? A MG  99  A HOH 104 1_555 ? ? ? ? ? ? ?               2.001 ? ? 
metalc32 metalc ? ? G MG  .  MG ? ? ? 1_555 K HOH .  O  ? ? A MG  99  A HOH 105 1_555 ? ? ? ? ? ? ?               1.989 ? ? 
metalc33 metalc ? ? H MG  .  MG ? ? ? 1_555 K HOH .  O  ? ? A MG  112 A HOH 113 1_555 ? ? ? ? ? ? ?               1.995 ? ? 
metalc34 metalc ? ? H MG  .  MG ? ? ? 1_555 K HOH .  O  ? ? A MG  112 A HOH 114 1_555 ? ? ? ? ? ? ?               1.991 ? ? 
metalc35 metalc ? ? H MG  .  MG ? ? ? 1_555 K HOH .  O  ? ? A MG  112 A HOH 115 1_555 ? ? ? ? ? ? ?               1.992 ? ? 
metalc36 metalc ? ? H MG  .  MG ? ? ? 1_555 K HOH .  O  ? ? A MG  112 A HOH 116 1_555 ? ? ? ? ? ? ?               1.982 ? ? 
metalc37 metalc ? ? H MG  .  MG ? ? ? 1_555 K HOH .  O  ? ? A MG  112 A HOH 117 1_555 ? ? ? ? ? ? ?               1.982 ? ? 
metalc38 metalc ? ? H MG  .  MG ? ? ? 1_555 K HOH .  O  ? ? A MG  112 A HOH 118 1_555 ? ? ? ? ? ? ?               1.983 ? ? 
metalc39 metalc ? ? K HOH .  O  ? ? ? 1_555 J MG  .  MG ? ? A HOH 123 B MG  119 1_555 ? ? ? ? ? ? ?               1.988 ? ? 
metalc40 metalc ? ? B DG  7  O6 ? ? ? 1_555 I MG  .  MG ? ? B DG  19  B MG  61  1_555 ? ? ? ? ? ? ?               3.149 ? ? 
metalc41 metalc ? ? I MG  .  MG ? ? ? 1_555 L HOH .  O  ? ? B MG  61  B HOH 62  1_555 ? ? ? ? ? ? ?               1.984 ? ? 
metalc42 metalc ? ? I MG  .  MG ? ? ? 1_555 L HOH .  O  ? ? B MG  61  B HOH 63  1_555 ? ? ? ? ? ? ?               1.982 ? ? 
metalc43 metalc ? ? I MG  .  MG ? ? ? 1_555 L HOH .  O  ? ? B MG  61  B HOH 66  1_555 ? ? ? ? ? ? ?               1.970 ? ? 
metalc44 metalc ? ? I MG  .  MG ? ? ? 1_555 L HOH .  O  ? ? B MG  61  B HOH 67  1_555 ? ? ? ? ? ? ?               1.992 ? ? 
metalc45 metalc ? ? J MG  .  MG ? ? ? 1_555 L HOH .  O  ? ? B MG  119 B HOH 120 1_555 ? ? ? ? ? ? ?               1.990 ? ? 
metalc46 metalc ? ? J MG  .  MG ? ? ? 1_555 L HOH .  O  ? ? B MG  119 B HOH 121 1_555 ? ? ? ? ? ? ?               1.984 ? ? 
metalc47 metalc ? ? J MG  .  MG ? ? ? 1_555 L HOH .  O  ? ? B MG  119 B HOH 122 1_555 ? ? ? ? ? ? ?               1.994 ? ? 
metalc48 metalc ? ? J MG  .  MG ? ? ? 1_555 L HOH .  O  ? ? B MG  119 B HOH 124 1_555 ? ? ? ? ? ? ?               1.989 ? ? 
metalc49 metalc ? ? J MG  .  MG ? ? ? 1_555 L HOH .  O  ? ? B MG  119 B HOH 125 1_555 ? ? ? ? ? ? ?               1.989 ? ? 
hydrog1  hydrog ? ? A DA  1  N1 ? ? ? 1_555 B DG  11 N1 ? ? A DA  1   B DG  23  1_555 ? ? ? ? ? ? TYPE_8_PAIR     ?     ? ? 
hydrog2  hydrog ? ? A DA  1  N6 ? ? ? 1_555 B DG  11 O6 ? ? A DA  1   B DG  23  1_555 ? ? ? ? ? ? TYPE_8_PAIR     ?     ? ? 
hydrog3  hydrog ? ? A DC  2  N4 ? ? ? 1_555 B DG  10 O6 ? ? A DC  2   B DG  22  1_555 ? ? ? ? ? ? 'DC-DG PAIR'    ?     ? ? 
hydrog4  hydrog ? ? A DC  2  O2 ? ? ? 1_555 B DG  11 N2 ? ? A DC  2   B DG  23  1_555 ? ? ? ? ? ? 'DC-DG PAIR'    ?     ? ? 
hydrog5  hydrog ? ? A DG  4  N1 ? ? ? 1_555 B DC  8  N3 ? ? A DG  4   B DC  20  1_555 ? ? ? ? ? ? 'DG-DC PAIR'    ?     ? ? 
hydrog6  hydrog ? ? A DG  4  N2 ? ? ? 1_555 B DC  9  O2 ? ? A DG  4   B DC  21  1_555 ? ? ? ? ? ? 'DG-DC PAIR'    ?     ? ? 
hydrog7  hydrog ? ? A DG  5  N1 ? ? ? 1_555 B DC  8  O2 ? ? A DG  5   B DC  20  1_555 ? ? ? ? ? ? 'DG-DC PAIR'    ?     ? ? 
hydrog8  hydrog ? ? A DC  6  O2 ? ? ? 1_555 B DG  7  N2 ? ? A DC  6   B DG  19  1_555 ? ? ? ? ? ? 'DC-DG PAIR'    ?     ? ? 
hydrog9  hydrog ? ? A DG  7  N1 ? ? ? 1_555 B DG  5  O6 ? ? A DG  7   B DG  17  1_555 ? ? ? ? ? ? 'DG-DG MISPAIR' ?     ? ? 
hydrog10 hydrog ? ? A DG  7  N2 ? ? ? 1_555 B DC  6  O2 ? ? A DG  7   B DC  18  1_555 ? ? ? ? ? ? 'DG-DC PAIR'    ?     ? ? 
hydrog11 hydrog ? ? A DC  8  N4 ? ? ? 1_555 B DG  4  O6 ? ? A DC  8   B DG  16  1_555 ? ? ? ? ? ? 'DC-DG PAIR'    ?     ? ? 
hydrog12 hydrog ? ? A DC  8  O2 ? ? ? 1_555 B DG  5  N2 ? ? A DC  8   B DG  17  1_555 ? ? ? ? ? ? 'DC-DG PAIR'    ?     ? ? 
hydrog13 hydrog ? ? A DC  9  N3 ? ? ? 1_555 B DT  3  N3 ? ? A DC  9   B DT  15  1_555 ? ? ? ? ? ? TYPE_18_PAIR    ?     ? ? 
hydrog14 hydrog ? ? A DC  9  N4 ? ? ? 1_555 B DT  3  O4 ? ? A DC  9   B DT  15  1_555 ? ? ? ? ? ? TYPE_18_PAIR    ?     ? ? 
hydrog15 hydrog ? ? A DC  9  O2 ? ? ? 1_555 B DG  4  N1 ? ? A DC  9   B DG  16  1_555 ? ? ? ? ? ? 'DC-DG PAIR'    ?     ? ? 
hydrog16 hydrog ? ? A DA  10 N1 ? ? ? 1_555 B DG  2  N1 ? ? A DA  10  B DG  14  1_555 ? ? ? ? ? ? TYPE_8_PAIR     ?     ? ? 
hydrog17 hydrog ? ? A DA  10 N6 ? ? ? 1_555 B DG  2  O6 ? ? A DA  10  B DG  14  1_555 ? ? ? ? ? ? TYPE_8_PAIR     ?     ? ? 
hydrog18 hydrog ? ? A DC  11 N4 ? ? ? 1_555 B DT  1  O4 ? ? A DC  11  B DT  13  1_555 ? ? ? ? ? ? 'DC-DT MISPAIR' ?     ? ? 
hydrog19 hydrog ? ? A DC  11 O2 ? ? ? 1_555 B DG  2  N2 ? ? A DC  11  B DG  14  1_555 ? ? ? ? ? ? 'DC-DG PAIR'    ?     ? ? 
# 
loop_
_struct_conn_type.id 
_struct_conn_type.criteria 
_struct_conn_type.reference 
metalc ? ? 
hydrog ? ? 
# 
loop_
_pdbx_struct_conn_angle.id 
_pdbx_struct_conn_angle.ptnr1_label_atom_id 
_pdbx_struct_conn_angle.ptnr1_label_alt_id 
_pdbx_struct_conn_angle.ptnr1_label_asym_id 
_pdbx_struct_conn_angle.ptnr1_label_comp_id 
_pdbx_struct_conn_angle.ptnr1_label_seq_id 
_pdbx_struct_conn_angle.ptnr1_auth_atom_id 
_pdbx_struct_conn_angle.ptnr1_auth_asym_id 
_pdbx_struct_conn_angle.ptnr1_auth_comp_id 
_pdbx_struct_conn_angle.ptnr1_auth_seq_id 
_pdbx_struct_conn_angle.ptnr1_PDB_ins_code 
_pdbx_struct_conn_angle.ptnr1_symmetry 
_pdbx_struct_conn_angle.ptnr2_label_atom_id 
_pdbx_struct_conn_angle.ptnr2_label_alt_id 
_pdbx_struct_conn_angle.ptnr2_label_asym_id 
_pdbx_struct_conn_angle.ptnr2_label_comp_id 
_pdbx_struct_conn_angle.ptnr2_label_seq_id 
_pdbx_struct_conn_angle.ptnr2_auth_atom_id 
_pdbx_struct_conn_angle.ptnr2_auth_asym_id 
_pdbx_struct_conn_angle.ptnr2_auth_comp_id 
_pdbx_struct_conn_angle.ptnr2_auth_seq_id 
_pdbx_struct_conn_angle.ptnr2_PDB_ins_code 
_pdbx_struct_conn_angle.ptnr2_symmetry 
_pdbx_struct_conn_angle.ptnr3_label_atom_id 
_pdbx_struct_conn_angle.ptnr3_label_alt_id 
_pdbx_struct_conn_angle.ptnr3_label_asym_id 
_pdbx_struct_conn_angle.ptnr3_label_comp_id 
_pdbx_struct_conn_angle.ptnr3_label_seq_id 
_pdbx_struct_conn_angle.ptnr3_auth_atom_id 
_pdbx_struct_conn_angle.ptnr3_auth_asym_id 
_pdbx_struct_conn_angle.ptnr3_auth_comp_id 
_pdbx_struct_conn_angle.ptnr3_auth_seq_id 
_pdbx_struct_conn_angle.ptnr3_PDB_ins_code 
_pdbx_struct_conn_angle.ptnr3_symmetry 
_pdbx_struct_conn_angle.value 
_pdbx_struct_conn_angle.value_esd 
1   O  ? K HOH . ? A HOH 64  ? 1_555 MG ? I MG . ? B MG 61  ? 1_555 O  ? K HOH . ? A HOH 65  ? 1_555 89.2  ? 
2   O  ? K HOH . ? A HOH 64  ? 1_555 MG ? I MG . ? B MG 61  ? 1_555 O6 ? B DG  7 ? B DG  19  ? 1_555 130.3 ? 
3   O  ? K HOH . ? A HOH 65  ? 1_555 MG ? I MG . ? B MG 61  ? 1_555 O6 ? B DG  7 ? B DG  19  ? 1_555 129.6 ? 
4   O  ? K HOH . ? A HOH 64  ? 1_555 MG ? I MG . ? B MG 61  ? 1_555 O  ? L HOH . ? B HOH 62  ? 1_555 89.7  ? 
5   O  ? K HOH . ? A HOH 65  ? 1_555 MG ? I MG . ? B MG 61  ? 1_555 O  ? L HOH . ? B HOH 62  ? 1_555 90.2  ? 
6   O6 ? B DG  7 ? B DG  19  ? 1_555 MG ? I MG . ? B MG 61  ? 1_555 O  ? L HOH . ? B HOH 62  ? 1_555 64.4  ? 
7   O  ? K HOH . ? A HOH 64  ? 1_555 MG ? I MG . ? B MG 61  ? 1_555 O  ? L HOH . ? B HOH 63  ? 1_555 89.6  ? 
8   O  ? K HOH . ? A HOH 65  ? 1_555 MG ? I MG . ? B MG 61  ? 1_555 O  ? L HOH . ? B HOH 63  ? 1_555 178.7 ? 
9   O6 ? B DG  7 ? B DG  19  ? 1_555 MG ? I MG . ? B MG 61  ? 1_555 O  ? L HOH . ? B HOH 63  ? 1_555 51.7  ? 
10  O  ? L HOH . ? B HOH 62  ? 1_555 MG ? I MG . ? B MG 61  ? 1_555 O  ? L HOH . ? B HOH 63  ? 1_555 90.2  ? 
11  O  ? K HOH . ? A HOH 64  ? 1_555 MG ? I MG . ? B MG 61  ? 1_555 O  ? L HOH . ? B HOH 66  ? 1_555 179.2 ? 
12  O  ? K HOH . ? A HOH 65  ? 1_555 MG ? I MG . ? B MG 61  ? 1_555 O  ? L HOH . ? B HOH 66  ? 1_555 90.3  ? 
13  O6 ? B DG  7 ? B DG  19  ? 1_555 MG ? I MG . ? B MG 61  ? 1_555 O  ? L HOH . ? B HOH 66  ? 1_555 50.5  ? 
14  O  ? L HOH . ? B HOH 62  ? 1_555 MG ? I MG . ? B MG 61  ? 1_555 O  ? L HOH . ? B HOH 66  ? 1_555 91.0  ? 
15  O  ? L HOH . ? B HOH 63  ? 1_555 MG ? I MG . ? B MG 61  ? 1_555 O  ? L HOH . ? B HOH 66  ? 1_555 90.9  ? 
16  O  ? K HOH . ? A HOH 64  ? 1_555 MG ? I MG . ? B MG 61  ? 1_555 O  ? L HOH . ? B HOH 67  ? 1_555 89.4  ? 
17  O  ? K HOH . ? A HOH 65  ? 1_555 MG ? I MG . ? B MG 61  ? 1_555 O  ? L HOH . ? B HOH 67  ? 1_555 89.8  ? 
18  O6 ? B DG  7 ? B DG  19  ? 1_555 MG ? I MG . ? B MG 61  ? 1_555 O  ? L HOH . ? B HOH 67  ? 1_555 116.3 ? 
19  O  ? L HOH . ? B HOH 62  ? 1_555 MG ? I MG . ? B MG 61  ? 1_555 O  ? L HOH . ? B HOH 67  ? 1_555 179.0 ? 
20  O  ? L HOH . ? B HOH 63  ? 1_555 MG ? I MG . ? B MG 61  ? 1_555 O  ? L HOH . ? B HOH 67  ? 1_555 89.8  ? 
21  O  ? L HOH . ? B HOH 66  ? 1_555 MG ? I MG . ? B MG 61  ? 1_555 O  ? L HOH . ? B HOH 67  ? 1_555 90.0  ? 
22  O  ? K HOH . ? A HOH 71  ? 1_555 MG ? C MG . ? A MG 68  ? 1_555 O  ? K HOH . ? A HOH 72  ? 1_555 89.9  ? 
23  O  ? K HOH . ? A HOH 71  ? 1_555 MG ? C MG . ? A MG 68  ? 1_555 O  ? K HOH . ? A HOH 74  ? 1_555 90.8  ? 
24  O  ? K HOH . ? A HOH 72  ? 1_555 MG ? C MG . ? A MG 68  ? 1_555 O  ? K HOH . ? A HOH 74  ? 1_555 91.3  ? 
25  O  ? K HOH . ? A HOH 71  ? 1_555 MG ? C MG . ? A MG 68  ? 1_555 O  ? L HOH . ? B HOH 69  ? 1_555 89.7  ? 
26  O  ? K HOH . ? A HOH 72  ? 1_555 MG ? C MG . ? A MG 68  ? 1_555 O  ? L HOH . ? B HOH 69  ? 1_555 89.4  ? 
27  O  ? K HOH . ? A HOH 74  ? 1_555 MG ? C MG . ? A MG 68  ? 1_555 O  ? L HOH . ? B HOH 69  ? 1_555 179.2 ? 
28  O  ? K HOH . ? A HOH 71  ? 1_555 MG ? C MG . ? A MG 68  ? 1_555 O  ? L HOH . ? B HOH 70  ? 1_555 90.1  ? 
29  O  ? K HOH . ? A HOH 72  ? 1_555 MG ? C MG . ? A MG 68  ? 1_555 O  ? L HOH . ? B HOH 70  ? 1_555 178.5 ? 
30  O  ? K HOH . ? A HOH 74  ? 1_555 MG ? C MG . ? A MG 68  ? 1_555 O  ? L HOH . ? B HOH 70  ? 1_555 90.2  ? 
31  O  ? L HOH . ? B HOH 69  ? 1_555 MG ? C MG . ? A MG 68  ? 1_555 O  ? L HOH . ? B HOH 70  ? 1_555 89.2  ? 
32  O  ? K HOH . ? A HOH 71  ? 1_555 MG ? C MG . ? A MG 68  ? 1_555 O  ? L HOH . ? B HOH 73  ? 1_555 179.4 ? 
33  O  ? K HOH . ? A HOH 72  ? 1_555 MG ? C MG . ? A MG 68  ? 1_555 O  ? L HOH . ? B HOH 73  ? 1_555 89.9  ? 
34  O  ? K HOH . ? A HOH 74  ? 1_555 MG ? C MG . ? A MG 68  ? 1_555 O  ? L HOH . ? B HOH 73  ? 1_555 89.7  ? 
35  O  ? L HOH . ? B HOH 69  ? 1_555 MG ? C MG . ? A MG 68  ? 1_555 O  ? L HOH . ? B HOH 73  ? 1_555 89.7  ? 
36  O  ? L HOH . ? B HOH 70  ? 1_555 MG ? C MG . ? A MG 68  ? 1_555 O  ? L HOH . ? B HOH 73  ? 1_555 90.1  ? 
37  O  ? K HOH . ? A HOH 76  ? 1_555 MG ? D MG . ? A MG 75  ? 1_555 O  ? K HOH . ? A HOH 76  ? 2_555 83.8  ? 
38  O  ? K HOH . ? A HOH 76  ? 1_555 MG ? D MG . ? A MG 75  ? 1_555 O  ? K HOH . ? A HOH 76  ? 3_555 83.8  ? 
39  O  ? K HOH . ? A HOH 76  ? 2_555 MG ? D MG . ? A MG 75  ? 1_555 O  ? K HOH . ? A HOH 76  ? 3_555 83.8  ? 
40  O  ? K HOH . ? A HOH 76  ? 1_555 MG ? D MG . ? A MG 75  ? 1_555 O  ? K HOH . ? A HOH 77  ? 1_555 151.2 ? 
41  O  ? K HOH . ? A HOH 76  ? 2_555 MG ? D MG . ? A MG 75  ? 1_555 O  ? K HOH . ? A HOH 77  ? 1_555 79.0  ? 
42  O  ? K HOH . ? A HOH 76  ? 3_555 MG ? D MG . ? A MG 75  ? 1_555 O  ? K HOH . ? A HOH 77  ? 1_555 116.7 ? 
43  O  ? K HOH . ? A HOH 76  ? 1_555 MG ? D MG . ? A MG 75  ? 1_555 O  ? K HOH . ? A HOH 77  ? 3_555 79.0  ? 
44  O  ? K HOH . ? A HOH 76  ? 2_555 MG ? D MG . ? A MG 75  ? 1_555 O  ? K HOH . ? A HOH 77  ? 3_555 116.7 ? 
45  O  ? K HOH . ? A HOH 76  ? 3_555 MG ? D MG . ? A MG 75  ? 1_555 O  ? K HOH . ? A HOH 77  ? 3_555 151.2 ? 
46  O  ? K HOH . ? A HOH 77  ? 1_555 MG ? D MG . ? A MG 75  ? 1_555 O  ? K HOH . ? A HOH 77  ? 3_555 88.3  ? 
47  O  ? K HOH . ? A HOH 76  ? 1_555 MG ? D MG . ? A MG 75  ? 1_555 O  ? K HOH . ? A HOH 77  ? 2_555 116.7 ? 
48  O  ? K HOH . ? A HOH 76  ? 2_555 MG ? D MG . ? A MG 75  ? 1_555 O  ? K HOH . ? A HOH 77  ? 2_555 151.2 ? 
49  O  ? K HOH . ? A HOH 76  ? 3_555 MG ? D MG . ? A MG 75  ? 1_555 O  ? K HOH . ? A HOH 77  ? 2_555 79.0  ? 
50  O  ? K HOH . ? A HOH 77  ? 1_555 MG ? D MG . ? A MG 75  ? 1_555 O  ? K HOH . ? A HOH 77  ? 2_555 88.3  ? 
51  O  ? K HOH . ? A HOH 77  ? 3_555 MG ? D MG . ? A MG 75  ? 1_555 O  ? K HOH . ? A HOH 77  ? 2_555 88.3  ? 
52  O  ? K HOH . ? A HOH 81  ? 1_555 MG ? E MG . ? A MG 80  ? 1_555 O  ? K HOH . ? A HOH 82  ? 1_555 90.8  ? 
53  O  ? K HOH . ? A HOH 81  ? 1_555 MG ? E MG . ? A MG 80  ? 1_555 O  ? K HOH . ? A HOH 83  ? 1_555 90.4  ? 
54  O  ? K HOH . ? A HOH 82  ? 1_555 MG ? E MG . ? A MG 80  ? 1_555 O  ? K HOH . ? A HOH 83  ? 1_555 89.6  ? 
55  O  ? K HOH . ? A HOH 81  ? 1_555 MG ? E MG . ? A MG 80  ? 1_555 O  ? K HOH . ? A HOH 84  ? 1_555 89.7  ? 
56  O  ? K HOH . ? A HOH 82  ? 1_555 MG ? E MG . ? A MG 80  ? 1_555 O  ? K HOH . ? A HOH 84  ? 1_555 179.4 ? 
57  O  ? K HOH . ? A HOH 83  ? 1_555 MG ? E MG . ? A MG 80  ? 1_555 O  ? K HOH . ? A HOH 84  ? 1_555 90.1  ? 
58  O  ? K HOH . ? A HOH 81  ? 1_555 MG ? E MG . ? A MG 80  ? 1_555 O  ? K HOH . ? A HOH 85  ? 1_555 89.8  ? 
59  O  ? K HOH . ? A HOH 82  ? 1_555 MG ? E MG . ? A MG 80  ? 1_555 O  ? K HOH . ? A HOH 85  ? 1_555 90.2  ? 
60  O  ? K HOH . ? A HOH 83  ? 1_555 MG ? E MG . ? A MG 80  ? 1_555 O  ? K HOH . ? A HOH 85  ? 1_555 179.7 ? 
61  O  ? K HOH . ? A HOH 84  ? 1_555 MG ? E MG . ? A MG 80  ? 1_555 O  ? K HOH . ? A HOH 85  ? 1_555 90.1  ? 
62  O  ? K HOH . ? A HOH 81  ? 1_555 MG ? E MG . ? A MG 80  ? 1_555 O  ? K HOH . ? A HOH 86  ? 1_555 178.5 ? 
63  O  ? K HOH . ? A HOH 82  ? 1_555 MG ? E MG . ? A MG 80  ? 1_555 O  ? K HOH . ? A HOH 86  ? 1_555 90.5  ? 
64  O  ? K HOH . ? A HOH 83  ? 1_555 MG ? E MG . ? A MG 80  ? 1_555 O  ? K HOH . ? A HOH 86  ? 1_555 90.4  ? 
65  O  ? K HOH . ? A HOH 84  ? 1_555 MG ? E MG . ? A MG 80  ? 1_555 O  ? K HOH . ? A HOH 86  ? 1_555 89.0  ? 
66  O  ? K HOH . ? A HOH 85  ? 1_555 MG ? E MG . ? A MG 80  ? 1_555 O  ? K HOH . ? A HOH 86  ? 1_555 89.3  ? 
67  O  ? K HOH . ? A HOH 88  ? 1_555 MG ? F MG . ? A MG 87  ? 1_555 O  ? K HOH . ? A HOH 89  ? 1_555 89.7  ? 
68  O  ? K HOH . ? A HOH 88  ? 1_555 MG ? F MG . ? A MG 87  ? 1_555 O  ? K HOH . ? A HOH 90  ? 1_555 90.0  ? 
69  O  ? K HOH . ? A HOH 89  ? 1_555 MG ? F MG . ? A MG 87  ? 1_555 O  ? K HOH . ? A HOH 90  ? 1_555 90.1  ? 
70  O  ? K HOH . ? A HOH 88  ? 1_555 MG ? F MG . ? A MG 87  ? 1_555 O  ? K HOH . ? A HOH 91  ? 1_555 90.0  ? 
71  O  ? K HOH . ? A HOH 89  ? 1_555 MG ? F MG . ? A MG 87  ? 1_555 O  ? K HOH . ? A HOH 91  ? 1_555 179.4 ? 
72  O  ? K HOH . ? A HOH 90  ? 1_555 MG ? F MG . ? A MG 87  ? 1_555 O  ? K HOH . ? A HOH 91  ? 1_555 89.4  ? 
73  O  ? K HOH . ? A HOH 88  ? 1_555 MG ? F MG . ? A MG 87  ? 1_555 O  ? K HOH . ? A HOH 92  ? 1_555 90.4  ? 
74  O  ? K HOH . ? A HOH 89  ? 1_555 MG ? F MG . ? A MG 87  ? 1_555 O  ? K HOH . ? A HOH 92  ? 1_555 90.6  ? 
75  O  ? K HOH . ? A HOH 90  ? 1_555 MG ? F MG . ? A MG 87  ? 1_555 O  ? K HOH . ? A HOH 92  ? 1_555 179.2 ? 
76  O  ? K HOH . ? A HOH 91  ? 1_555 MG ? F MG . ? A MG 87  ? 1_555 O  ? K HOH . ? A HOH 92  ? 1_555 89.9  ? 
77  O  ? K HOH . ? A HOH 88  ? 1_555 MG ? F MG . ? A MG 87  ? 1_555 O  ? K HOH . ? A HOH 93  ? 1_555 179.2 ? 
78  O  ? K HOH . ? A HOH 89  ? 1_555 MG ? F MG . ? A MG 87  ? 1_555 O  ? K HOH . ? A HOH 93  ? 1_555 89.5  ? 
79  O  ? K HOH . ? A HOH 90  ? 1_555 MG ? F MG . ? A MG 87  ? 1_555 O  ? K HOH . ? A HOH 93  ? 1_555 89.9  ? 
80  O  ? K HOH . ? A HOH 91  ? 1_555 MG ? F MG . ? A MG 87  ? 1_555 O  ? K HOH . ? A HOH 93  ? 1_555 90.8  ? 
81  O  ? K HOH . ? A HOH 92  ? 1_555 MG ? F MG . ? A MG 87  ? 1_555 O  ? K HOH . ? A HOH 93  ? 1_555 89.7  ? 
82  O  ? K HOH . ? A HOH 100 ? 1_555 MG ? G MG . ? A MG 99  ? 1_555 O  ? K HOH . ? A HOH 101 ? 1_555 90.7  ? 
83  O  ? K HOH . ? A HOH 100 ? 1_555 MG ? G MG . ? A MG 99  ? 1_555 O  ? K HOH . ? A HOH 102 ? 1_555 90.1  ? 
84  O  ? K HOH . ? A HOH 101 ? 1_555 MG ? G MG . ? A MG 99  ? 1_555 O  ? K HOH . ? A HOH 102 ? 1_555 89.8  ? 
85  O  ? K HOH . ? A HOH 100 ? 1_555 MG ? G MG . ? A MG 99  ? 1_555 O  ? K HOH . ? A HOH 103 ? 1_555 90.0  ? 
86  O  ? K HOH . ? A HOH 101 ? 1_555 MG ? G MG . ? A MG 99  ? 1_555 O  ? K HOH . ? A HOH 103 ? 1_555 179.2 ? 
87  O  ? K HOH . ? A HOH 102 ? 1_555 MG ? G MG . ? A MG 99  ? 1_555 O  ? K HOH . ? A HOH 103 ? 1_555 89.9  ? 
88  O  ? K HOH . ? A HOH 100 ? 1_555 MG ? G MG . ? A MG 99  ? 1_555 O  ? K HOH . ? A HOH 104 ? 1_555 90.1  ? 
89  O  ? K HOH . ? A HOH 101 ? 1_555 MG ? G MG . ? A MG 99  ? 1_555 O  ? K HOH . ? A HOH 104 ? 1_555 89.4  ? 
90  O  ? K HOH . ? A HOH 102 ? 1_555 MG ? G MG . ? A MG 99  ? 1_555 O  ? K HOH . ? A HOH 104 ? 1_555 179.1 ? 
91  O  ? K HOH . ? A HOH 103 ? 1_555 MG ? G MG . ? A MG 99  ? 1_555 O  ? K HOH . ? A HOH 104 ? 1_555 90.9  ? 
92  O  ? K HOH . ? A HOH 100 ? 1_555 MG ? G MG . ? A MG 99  ? 1_555 O  ? K HOH . ? A HOH 105 ? 1_555 179.7 ? 
93  O  ? K HOH . ? A HOH 101 ? 1_555 MG ? G MG . ? A MG 99  ? 1_555 O  ? K HOH . ? A HOH 105 ? 1_555 89.3  ? 
94  O  ? K HOH . ? A HOH 102 ? 1_555 MG ? G MG . ? A MG 99  ? 1_555 O  ? K HOH . ? A HOH 105 ? 1_555 90.2  ? 
95  O  ? K HOH . ? A HOH 103 ? 1_555 MG ? G MG . ? A MG 99  ? 1_555 O  ? K HOH . ? A HOH 105 ? 1_555 89.9  ? 
96  O  ? K HOH . ? A HOH 104 ? 1_555 MG ? G MG . ? A MG 99  ? 1_555 O  ? K HOH . ? A HOH 105 ? 1_555 89.6  ? 
97  O  ? K HOH . ? A HOH 113 ? 1_555 MG ? H MG . ? A MG 112 ? 1_555 O  ? K HOH . ? A HOH 114 ? 1_555 89.7  ? 
98  O  ? K HOH . ? A HOH 113 ? 1_555 MG ? H MG . ? A MG 112 ? 1_555 O  ? K HOH . ? A HOH 115 ? 1_555 89.8  ? 
99  O  ? K HOH . ? A HOH 114 ? 1_555 MG ? H MG . ? A MG 112 ? 1_555 O  ? K HOH . ? A HOH 115 ? 1_555 89.7  ? 
100 O  ? K HOH . ? A HOH 113 ? 1_555 MG ? H MG . ? A MG 112 ? 1_555 O  ? K HOH . ? A HOH 116 ? 1_555 90.0  ? 
101 O  ? K HOH . ? A HOH 114 ? 1_555 MG ? H MG . ? A MG 112 ? 1_555 O  ? K HOH . ? A HOH 116 ? 1_555 179.6 ? 
102 O  ? K HOH . ? A HOH 115 ? 1_555 MG ? H MG . ? A MG 112 ? 1_555 O  ? K HOH . ? A HOH 116 ? 1_555 89.9  ? 
103 O  ? K HOH . ? A HOH 113 ? 1_555 MG ? H MG . ? A MG 112 ? 1_555 O  ? K HOH . ? A HOH 117 ? 1_555 89.8  ? 
104 O  ? K HOH . ? A HOH 114 ? 1_555 MG ? H MG . ? A MG 112 ? 1_555 O  ? K HOH . ? A HOH 117 ? 1_555 89.8  ? 
105 O  ? K HOH . ? A HOH 115 ? 1_555 MG ? H MG . ? A MG 112 ? 1_555 O  ? K HOH . ? A HOH 117 ? 1_555 179.4 ? 
106 O  ? K HOH . ? A HOH 116 ? 1_555 MG ? H MG . ? A MG 112 ? 1_555 O  ? K HOH . ? A HOH 117 ? 1_555 90.5  ? 
107 O  ? K HOH . ? A HOH 113 ? 1_555 MG ? H MG . ? A MG 112 ? 1_555 O  ? K HOH . ? A HOH 118 ? 1_555 179.7 ? 
108 O  ? K HOH . ? A HOH 114 ? 1_555 MG ? H MG . ? A MG 112 ? 1_555 O  ? K HOH . ? A HOH 118 ? 1_555 90.0  ? 
109 O  ? K HOH . ? A HOH 115 ? 1_555 MG ? H MG . ? A MG 112 ? 1_555 O  ? K HOH . ? A HOH 118 ? 1_555 90.3  ? 
110 O  ? K HOH . ? A HOH 116 ? 1_555 MG ? H MG . ? A MG 112 ? 1_555 O  ? K HOH . ? A HOH 118 ? 1_555 90.3  ? 
111 O  ? K HOH . ? A HOH 117 ? 1_555 MG ? H MG . ? A MG 112 ? 1_555 O  ? K HOH . ? A HOH 118 ? 1_555 90.1  ? 
112 O  ? K HOH . ? A HOH 123 ? 1_555 MG ? J MG . ? B MG 119 ? 1_555 O  ? L HOH . ? B HOH 120 ? 1_555 89.5  ? 
113 O  ? K HOH . ? A HOH 123 ? 1_555 MG ? J MG . ? B MG 119 ? 1_555 O  ? L HOH . ? B HOH 121 ? 1_555 179.8 ? 
114 O  ? L HOH . ? B HOH 120 ? 1_555 MG ? J MG . ? B MG 119 ? 1_555 O  ? L HOH . ? B HOH 121 ? 1_555 90.5  ? 
115 O  ? K HOH . ? A HOH 123 ? 1_555 MG ? J MG . ? B MG 119 ? 1_555 O  ? L HOH . ? B HOH 122 ? 1_555 90.3  ? 
116 O  ? L HOH . ? B HOH 120 ? 1_555 MG ? J MG . ? B MG 119 ? 1_555 O  ? L HOH . ? B HOH 122 ? 1_555 89.9  ? 
117 O  ? L HOH . ? B HOH 121 ? 1_555 MG ? J MG . ? B MG 119 ? 1_555 O  ? L HOH . ? B HOH 122 ? 1_555 89.5  ? 
118 O  ? K HOH . ? A HOH 123 ? 1_555 MG ? J MG . ? B MG 119 ? 1_555 O  ? L HOH . ? B HOH 124 ? 1_555 90.2  ? 
119 O  ? L HOH . ? B HOH 120 ? 1_555 MG ? J MG . ? B MG 119 ? 1_555 O  ? L HOH . ? B HOH 124 ? 1_555 90.4  ? 
120 O  ? L HOH . ? B HOH 121 ? 1_555 MG ? J MG . ? B MG 119 ? 1_555 O  ? L HOH . ? B HOH 124 ? 1_555 90.0  ? 
121 O  ? L HOH . ? B HOH 122 ? 1_555 MG ? J MG . ? B MG 119 ? 1_555 O  ? L HOH . ? B HOH 124 ? 1_555 179.4 ? 
122 O  ? K HOH . ? A HOH 123 ? 1_555 MG ? J MG . ? B MG 119 ? 1_555 O  ? L HOH . ? B HOH 125 ? 1_555 89.9  ? 
123 O  ? L HOH . ? B HOH 120 ? 1_555 MG ? J MG . ? B MG 119 ? 1_555 O  ? L HOH . ? B HOH 125 ? 1_555 179.3 ? 
124 O  ? L HOH . ? B HOH 121 ? 1_555 MG ? J MG . ? B MG 119 ? 1_555 O  ? L HOH . ? B HOH 125 ? 1_555 90.1  ? 
125 O  ? L HOH . ? B HOH 122 ? 1_555 MG ? J MG . ? B MG 119 ? 1_555 O  ? L HOH . ? B HOH 125 ? 1_555 89.8  ? 
126 O  ? L HOH . ? B HOH 124 ? 1_555 MG ? J MG . ? B MG 119 ? 1_555 O  ? L HOH . ? B HOH 125 ? 1_555 89.9  ? 
# 
loop_
_struct_site.id 
_struct_site.pdbx_evidence_code 
_struct_site.pdbx_auth_asym_id 
_struct_site.pdbx_auth_comp_id 
_struct_site.pdbx_auth_seq_id 
_struct_site.pdbx_auth_ins_code 
_struct_site.pdbx_num_residues 
_struct_site.details 
AC1 Software B MG 61  ? 7 'BINDING SITE FOR RESIDUE MG B 61'  
AC2 Software A MG 68  ? 8 'BINDING SITE FOR RESIDUE MG A 68'  
AC3 Software A MG 75  ? 6 'BINDING SITE FOR RESIDUE MG A 75'  
AC4 Software A MG 80  ? 6 'BINDING SITE FOR RESIDUE MG A 80'  
AC5 Software A MG 87  ? 6 'BINDING SITE FOR RESIDUE MG A 87'  
AC6 Software A MG 99  ? 6 'BINDING SITE FOR RESIDUE MG A 99'  
AC7 Software A MG 112 ? 6 'BINDING SITE FOR RESIDUE MG A 112' 
AC8 Software B MG 119 ? 6 'BINDING SITE FOR RESIDUE MG B 119' 
# 
loop_
_struct_site_gen.id 
_struct_site_gen.site_id 
_struct_site_gen.pdbx_num_res 
_struct_site_gen.label_comp_id 
_struct_site_gen.label_asym_id 
_struct_site_gen.label_seq_id 
_struct_site_gen.pdbx_auth_ins_code 
_struct_site_gen.auth_comp_id 
_struct_site_gen.auth_asym_id 
_struct_site_gen.auth_seq_id 
_struct_site_gen.label_atom_id 
_struct_site_gen.label_alt_id 
_struct_site_gen.symmetry 
_struct_site_gen.details 
1  AC1 7 HOH K . ? HOH A 64  . ? 1_555 ? 
2  AC1 7 HOH K . ? HOH A 65  . ? 1_555 ? 
3  AC1 7 DG  B 7 ? DG  B 19  . ? 1_555 ? 
4  AC1 7 HOH L . ? HOH B 62  . ? 1_555 ? 
5  AC1 7 HOH L . ? HOH B 63  . ? 1_555 ? 
6  AC1 7 HOH L . ? HOH B 66  . ? 1_555 ? 
7  AC1 7 HOH L . ? HOH B 67  . ? 1_555 ? 
8  AC2 8 DG  A 7 ? DG  A 7   . ? 1_555 ? 
9  AC2 8 HOH K . ? HOH A 71  . ? 1_555 ? 
10 AC2 8 HOH K . ? HOH A 72  . ? 1_555 ? 
11 AC2 8 HOH K . ? HOH A 74  . ? 1_555 ? 
12 AC2 8 DG  B 5 ? DG  B 17  . ? 1_555 ? 
13 AC2 8 HOH L . ? HOH B 69  . ? 1_555 ? 
14 AC2 8 HOH L . ? HOH B 70  . ? 1_555 ? 
15 AC2 8 HOH L . ? HOH B 73  . ? 1_555 ? 
16 AC3 6 HOH K . ? HOH A 76  . ? 1_555 ? 
17 AC3 6 HOH K . ? HOH A 76  . ? 2_555 ? 
18 AC3 6 HOH K . ? HOH A 76  . ? 3_555 ? 
19 AC3 6 HOH K . ? HOH A 77  . ? 1_555 ? 
20 AC3 6 HOH K . ? HOH A 77  . ? 2_555 ? 
21 AC3 6 HOH K . ? HOH A 77  . ? 3_555 ? 
22 AC4 6 HOH K . ? HOH A 81  . ? 1_555 ? 
23 AC4 6 HOH K . ? HOH A 82  . ? 1_555 ? 
24 AC4 6 HOH K . ? HOH A 83  . ? 1_555 ? 
25 AC4 6 HOH K . ? HOH A 84  . ? 1_555 ? 
26 AC4 6 HOH K . ? HOH A 85  . ? 1_555 ? 
27 AC4 6 HOH K . ? HOH A 86  . ? 1_555 ? 
28 AC5 6 HOH K . ? HOH A 88  . ? 1_555 ? 
29 AC5 6 HOH K . ? HOH A 89  . ? 1_555 ? 
30 AC5 6 HOH K . ? HOH A 90  . ? 1_555 ? 
31 AC5 6 HOH K . ? HOH A 91  . ? 1_555 ? 
32 AC5 6 HOH K . ? HOH A 92  . ? 1_555 ? 
33 AC5 6 HOH K . ? HOH A 93  . ? 1_555 ? 
34 AC6 6 HOH K . ? HOH A 100 . ? 1_555 ? 
35 AC6 6 HOH K . ? HOH A 101 . ? 1_555 ? 
36 AC6 6 HOH K . ? HOH A 102 . ? 1_555 ? 
37 AC6 6 HOH K . ? HOH A 103 . ? 1_555 ? 
38 AC6 6 HOH K . ? HOH A 104 . ? 1_555 ? 
39 AC6 6 HOH K . ? HOH A 105 . ? 1_555 ? 
40 AC7 6 HOH K . ? HOH A 113 . ? 1_555 ? 
41 AC7 6 HOH K . ? HOH A 114 . ? 1_555 ? 
42 AC7 6 HOH K . ? HOH A 115 . ? 1_555 ? 
43 AC7 6 HOH K . ? HOH A 116 . ? 1_555 ? 
44 AC7 6 HOH K . ? HOH A 117 . ? 1_555 ? 
45 AC7 6 HOH K . ? HOH A 118 . ? 1_555 ? 
46 AC8 6 HOH K . ? HOH A 123 . ? 1_555 ? 
47 AC8 6 HOH L . ? HOH B 120 . ? 1_555 ? 
48 AC8 6 HOH L . ? HOH B 121 . ? 1_555 ? 
49 AC8 6 HOH L . ? HOH B 122 . ? 1_555 ? 
50 AC8 6 HOH L . ? HOH B 124 . ? 1_555 ? 
51 AC8 6 HOH L . ? HOH B 125 . ? 1_555 ? 
# 
_pdbx_validate_symm_contact.id                1 
_pdbx_validate_symm_contact.PDB_model_num     1 
_pdbx_validate_symm_contact.auth_atom_id_1    OP2 
_pdbx_validate_symm_contact.auth_asym_id_1    B 
_pdbx_validate_symm_contact.auth_comp_id_1    DT 
_pdbx_validate_symm_contact.auth_seq_id_1     24 
_pdbx_validate_symm_contact.PDB_ins_code_1    ? 
_pdbx_validate_symm_contact.label_alt_id_1    ? 
_pdbx_validate_symm_contact.site_symmetry_1   1_555 
_pdbx_validate_symm_contact.auth_atom_id_2    O 
_pdbx_validate_symm_contact.auth_asym_id_2    A 
_pdbx_validate_symm_contact.auth_comp_id_2    HOH 
_pdbx_validate_symm_contact.auth_seq_id_2     79 
_pdbx_validate_symm_contact.PDB_ins_code_2    ? 
_pdbx_validate_symm_contact.label_alt_id_2    ? 
_pdbx_validate_symm_contact.site_symmetry_2   3_565 
_pdbx_validate_symm_contact.dist              1.96 
# 
loop_
_pdbx_validate_rmsd_bond.id 
_pdbx_validate_rmsd_bond.PDB_model_num 
_pdbx_validate_rmsd_bond.auth_atom_id_1 
_pdbx_validate_rmsd_bond.auth_asym_id_1 
_pdbx_validate_rmsd_bond.auth_comp_id_1 
_pdbx_validate_rmsd_bond.auth_seq_id_1 
_pdbx_validate_rmsd_bond.PDB_ins_code_1 
_pdbx_validate_rmsd_bond.label_alt_id_1 
_pdbx_validate_rmsd_bond.auth_atom_id_2 
_pdbx_validate_rmsd_bond.auth_asym_id_2 
_pdbx_validate_rmsd_bond.auth_comp_id_2 
_pdbx_validate_rmsd_bond.auth_seq_id_2 
_pdbx_validate_rmsd_bond.PDB_ins_code_2 
_pdbx_validate_rmsd_bond.label_alt_id_2 
_pdbx_validate_rmsd_bond.bond_value 
_pdbx_validate_rmsd_bond.bond_target_value 
_pdbx_validate_rmsd_bond.bond_deviation 
_pdbx_validate_rmsd_bond.bond_standard_deviation 
_pdbx_validate_rmsd_bond.linker_flag 
1 1 "O3'" A DG 4  ? ? P     A DG 5  ? ? 1.520 1.607 -0.087 0.012 Y 
2 1 "O3'" A DC 9  ? ? P     A DA 10 ? ? 1.534 1.607 -0.073 0.012 Y 
3 1 P     A DA 10 ? ? "O5'" A DA 10 ? ? 1.669 1.593 0.076  0.010 N 
4 1 "O3'" B DT 15 ? ? P     B DG 16 ? ? 1.520 1.607 -0.087 0.012 Y 
5 1 "O3'" B DG 16 ? ? "C3'" B DG 16 ? ? 1.334 1.419 -0.085 0.006 N 
6 1 C2    B DC 20 ? ? N3    B DC 20 ? ? 1.408 1.353 0.055  0.008 N 
# 
loop_
_pdbx_validate_rmsd_angle.id 
_pdbx_validate_rmsd_angle.PDB_model_num 
_pdbx_validate_rmsd_angle.auth_atom_id_1 
_pdbx_validate_rmsd_angle.auth_asym_id_1 
_pdbx_validate_rmsd_angle.auth_comp_id_1 
_pdbx_validate_rmsd_angle.auth_seq_id_1 
_pdbx_validate_rmsd_angle.PDB_ins_code_1 
_pdbx_validate_rmsd_angle.label_alt_id_1 
_pdbx_validate_rmsd_angle.auth_atom_id_2 
_pdbx_validate_rmsd_angle.auth_asym_id_2 
_pdbx_validate_rmsd_angle.auth_comp_id_2 
_pdbx_validate_rmsd_angle.auth_seq_id_2 
_pdbx_validate_rmsd_angle.PDB_ins_code_2 
_pdbx_validate_rmsd_angle.label_alt_id_2 
_pdbx_validate_rmsd_angle.auth_atom_id_3 
_pdbx_validate_rmsd_angle.auth_asym_id_3 
_pdbx_validate_rmsd_angle.auth_comp_id_3 
_pdbx_validate_rmsd_angle.auth_seq_id_3 
_pdbx_validate_rmsd_angle.PDB_ins_code_3 
_pdbx_validate_rmsd_angle.label_alt_id_3 
_pdbx_validate_rmsd_angle.angle_value 
_pdbx_validate_rmsd_angle.angle_target_value 
_pdbx_validate_rmsd_angle.angle_deviation 
_pdbx_validate_rmsd_angle.angle_standard_deviation 
_pdbx_validate_rmsd_angle.linker_flag 
1  1 "O4'" A DA 1  ? ? "C4'" A DA 1  ? ? "C3'" A DA 1  ? ? 99.82  104.50 -4.68  0.40 N 
2  1 "C5'" A DA 1  ? ? "C4'" A DA 1  ? ? "O4'" A DA 1  ? ? 116.52 109.80 6.72   1.10 N 
3  1 "C4'" A DA 1  ? ? "C3'" A DA 1  ? ? "C2'" A DA 1  ? ? 97.01  102.20 -5.19  0.70 N 
4  1 "O4'" A DA 1  ? ? "C1'" A DA 1  ? ? N9    A DA 1  ? ? 101.88 108.00 -6.12  0.70 N 
5  1 C5    A DA 1  ? ? C6    A DA 1  ? ? N1    A DA 1  ? ? 114.44 117.70 -3.26  0.50 N 
6  1 "O4'" A DC 2  ? ? "C1'" A DC 2  ? ? N1    A DC 2  ? ? 102.03 108.00 -5.97  0.70 N 
7  1 "C3'" A DC 3  ? ? "O3'" A DC 3  ? ? P     A DG 4  ? ? 130.15 119.70 10.45  1.20 Y 
8  1 "O3'" A DC 3  ? ? P     A DG 4  ? ? OP2   A DG 4  ? ? 117.22 110.50 6.72   1.10 Y 
9  1 OP1   A DG 4  ? ? P     A DG 4  ? ? OP2   A DG 4  ? ? 110.21 119.60 -9.39  1.50 N 
10 1 "O4'" A DG 4  ? ? "C1'" A DG 4  ? ? N9    A DG 4  ? ? 115.53 108.30 7.23   0.30 N 
11 1 C6    A DG 4  ? ? N1    A DG 4  ? ? C2    A DG 4  ? ? 116.81 125.10 -8.29  0.60 N 
12 1 N1    A DG 4  ? ? C2    A DG 4  ? ? N3    A DG 4  ? ? 128.79 123.90 4.89   0.60 N 
13 1 C5    A DG 4  ? ? C6    A DG 4  ? ? N1    A DG 4  ? ? 116.82 111.50 5.32   0.50 N 
14 1 C5    A DG 4  ? ? C6    A DG 4  ? ? O6    A DG 4  ? ? 122.26 128.60 -6.34  0.60 N 
15 1 "C3'" A DG 4  ? ? "O3'" A DG 4  ? ? P     A DG 5  ? ? 136.68 119.70 16.98  1.20 Y 
16 1 OP1   A DG 5  ? ? P     A DG 5  ? ? OP2   A DG 5  ? ? 109.49 119.60 -10.11 1.50 N 
17 1 "O4'" A DG 5  ? ? "C1'" A DG 5  ? ? N9    A DG 5  ? ? 114.99 108.30 6.69   0.30 N 
18 1 C6    A DG 5  ? ? N1    A DG 5  ? ? C2    A DG 5  ? ? 120.96 125.10 -4.14  0.60 N 
19 1 C5    A DG 5  ? ? C6    A DG 5  ? ? N1    A DG 5  ? ? 115.25 111.50 3.75   0.50 N 
20 1 "C3'" A DG 5  ? ? "O3'" A DG 5  ? ? P     A DC 6  ? ? 132.59 119.70 12.89  1.20 Y 
21 1 "O3'" A DG 5  ? ? P     A DC 6  ? ? OP2   A DC 6  ? ? 117.84 110.50 7.34   1.10 Y 
22 1 OP1   A DC 6  ? ? P     A DC 6  ? ? OP2   A DC 6  ? ? 109.32 119.60 -10.28 1.50 N 
23 1 "O4'" A DG 7  ? ? "C1'" A DG 7  ? ? N9    A DG 7  ? ? 113.64 108.30 5.34   0.30 N 
24 1 "O3'" A DG 7  ? ? P     A DC 8  ? ? "O5'" A DC 8  ? ? 91.29  104.00 -12.71 1.90 Y 
25 1 "O3'" A DG 7  ? ? P     A DC 8  ? ? OP2   A DC 8  ? ? 117.70 110.50 7.20   1.10 Y 
26 1 "O4'" A DC 8  ? ? "C1'" A DC 8  ? ? N1    A DC 8  ? ? 114.06 108.30 5.76   0.30 N 
27 1 N3    A DC 8  ? ? C4    A DC 8  ? ? C5    A DC 8  ? ? 119.49 121.90 -2.41  0.40 N 
28 1 N3    A DC 9  ? ? C4    A DC 9  ? ? N4    A DC 9  ? ? 124.74 118.00 6.74   0.70 N 
29 1 C5    A DC 9  ? ? C4    A DC 9  ? ? N4    A DC 9  ? ? 113.75 120.20 -6.45  0.70 N 
30 1 "C3'" A DC 9  ? ? "O3'" A DC 9  ? ? P     A DA 10 ? ? 149.45 119.70 29.75  1.20 Y 
31 1 P     A DA 10 ? ? "O5'" A DA 10 ? ? "C5'" A DA 10 ? ? 109.76 120.90 -11.14 1.60 N 
32 1 N9    A DA 10 ? ? "C1'" A DA 10 ? ? "C2'" A DA 10 ? ? 100.50 112.60 -12.10 1.90 N 
33 1 N1    A DA 10 ? ? C6    A DA 10 ? ? N6    A DA 10 ? ? 122.36 118.60 3.76   0.60 N 
34 1 "C3'" A DA 10 ? ? "O3'" A DA 10 ? ? P     A DC 11 ? ? 109.92 119.70 -9.78  1.20 Y 
35 1 "O5'" A DC 11 ? ? P     A DC 11 ? ? OP1   A DC 11 ? ? 119.95 110.70 9.25   1.20 N 
36 1 "O4'" A DC 11 ? ? "C4'" A DC 11 ? ? "C3'" A DC 11 ? ? 101.92 104.50 -2.58  0.40 N 
37 1 "O4'" A DC 11 ? ? "C1'" A DC 11 ? ? N1    A DC 11 ? ? 120.33 108.30 12.03  0.30 N 
38 1 N3    A DC 11 ? ? C4    A DC 11 ? ? C5    A DC 11 ? ? 119.45 121.90 -2.45  0.40 N 
39 1 "O4'" A DA 12 ? ? "C1'" A DA 12 ? ? N9    A DA 12 ? ? 111.72 108.30 3.42   0.30 N 
40 1 C5    A DA 12 ? ? C6    A DA 12 ? ? N1    A DA 12 ? ? 114.61 117.70 -3.09  0.50 N 
41 1 C2    B DT 13 ? ? N3    B DT 13 ? ? C4    B DT 13 ? ? 122.33 127.20 -4.87  0.60 N 
42 1 N3    B DT 13 ? ? C4    B DT 13 ? ? C5    B DT 13 ? ? 118.94 115.20 3.74   0.60 N 
43 1 "O4'" B DG 14 ? ? "C1'" B DG 14 ? ? N9    B DG 14 ? ? 114.72 108.30 6.42   0.30 N 
44 1 C5    B DG 14 ? ? C6    B DG 14 ? ? N1    B DG 14 ? ? 114.90 111.50 3.40   0.50 N 
45 1 "C3'" B DG 14 ? ? "O3'" B DG 14 ? ? P     B DT 15 ? ? 111.05 119.70 -8.65  1.20 Y 
46 1 "O5'" B DT 15 ? ? P     B DT 15 ? ? OP1   B DT 15 ? ? 120.37 110.70 9.67   1.20 N 
47 1 "O4'" B DT 15 ? ? "C1'" B DT 15 ? ? N1    B DT 15 ? ? 110.15 108.30 1.85   0.30 N 
48 1 N1    B DT 15 ? ? C2    B DT 15 ? ? N3    B DT 15 ? ? 119.98 114.60 5.38   0.60 N 
49 1 C2    B DT 15 ? ? N3    B DT 15 ? ? C4    B DT 15 ? ? 119.18 127.20 -8.02  0.60 N 
50 1 N3    B DT 15 ? ? C4    B DT 15 ? ? C5    B DT 15 ? ? 121.08 115.20 5.88   0.60 N 
51 1 C5    B DT 15 ? ? C4    B DT 15 ? ? O4    B DT 15 ? ? 120.13 124.90 -4.77  0.70 N 
52 1 "C3'" B DT 15 ? ? "O3'" B DT 15 ? ? P     B DG 16 ? ? 147.19 119.70 27.49  1.20 Y 
53 1 "O3'" B DT 15 ? ? P     B DG 16 ? ? OP2   B DG 16 ? ? 118.26 110.50 7.76   1.10 Y 
54 1 OP1   B DG 16 ? ? P     B DG 16 ? ? OP2   B DG 16 ? ? 109.36 119.60 -10.24 1.50 N 
55 1 "C4'" B DG 16 ? ? "C3'" B DG 16 ? ? "O3'" B DG 16 ? ? 126.32 112.30 14.02  2.00 N 
56 1 "C5'" B DG 17 ? ? "C4'" B DG 17 ? ? "O4'" B DG 17 ? ? 142.05 109.80 32.25  1.10 N 
57 1 P     B DC 18 ? ? "O5'" B DC 18 ? ? "C5'" B DC 18 ? ? 110.91 120.90 -9.99  1.60 N 
58 1 "O4'" B DC 18 ? ? "C1'" B DC 18 ? ? N1    B DC 18 ? ? 110.47 108.30 2.17   0.30 N 
59 1 "C1'" B DC 20 ? ? "O4'" B DC 20 ? ? "C4'" B DC 20 ? ? 116.44 110.30 6.14   0.70 N 
60 1 "O4'" B DC 20 ? ? "C1'" B DC 20 ? ? N1    B DC 20 ? ? 120.78 108.30 12.48  0.30 N 
61 1 "C3'" B DC 20 ? ? "O3'" B DC 20 ? ? P     B DC 21 ? ? 135.62 119.70 15.92  1.20 Y 
62 1 OP1   B DC 21 ? ? P     B DC 21 ? ? OP2   B DC 21 ? ? 109.99 119.60 -9.61  1.50 N 
63 1 "O4'" B DC 21 ? ? "C1'" B DC 21 ? ? N1    B DC 21 ? ? 117.07 108.30 8.77   0.30 N 
64 1 "O4'" B DG 22 ? ? "C4'" B DG 22 ? ? "C3'" B DG 22 ? ? 101.15 104.50 -3.35  0.40 N 
65 1 "O4'" B DG 22 ? ? "C1'" B DG 22 ? ? N9    B DG 22 ? ? 110.98 108.30 2.68   0.30 N 
66 1 C5    B DG 22 ? ? C6    B DG 22 ? ? N1    B DG 22 ? ? 114.87 111.50 3.37   0.50 N 
67 1 "O5'" B DG 23 ? ? P     B DG 23 ? ? OP1   B DG 23 ? ? 121.84 110.70 11.14  1.20 N 
68 1 P     B DG 23 ? ? "O5'" B DG 23 ? ? "C5'" B DG 23 ? ? 132.35 120.90 11.45  1.60 N 
69 1 "O4'" B DT 24 ? ? "C1'" B DT 24 ? ? N1    B DT 24 ? ? 111.87 108.30 3.57   0.30 N 
70 1 C2    B DT 24 ? ? N3    B DT 24 ? ? C4    B DT 24 ? ? 122.81 127.20 -4.39  0.60 N 
71 1 N3    B DT 24 ? ? C4    B DT 24 ? ? C5    B DT 24 ? ? 118.96 115.20 3.76   0.60 N 
# 
_pdbx_struct_special_symmetry.id              1 
_pdbx_struct_special_symmetry.PDB_model_num   1 
_pdbx_struct_special_symmetry.auth_asym_id    A 
_pdbx_struct_special_symmetry.auth_comp_id    MG 
_pdbx_struct_special_symmetry.auth_seq_id     75 
_pdbx_struct_special_symmetry.PDB_ins_code    ? 
_pdbx_struct_special_symmetry.label_asym_id   D 
_pdbx_struct_special_symmetry.label_comp_id   MG 
_pdbx_struct_special_symmetry.label_seq_id    . 
# 
loop_
_chem_comp_atom.comp_id 
_chem_comp_atom.atom_id 
_chem_comp_atom.type_symbol 
_chem_comp_atom.pdbx_aromatic_flag 
_chem_comp_atom.pdbx_stereo_config 
_chem_comp_atom.pdbx_ordinal 
DA  OP3    O  N N 1   
DA  P      P  N N 2   
DA  OP1    O  N N 3   
DA  OP2    O  N N 4   
DA  "O5'"  O  N N 5   
DA  "C5'"  C  N N 6   
DA  "C4'"  C  N R 7   
DA  "O4'"  O  N N 8   
DA  "C3'"  C  N S 9   
DA  "O3'"  O  N N 10  
DA  "C2'"  C  N N 11  
DA  "C1'"  C  N R 12  
DA  N9     N  Y N 13  
DA  C8     C  Y N 14  
DA  N7     N  Y N 15  
DA  C5     C  Y N 16  
DA  C6     C  Y N 17  
DA  N6     N  N N 18  
DA  N1     N  Y N 19  
DA  C2     C  Y N 20  
DA  N3     N  Y N 21  
DA  C4     C  Y N 22  
DA  HOP3   H  N N 23  
DA  HOP2   H  N N 24  
DA  "H5'"  H  N N 25  
DA  "H5''" H  N N 26  
DA  "H4'"  H  N N 27  
DA  "H3'"  H  N N 28  
DA  "HO3'" H  N N 29  
DA  "H2'"  H  N N 30  
DA  "H2''" H  N N 31  
DA  "H1'"  H  N N 32  
DA  H8     H  N N 33  
DA  H61    H  N N 34  
DA  H62    H  N N 35  
DA  H2     H  N N 36  
DC  OP3    O  N N 37  
DC  P      P  N N 38  
DC  OP1    O  N N 39  
DC  OP2    O  N N 40  
DC  "O5'"  O  N N 41  
DC  "C5'"  C  N N 42  
DC  "C4'"  C  N R 43  
DC  "O4'"  O  N N 44  
DC  "C3'"  C  N S 45  
DC  "O3'"  O  N N 46  
DC  "C2'"  C  N N 47  
DC  "C1'"  C  N R 48  
DC  N1     N  N N 49  
DC  C2     C  N N 50  
DC  O2     O  N N 51  
DC  N3     N  N N 52  
DC  C4     C  N N 53  
DC  N4     N  N N 54  
DC  C5     C  N N 55  
DC  C6     C  N N 56  
DC  HOP3   H  N N 57  
DC  HOP2   H  N N 58  
DC  "H5'"  H  N N 59  
DC  "H5''" H  N N 60  
DC  "H4'"  H  N N 61  
DC  "H3'"  H  N N 62  
DC  "HO3'" H  N N 63  
DC  "H2'"  H  N N 64  
DC  "H2''" H  N N 65  
DC  "H1'"  H  N N 66  
DC  H41    H  N N 67  
DC  H42    H  N N 68  
DC  H5     H  N N 69  
DC  H6     H  N N 70  
DG  OP3    O  N N 71  
DG  P      P  N N 72  
DG  OP1    O  N N 73  
DG  OP2    O  N N 74  
DG  "O5'"  O  N N 75  
DG  "C5'"  C  N N 76  
DG  "C4'"  C  N R 77  
DG  "O4'"  O  N N 78  
DG  "C3'"  C  N S 79  
DG  "O3'"  O  N N 80  
DG  "C2'"  C  N N 81  
DG  "C1'"  C  N R 82  
DG  N9     N  Y N 83  
DG  C8     C  Y N 84  
DG  N7     N  Y N 85  
DG  C5     C  Y N 86  
DG  C6     C  N N 87  
DG  O6     O  N N 88  
DG  N1     N  N N 89  
DG  C2     C  N N 90  
DG  N2     N  N N 91  
DG  N3     N  N N 92  
DG  C4     C  Y N 93  
DG  HOP3   H  N N 94  
DG  HOP2   H  N N 95  
DG  "H5'"  H  N N 96  
DG  "H5''" H  N N 97  
DG  "H4'"  H  N N 98  
DG  "H3'"  H  N N 99  
DG  "HO3'" H  N N 100 
DG  "H2'"  H  N N 101 
DG  "H2''" H  N N 102 
DG  "H1'"  H  N N 103 
DG  H8     H  N N 104 
DG  H1     H  N N 105 
DG  H21    H  N N 106 
DG  H22    H  N N 107 
DT  OP3    O  N N 108 
DT  P      P  N N 109 
DT  OP1    O  N N 110 
DT  OP2    O  N N 111 
DT  "O5'"  O  N N 112 
DT  "C5'"  C  N N 113 
DT  "C4'"  C  N R 114 
DT  "O4'"  O  N N 115 
DT  "C3'"  C  N S 116 
DT  "O3'"  O  N N 117 
DT  "C2'"  C  N N 118 
DT  "C1'"  C  N R 119 
DT  N1     N  N N 120 
DT  C2     C  N N 121 
DT  O2     O  N N 122 
DT  N3     N  N N 123 
DT  C4     C  N N 124 
DT  O4     O  N N 125 
DT  C5     C  N N 126 
DT  C7     C  N N 127 
DT  C6     C  N N 128 
DT  HOP3   H  N N 129 
DT  HOP2   H  N N 130 
DT  "H5'"  H  N N 131 
DT  "H5''" H  N N 132 
DT  "H4'"  H  N N 133 
DT  "H3'"  H  N N 134 
DT  "HO3'" H  N N 135 
DT  "H2'"  H  N N 136 
DT  "H2''" H  N N 137 
DT  "H1'"  H  N N 138 
DT  H3     H  N N 139 
DT  H71    H  N N 140 
DT  H72    H  N N 141 
DT  H73    H  N N 142 
DT  H6     H  N N 143 
HOH O      O  N N 144 
HOH H1     H  N N 145 
HOH H2     H  N N 146 
MG  MG     MG N N 147 
# 
loop_
_chem_comp_bond.comp_id 
_chem_comp_bond.atom_id_1 
_chem_comp_bond.atom_id_2 
_chem_comp_bond.value_order 
_chem_comp_bond.pdbx_aromatic_flag 
_chem_comp_bond.pdbx_stereo_config 
_chem_comp_bond.pdbx_ordinal 
DA  OP3   P      sing N N 1   
DA  OP3   HOP3   sing N N 2   
DA  P     OP1    doub N N 3   
DA  P     OP2    sing N N 4   
DA  P     "O5'"  sing N N 5   
DA  OP2   HOP2   sing N N 6   
DA  "O5'" "C5'"  sing N N 7   
DA  "C5'" "C4'"  sing N N 8   
DA  "C5'" "H5'"  sing N N 9   
DA  "C5'" "H5''" sing N N 10  
DA  "C4'" "O4'"  sing N N 11  
DA  "C4'" "C3'"  sing N N 12  
DA  "C4'" "H4'"  sing N N 13  
DA  "O4'" "C1'"  sing N N 14  
DA  "C3'" "O3'"  sing N N 15  
DA  "C3'" "C2'"  sing N N 16  
DA  "C3'" "H3'"  sing N N 17  
DA  "O3'" "HO3'" sing N N 18  
DA  "C2'" "C1'"  sing N N 19  
DA  "C2'" "H2'"  sing N N 20  
DA  "C2'" "H2''" sing N N 21  
DA  "C1'" N9     sing N N 22  
DA  "C1'" "H1'"  sing N N 23  
DA  N9    C8     sing Y N 24  
DA  N9    C4     sing Y N 25  
DA  C8    N7     doub Y N 26  
DA  C8    H8     sing N N 27  
DA  N7    C5     sing Y N 28  
DA  C5    C6     sing Y N 29  
DA  C5    C4     doub Y N 30  
DA  C6    N6     sing N N 31  
DA  C6    N1     doub Y N 32  
DA  N6    H61    sing N N 33  
DA  N6    H62    sing N N 34  
DA  N1    C2     sing Y N 35  
DA  C2    N3     doub Y N 36  
DA  C2    H2     sing N N 37  
DA  N3    C4     sing Y N 38  
DC  OP3   P      sing N N 39  
DC  OP3   HOP3   sing N N 40  
DC  P     OP1    doub N N 41  
DC  P     OP2    sing N N 42  
DC  P     "O5'"  sing N N 43  
DC  OP2   HOP2   sing N N 44  
DC  "O5'" "C5'"  sing N N 45  
DC  "C5'" "C4'"  sing N N 46  
DC  "C5'" "H5'"  sing N N 47  
DC  "C5'" "H5''" sing N N 48  
DC  "C4'" "O4'"  sing N N 49  
DC  "C4'" "C3'"  sing N N 50  
DC  "C4'" "H4'"  sing N N 51  
DC  "O4'" "C1'"  sing N N 52  
DC  "C3'" "O3'"  sing N N 53  
DC  "C3'" "C2'"  sing N N 54  
DC  "C3'" "H3'"  sing N N 55  
DC  "O3'" "HO3'" sing N N 56  
DC  "C2'" "C1'"  sing N N 57  
DC  "C2'" "H2'"  sing N N 58  
DC  "C2'" "H2''" sing N N 59  
DC  "C1'" N1     sing N N 60  
DC  "C1'" "H1'"  sing N N 61  
DC  N1    C2     sing N N 62  
DC  N1    C6     sing N N 63  
DC  C2    O2     doub N N 64  
DC  C2    N3     sing N N 65  
DC  N3    C4     doub N N 66  
DC  C4    N4     sing N N 67  
DC  C4    C5     sing N N 68  
DC  N4    H41    sing N N 69  
DC  N4    H42    sing N N 70  
DC  C5    C6     doub N N 71  
DC  C5    H5     sing N N 72  
DC  C6    H6     sing N N 73  
DG  OP3   P      sing N N 74  
DG  OP3   HOP3   sing N N 75  
DG  P     OP1    doub N N 76  
DG  P     OP2    sing N N 77  
DG  P     "O5'"  sing N N 78  
DG  OP2   HOP2   sing N N 79  
DG  "O5'" "C5'"  sing N N 80  
DG  "C5'" "C4'"  sing N N 81  
DG  "C5'" "H5'"  sing N N 82  
DG  "C5'" "H5''" sing N N 83  
DG  "C4'" "O4'"  sing N N 84  
DG  "C4'" "C3'"  sing N N 85  
DG  "C4'" "H4'"  sing N N 86  
DG  "O4'" "C1'"  sing N N 87  
DG  "C3'" "O3'"  sing N N 88  
DG  "C3'" "C2'"  sing N N 89  
DG  "C3'" "H3'"  sing N N 90  
DG  "O3'" "HO3'" sing N N 91  
DG  "C2'" "C1'"  sing N N 92  
DG  "C2'" "H2'"  sing N N 93  
DG  "C2'" "H2''" sing N N 94  
DG  "C1'" N9     sing N N 95  
DG  "C1'" "H1'"  sing N N 96  
DG  N9    C8     sing Y N 97  
DG  N9    C4     sing Y N 98  
DG  C8    N7     doub Y N 99  
DG  C8    H8     sing N N 100 
DG  N7    C5     sing Y N 101 
DG  C5    C6     sing N N 102 
DG  C5    C4     doub Y N 103 
DG  C6    O6     doub N N 104 
DG  C6    N1     sing N N 105 
DG  N1    C2     sing N N 106 
DG  N1    H1     sing N N 107 
DG  C2    N2     sing N N 108 
DG  C2    N3     doub N N 109 
DG  N2    H21    sing N N 110 
DG  N2    H22    sing N N 111 
DG  N3    C4     sing N N 112 
DT  OP3   P      sing N N 113 
DT  OP3   HOP3   sing N N 114 
DT  P     OP1    doub N N 115 
DT  P     OP2    sing N N 116 
DT  P     "O5'"  sing N N 117 
DT  OP2   HOP2   sing N N 118 
DT  "O5'" "C5'"  sing N N 119 
DT  "C5'" "C4'"  sing N N 120 
DT  "C5'" "H5'"  sing N N 121 
DT  "C5'" "H5''" sing N N 122 
DT  "C4'" "O4'"  sing N N 123 
DT  "C4'" "C3'"  sing N N 124 
DT  "C4'" "H4'"  sing N N 125 
DT  "O4'" "C1'"  sing N N 126 
DT  "C3'" "O3'"  sing N N 127 
DT  "C3'" "C2'"  sing N N 128 
DT  "C3'" "H3'"  sing N N 129 
DT  "O3'" "HO3'" sing N N 130 
DT  "C2'" "C1'"  sing N N 131 
DT  "C2'" "H2'"  sing N N 132 
DT  "C2'" "H2''" sing N N 133 
DT  "C1'" N1     sing N N 134 
DT  "C1'" "H1'"  sing N N 135 
DT  N1    C2     sing N N 136 
DT  N1    C6     sing N N 137 
DT  C2    O2     doub N N 138 
DT  C2    N3     sing N N 139 
DT  N3    C4     sing N N 140 
DT  N3    H3     sing N N 141 
DT  C4    O4     doub N N 142 
DT  C4    C5     sing N N 143 
DT  C5    C7     sing N N 144 
DT  C5    C6     doub N N 145 
DT  C7    H71    sing N N 146 
DT  C7    H72    sing N N 147 
DT  C7    H73    sing N N 148 
DT  C6    H6     sing N N 149 
HOH O     H1     sing N N 150 
HOH O     H2     sing N N 151 
# 
loop_
_ndb_struct_conf_na.entry_id 
_ndb_struct_conf_na.feature 
1QP5 'double helix'         
1QP5 'b-form double helix'  
1QP5 'mismatched base pair' 
1QP5 'triple helix'         
# 
loop_
_ndb_struct_na_base_pair.model_number 
_ndb_struct_na_base_pair.i_label_asym_id 
_ndb_struct_na_base_pair.i_label_comp_id 
_ndb_struct_na_base_pair.i_label_seq_id 
_ndb_struct_na_base_pair.i_symmetry 
_ndb_struct_na_base_pair.j_label_asym_id 
_ndb_struct_na_base_pair.j_label_comp_id 
_ndb_struct_na_base_pair.j_label_seq_id 
_ndb_struct_na_base_pair.j_symmetry 
_ndb_struct_na_base_pair.shear 
_ndb_struct_na_base_pair.stretch 
_ndb_struct_na_base_pair.stagger 
_ndb_struct_na_base_pair.buckle 
_ndb_struct_na_base_pair.propeller 
_ndb_struct_na_base_pair.opening 
_ndb_struct_na_base_pair.pair_number 
_ndb_struct_na_base_pair.pair_name 
_ndb_struct_na_base_pair.i_auth_asym_id 
_ndb_struct_na_base_pair.i_auth_seq_id 
_ndb_struct_na_base_pair.i_PDB_ins_code 
_ndb_struct_na_base_pair.j_auth_asym_id 
_ndb_struct_na_base_pair.j_auth_seq_id 
_ndb_struct_na_base_pair.j_PDB_ins_code 
_ndb_struct_na_base_pair.hbond_type_28 
_ndb_struct_na_base_pair.hbond_type_12 
1 A DA 1  1_555 B DG 11 1_555 0.655  1.498  -0.498 -3.336  -6.297  -16.178  1  A_DA1:DG23_B  A 1  ? B 23 ? 8  ? 
1 A DC 2  1_555 B DG 10 1_555 -1.156 4.460  -1.006 -18.534 -27.855 -102.516 2  A_DC2:DG22_B  A 2  ? B 22 ? ?  ? 
1 A DG 4  1_555 B DC 9  1_555 0.654  0.646  1.065  -9.255  -19.540 21.284   3  A_DG4:DC21_B  A 4  ? B 21 ? ?  1 
1 A DG 5  1_555 B DC 8  1_555 -1.480 -0.038 0.910  -1.540  -27.184 6.864    4  A_DG5:DC20_B  A 5  ? B 20 ? ?  1 
1 A DC 6  1_555 B DG 7  1_555 -1.476 0.358  0.013  6.614   -17.665 1.276    5  A_DC6:DG19_B  A 6  ? B 19 ? ?  1 
1 A DG 7  1_555 B DC 6  1_555 0.626  0.812  1.613  0.584   -24.890 14.113   6  A_DG7:DC18_B  A 7  ? B 18 ? ?  1 
1 A DC 8  1_555 B DG 4  1_555 0.075  0.782  -1.575 -6.958  -17.476 -28.763  7  A_DC8:DG16_B  A 8  ? B 16 ? ?  ? 
1 A DC 9  1_555 B DT 3  1_555 0.789  -1.873 -0.787 -4.766  -24.836 3.174    8  A_DC9:DT15_B  A 9  ? B 15 ? 18 1 
1 A DA 10 1_555 B DG 2  1_555 0.152  1.098  -1.647 -1.937  -17.769 -12.665  9  A_DA10:DG14_B A 10 ? B 14 ? 8  ? 
1 A DC 11 1_555 B DT 1  1_555 0.552  0.964  -1.111 -21.663 -15.214 -52.646  10 A_DC11:DT13_B A 11 ? B 13 ? ?  ? 
# 
loop_
_ndb_struct_na_base_pair_step.model_number 
_ndb_struct_na_base_pair_step.i_label_asym_id_1 
_ndb_struct_na_base_pair_step.i_label_comp_id_1 
_ndb_struct_na_base_pair_step.i_label_seq_id_1 
_ndb_struct_na_base_pair_step.i_symmetry_1 
_ndb_struct_na_base_pair_step.j_label_asym_id_1 
_ndb_struct_na_base_pair_step.j_label_comp_id_1 
_ndb_struct_na_base_pair_step.j_label_seq_id_1 
_ndb_struct_na_base_pair_step.j_symmetry_1 
_ndb_struct_na_base_pair_step.i_label_asym_id_2 
_ndb_struct_na_base_pair_step.i_label_comp_id_2 
_ndb_struct_na_base_pair_step.i_label_seq_id_2 
_ndb_struct_na_base_pair_step.i_symmetry_2 
_ndb_struct_na_base_pair_step.j_label_asym_id_2 
_ndb_struct_na_base_pair_step.j_label_comp_id_2 
_ndb_struct_na_base_pair_step.j_label_seq_id_2 
_ndb_struct_na_base_pair_step.j_symmetry_2 
_ndb_struct_na_base_pair_step.shift 
_ndb_struct_na_base_pair_step.slide 
_ndb_struct_na_base_pair_step.rise 
_ndb_struct_na_base_pair_step.tilt 
_ndb_struct_na_base_pair_step.roll 
_ndb_struct_na_base_pair_step.twist 
_ndb_struct_na_base_pair_step.x_displacement 
_ndb_struct_na_base_pair_step.y_displacement 
_ndb_struct_na_base_pair_step.helical_rise 
_ndb_struct_na_base_pair_step.inclination 
_ndb_struct_na_base_pair_step.tip 
_ndb_struct_na_base_pair_step.helical_twist 
_ndb_struct_na_base_pair_step.step_number 
_ndb_struct_na_base_pair_step.step_name 
_ndb_struct_na_base_pair_step.i_auth_asym_id_1 
_ndb_struct_na_base_pair_step.i_auth_seq_id_1 
_ndb_struct_na_base_pair_step.i_PDB_ins_code_1 
_ndb_struct_na_base_pair_step.j_auth_asym_id_1 
_ndb_struct_na_base_pair_step.j_auth_seq_id_1 
_ndb_struct_na_base_pair_step.j_PDB_ins_code_1 
_ndb_struct_na_base_pair_step.i_auth_asym_id_2 
_ndb_struct_na_base_pair_step.i_auth_seq_id_2 
_ndb_struct_na_base_pair_step.i_PDB_ins_code_2 
_ndb_struct_na_base_pair_step.j_auth_asym_id_2 
_ndb_struct_na_base_pair_step.j_auth_seq_id_2 
_ndb_struct_na_base_pair_step.j_PDB_ins_code_2 
1 A DA 1  1_555 B DG 11 1_555 A DC 2  1_555 B DG 10 1_555 0.596  -1.097 2.511 -0.675 -11.236 74.798 -0.629 -0.502 2.626 -9.200  
0.553   75.518 1 AA_DA1DC2:DG22DG23_BB   A 1  ? B 23 ? A 2  ? B 22 ? 
1 A DC 2  1_555 B DG 10 1_555 A DG 4  1_555 B DC 9  1_555 0.632  3.051  5.869 3.859  -0.086  17.073 10.123 2.191  5.850 -0.285  
-12.786 17.501 2 AA_DC2DG4:DC21DG22_BB   A 2  ? B 22 ? A 4  ? B 21 ? 
1 A DG 4  1_555 B DC 9  1_555 A DG 5  1_555 B DC 8  1_555 -1.720 0.372  2.781 -9.136 10.135  21.670 -1.982 1.343  3.116 24.121  
21.743  25.564 3 AA_DG4DG5:DC20DC21_BB   A 4  ? B 21 ? A 5  ? B 20 ? 
1 A DG 5  1_555 B DC 8  1_555 A DC 6  1_555 B DG 7  1_555 -0.400 0.614  3.336 4.590  -10.623 37.195 2.201  1.154  2.988 -16.181 
-6.992  38.892 4 AA_DG5DC6:DG19DC20_BB   A 5  ? B 20 ? A 6  ? B 19 ? 
1 A DC 6  1_555 B DG 7  1_555 A DG 7  1_555 B DC 6  1_555 0.973  1.453  3.937 -4.003 6.698   46.416 1.147  -1.621 4.005 8.428   
5.037   47.032 5 AA_DC6DG7:DC18DG19_BB   A 6  ? B 19 ? A 7  ? B 18 ? 
1 A DG 7  1_555 B DC 6  1_555 A DC 8  1_555 B DG 4  1_555 -1.038 -0.116 5.328 -7.483 -3.195  49.332 0.246  0.331  5.418 -3.797  
8.896   49.957 6 AA_DG7DC8:DG16DC18_BB   A 7  ? B 18 ? A 8  ? B 16 ? 
1 A DC 8  1_555 B DG 4  1_555 A DC 9  1_555 B DT 3  1_555 1.870  0.671  3.506 1.229  -3.605  37.473 1.540  -2.726 3.486 -5.593  
-1.907  37.659 7 AA_DC8DC9:DT15DG16_BB   A 8  ? B 16 ? A 9  ? B 15 ? 
1 A DC 9  1_555 B DT 3  1_555 A DA 10 1_555 B DG 2  1_555 -1.503 0.675  3.315 0.023  2.363   35.708 0.751  2.450  3.351 3.848   
-0.038  35.784 8 AA_DC9DA10:DG14DT15_BB  A 9  ? B 15 ? A 10 ? B 14 ? 
1 A DA 10 1_555 B DG 2  1_555 A DC 11 1_555 B DT 1  1_555 -1.246 -0.894 3.736 -7.104 -6.357  31.509 -0.262 0.730  4.014 -11.384 
12.722  32.884 9 AA_DA10DC11:DT13DG14_BB A 10 ? B 14 ? A 11 ? B 13 ? 
# 
_atom_sites.entry_id                    1QP5 
_atom_sites.fract_transf_matrix[1][1]   0.01033754 
_atom_sites.fract_transf_matrix[1][2]   -0.00428398 
_atom_sites.fract_transf_matrix[1][3]   -0.01348401 
_atom_sites.fract_transf_matrix[2][1]   0.00128134 
_atom_sites.fract_transf_matrix[2][2]   -0.01671703 
_atom_sites.fract_transf_matrix[2][3]   -0.00509114 
_atom_sites.fract_transf_matrix[3][1]   -0.01625701 
_atom_sites.fract_transf_matrix[3][2]   0.00282276 
_atom_sites.fract_transf_matrix[3][3]   -0.01336028 
_atom_sites.fract_transf_vector[1]      0.064930 
_atom_sites.fract_transf_vector[2]      0.368042 
_atom_sites.fract_transf_vector[3]      -0.006224 
# 
loop_
_atom_type.symbol 
C  
MG 
N  
O  
P  
# 
loop_
_atom_site.group_PDB 
_atom_site.id 
_atom_site.type_symbol 
_atom_site.label_atom_id 
_atom_site.label_alt_id 
_atom_site.label_comp_id 
_atom_site.label_asym_id 
_atom_site.label_entity_id 
_atom_site.label_seq_id 
_atom_site.pdbx_PDB_ins_code 
_atom_site.Cartn_x 
_atom_site.Cartn_y 
_atom_site.Cartn_z 
_atom_site.occupancy 
_atom_site.B_iso_or_equiv 
_atom_site.pdbx_formal_charge 
_atom_site.auth_seq_id 
_atom_site.auth_comp_id 
_atom_site.auth_asym_id 
_atom_site.auth_atom_id 
_atom_site.pdbx_PDB_model_num 
ATOM   1   O  "O5'" . DA  A 1 1  ? -20.484 -5.962  5.264   1.00 12.53 ? 1   DA  A "O5'" 1 
ATOM   2   C  "C5'" . DA  A 1 1  ? -19.941 -4.969  6.129   1.00 20.87 ? 1   DA  A "C5'" 1 
ATOM   3   C  "C4'" . DA  A 1 1  ? -19.162 -5.454  7.310   1.00 19.57 ? 1   DA  A "C4'" 1 
ATOM   4   O  "O4'" . DA  A 1 1  ? -18.258 -6.552  7.077   1.00 23.37 ? 1   DA  A "O4'" 1 
ATOM   5   C  "C3'" . DA  A 1 1  ? -18.160 -4.381  7.767   1.00 14.49 ? 1   DA  A "C3'" 1 
ATOM   6   O  "O3'" . DA  A 1 1  ? -17.524 -4.838  8.977   1.00 24.21 ? 1   DA  A "O3'" 1 
ATOM   7   C  "C2'" . DA  A 1 1  ? -17.155 -4.553  6.605   1.00 25.80 ? 1   DA  A "C2'" 1 
ATOM   8   C  "C1'" . DA  A 1 1  ? -16.971 -6.079  6.711   1.00 20.90 ? 1   DA  A "C1'" 1 
ATOM   9   N  N9    . DA  A 1 1  ? -16.871 -6.526  5.298   1.00 26.85 ? 1   DA  A N9    1 
ATOM   10  C  C8    . DA  A 1 1  ? -17.725 -6.185  4.276   1.00 31.02 ? 1   DA  A C8    1 
ATOM   11  N  N7    . DA  A 1 1  ? -17.412 -6.738  3.127   1.00 40.32 ? 1   DA  A N7    1 
ATOM   12  C  C5    . DA  A 1 1  ? -16.288 -7.504  3.431   1.00 35.34 ? 1   DA  A C5    1 
ATOM   13  C  C6    . DA  A 1 1  ? -15.489 -8.353  2.630   1.00 30.84 ? 1   DA  A C6    1 
ATOM   14  N  N6    . DA  A 1 1  ? -15.706 -8.581  1.342   1.00 33.32 ? 1   DA  A N6    1 
ATOM   15  N  N1    . DA  A 1 1  ? -14.463 -8.956  3.297   1.00 34.97 ? 1   DA  A N1    1 
ATOM   16  C  C2    . DA  A 1 1  ? -14.240 -8.750  4.619   1.00 31.77 ? 1   DA  A C2    1 
ATOM   17  N  N3    . DA  A 1 1  ? -14.939 -7.963  5.434   1.00 26.18 ? 1   DA  A N3    1 
ATOM   18  C  C4    . DA  A 1 1  ? -15.958 -7.389  4.768   1.00 33.16 ? 1   DA  A C4    1 
ATOM   19  P  P     . DC  A 1 2  ? -16.162 -4.095  9.393   1.00 28.17 ? 2   DC  A P     1 
ATOM   20  O  OP1   . DC  A 1 2  ? -16.432 -3.566  10.754  1.00 32.66 ? 2   DC  A OP1   1 
ATOM   21  O  OP2   . DC  A 1 2  ? -15.860 -3.030  8.389   1.00 34.45 ? 2   DC  A OP2   1 
ATOM   22  O  "O5'" . DC  A 1 2  ? -15.061 -5.266  9.356   1.00 31.90 ? 2   DC  A "O5'" 1 
ATOM   23  C  "C5'" . DC  A 1 2  ? -14.126 -5.272  10.476  1.00 29.61 ? 2   DC  A "C5'" 1 
ATOM   24  C  "C4'" . DC  A 1 2  ? -13.040 -6.269  10.171  1.00 27.70 ? 2   DC  A "C4'" 1 
ATOM   25  O  "O4'" . DC  A 1 2  ? -13.228 -6.768  8.836   1.00 20.82 ? 2   DC  A "O4'" 1 
ATOM   26  C  "C3'" . DC  A 1 2  ? -11.619 -5.779  10.274  1.00 25.70 ? 2   DC  A "C3'" 1 
ATOM   27  O  "O3'" . DC  A 1 2  ? -10.955 -6.323  11.423  1.00 32.43 ? 2   DC  A "O3'" 1 
ATOM   28  C  "C2'" . DC  A 1 2  ? -10.985 -6.124  8.935   1.00 18.24 ? 2   DC  A "C2'" 1 
ATOM   29  C  "C1'" . DC  A 1 2  ? -11.949 -7.090  8.310   1.00 18.26 ? 2   DC  A "C1'" 1 
ATOM   30  N  N1    . DC  A 1 2  ? -12.131 -6.821  6.868   1.00 22.49 ? 2   DC  A N1    1 
ATOM   31  C  C2    . DC  A 1 2  ? -11.754 -7.813  5.982   1.00 29.08 ? 2   DC  A C2    1 
ATOM   32  O  O2    . DC  A 1 2  ? -11.207 -8.840  6.386   1.00 32.64 ? 2   DC  A O2    1 
ATOM   33  N  N3    . DC  A 1 2  ? -11.977 -7.587  4.649   1.00 21.02 ? 2   DC  A N3    1 
ATOM   34  C  C4    . DC  A 1 2  ? -12.595 -6.455  4.217   1.00 23.54 ? 2   DC  A C4    1 
ATOM   35  N  N4    . DC  A 1 2  ? -12.792 -6.283  2.914   1.00 17.97 ? 2   DC  A N4    1 
ATOM   36  C  C5    . DC  A 1 2  ? -12.997 -5.460  5.149   1.00 24.12 ? 2   DC  A C5    1 
ATOM   37  C  C6    . DC  A 1 2  ? -12.776 -5.697  6.454   1.00 17.63 ? 2   DC  A C6    1 
ATOM   38  P  P     . DC  A 1 3  ? -9.612  -5.625  11.965  1.00 39.27 ? 3   DC  A P     1 
ATOM   39  O  OP1   . DC  A 1 3  ? -9.624  -5.752  13.419  1.00 48.63 ? 3   DC  A OP1   1 
ATOM   40  O  OP2   . DC  A 1 3  ? -9.567  -4.170  11.537  1.00 60.52 ? 3   DC  A OP2   1 
ATOM   41  O  "O5'" . DC  A 1 3  ? -8.447  -6.462  11.232  1.00 41.90 ? 3   DC  A "O5'" 1 
ATOM   42  C  "C5'" . DC  A 1 3  ? -8.694  -7.854  10.893  1.00 39.09 ? 3   DC  A "C5'" 1 
ATOM   43  C  "C4'" . DC  A 1 3  ? -7.777  -8.176  9.725   1.00 32.22 ? 3   DC  A "C4'" 1 
ATOM   44  O  "O4'" . DC  A 1 3  ? -8.506  -7.910  8.511   1.00 31.70 ? 3   DC  A "O4'" 1 
ATOM   45  C  "C3'" . DC  A 1 3  ? -6.574  -7.231  9.636   1.00 23.48 ? 3   DC  A "C3'" 1 
ATOM   46  O  "O3'" . DC  A 1 3  ? -5.520  -7.690  10.463  1.00 22.86 ? 3   DC  A "O3'" 1 
ATOM   47  C  "C2'" . DC  A 1 3  ? -6.322  -7.036  8.157   1.00 8.82  ? 3   DC  A "C2'" 1 
ATOM   48  C  "C1'" . DC  A 1 3  ? -7.558  -7.612  7.496   1.00 19.51 ? 3   DC  A "C1'" 1 
ATOM   49  N  N1    . DC  A 1 3  ? -8.171  -6.698  6.521   1.00 6.78  ? 3   DC  A N1    1 
ATOM   50  C  C2    . DC  A 1 3  ? -8.456  -7.219  5.275   1.00 13.15 ? 3   DC  A C2    1 
ATOM   51  O  O2    . DC  A 1 3  ? -8.178  -8.384  5.004   1.00 19.25 ? 3   DC  A O2    1 
ATOM   52  N  N3    . DC  A 1 3  ? -9.037  -6.394  4.345   1.00 26.13 ? 3   DC  A N3    1 
ATOM   53  C  C4    . DC  A 1 3  ? -9.359  -5.103  4.637   1.00 28.51 ? 3   DC  A C4    1 
ATOM   54  N  N4    . DC  A 1 3  ? -9.926  -4.353  3.681   1.00 27.32 ? 3   DC  A N4    1 
ATOM   55  C  C5    . DC  A 1 3  ? -9.089  -4.579  5.930   1.00 25.45 ? 3   DC  A C5    1 
ATOM   56  C  C6    . DC  A 1 3  ? -8.514  -5.410  6.820   1.00 26.27 ? 3   DC  A C6    1 
ATOM   57  P  P     . DG  A 1 4  ? -3.987  -7.551  10.296  1.00 25.01 ? 4   DG  A P     1 
ATOM   58  O  OP1   . DG  A 1 4  ? -3.380  -8.734  10.998  1.00 16.00 ? 4   DG  A OP1   1 
ATOM   59  O  OP2   . DG  A 1 4  ? -3.365  -6.297  10.777  1.00 37.45 ? 4   DG  A OP2   1 
ATOM   60  O  "O5'" . DG  A 1 4  ? -3.854  -7.654  8.667   1.00 17.98 ? 4   DG  A "O5'" 1 
ATOM   61  C  "C5'" . DG  A 1 4  ? -4.181  -8.952  8.095   1.00 23.47 ? 4   DG  A "C5'" 1 
ATOM   62  C  "C4'" . DG  A 1 4  ? -3.243  -9.113  6.914   1.00 30.07 ? 4   DG  A "C4'" 1 
ATOM   63  O  "O4'" . DG  A 1 4  ? -3.856  -8.597  5.732   1.00 34.66 ? 4   DG  A "O4'" 1 
ATOM   64  C  "C3'" . DG  A 1 4  ? -1.931  -8.354  7.049   1.00 25.84 ? 4   DG  A "C3'" 1 
ATOM   65  O  "O3'" . DG  A 1 4  ? -0.842  -9.185  6.731   1.00 31.52 ? 4   DG  A "O3'" 1 
ATOM   66  C  "C2'" . DG  A 1 4  ? -2.183  -7.077  6.286   1.00 17.40 ? 4   DG  A "C2'" 1 
ATOM   67  C  "C1'" . DG  A 1 4  ? -3.247  -7.434  5.229   1.00 15.32 ? 4   DG  A "C1'" 1 
ATOM   68  N  N9    . DG  A 1 4  ? -4.106  -6.232  5.189   1.00 4.24  ? 4   DG  A N9    1 
ATOM   69  C  C8    . DG  A 1 4  ? -4.289  -5.389  6.264   1.00 9.90  ? 4   DG  A C8    1 
ATOM   70  N  N7    . DG  A 1 4  ? -5.041  -4.357  6.004   1.00 16.27 ? 4   DG  A N7    1 
ATOM   71  C  C5    . DG  A 1 4  ? -5.393  -4.525  4.662   1.00 17.88 ? 4   DG  A C5    1 
ATOM   72  C  C6    . DG  A 1 4  ? -6.208  -3.733  3.800   1.00 12.88 ? 4   DG  A C6    1 
ATOM   73  O  O6    . DG  A 1 4  ? -6.781  -2.706  4.191   1.00 24.29 ? 4   DG  A O6    1 
ATOM   74  N  N1    . DG  A 1 4  ? -6.282  -4.128  2.467   1.00 5.44  ? 4   DG  A N1    1 
ATOM   75  C  C2    . DG  A 1 4  ? -5.720  -5.340  2.148   1.00 5.98  ? 4   DG  A C2    1 
ATOM   76  N  N2    . DG  A 1 4  ? -5.920  -5.702  0.871   1.00 17.92 ? 4   DG  A N2    1 
ATOM   77  N  N3    . DG  A 1 4  ? -4.936  -6.132  2.905   1.00 7.55  ? 4   DG  A N3    1 
ATOM   78  C  C4    . DG  A 1 4  ? -4.813  -5.666  4.155   1.00 15.80 ? 4   DG  A C4    1 
ATOM   79  P  P     . DG  A 1 5  ? 0.623   -8.999  6.372   1.00 43.98 ? 5   DG  A P     1 
ATOM   80  O  OP1   . DG  A 1 5  ? 1.426   -9.391  7.549   1.00 26.29 ? 5   DG  A OP1   1 
ATOM   81  O  OP2   . DG  A 1 5  ? 1.001   -7.560  5.945   1.00 58.07 ? 5   DG  A OP2   1 
ATOM   82  O  "O5'" . DG  A 1 5  ? 0.809   -9.896  5.005   1.00 39.91 ? 5   DG  A "O5'" 1 
ATOM   83  C  "C5'" . DG  A 1 5  ? -0.207  -9.730  3.987   1.00 32.63 ? 5   DG  A "C5'" 1 
ATOM   84  C  "C4'" . DG  A 1 5  ? 0.336   -9.811  2.583   1.00 32.57 ? 5   DG  A "C4'" 1 
ATOM   85  O  "O4'" . DG  A 1 5  ? -0.545  -9.013  1.743   1.00 20.68 ? 5   DG  A "O4'" 1 
ATOM   86  C  "C3'" . DG  A 1 5  ? 1.712   -9.215  2.329   1.00 29.18 ? 5   DG  A "C3'" 1 
ATOM   87  O  "O3'" . DG  A 1 5  ? 2.196   -9.703  1.068   1.00 31.18 ? 5   DG  A "O3'" 1 
ATOM   88  C  "C2'" . DG  A 1 5  ? 1.351   -7.736  2.272   1.00 24.36 ? 5   DG  A "C2'" 1 
ATOM   89  C  "C1'" . DG  A 1 5  ? 0.054   -7.778  1.454   1.00 15.76 ? 5   DG  A "C1'" 1 
ATOM   90  N  N9    . DG  A 1 5  ? -0.702  -6.595  1.914   1.00 14.98 ? 5   DG  A N9    1 
ATOM   91  C  C8    . DG  A 1 5  ? -0.745  -6.083  3.188   1.00 18.64 ? 5   DG  A C8    1 
ATOM   92  N  N7    . DG  A 1 5  ? -1.502  -5.021  3.301   1.00 23.92 ? 5   DG  A N7    1 
ATOM   93  C  C5    . DG  A 1 5  ? -1.980  -4.807  2.005   1.00 23.32 ? 5   DG  A C5    1 
ATOM   94  C  C6    . DG  A 1 5  ? -2.851  -3.818  1.470   1.00 15.04 ? 5   DG  A C6    1 
ATOM   95  O  O6    . DG  A 1 5  ? -3.392  -2.889  2.071   1.00 29.67 ? 5   DG  A O6    1 
ATOM   96  N  N1    . DG  A 1 5  ? -3.108  -3.930  0.121   1.00 5.54  ? 5   DG  A N1    1 
ATOM   97  C  C2    . DG  A 1 5  ? -2.552  -4.930  -0.618  1.00 15.11 ? 5   DG  A C2    1 
ATOM   98  N  N2    . DG  A 1 5  ? -2.903  -4.898  -1.913  1.00 22.35 ? 5   DG  A N2    1 
ATOM   99  N  N3    . DG  A 1 5  ? -1.740  -5.896  -0.171  1.00 21.23 ? 5   DG  A N3    1 
ATOM   100 C  C4    . DG  A 1 5  ? -1.490  -5.769  1.145   1.00 22.39 ? 5   DG  A C4    1 
ATOM   101 P  P     . DC  A 1 6  ? 3.479   -9.419  0.263   1.00 38.42 ? 6   DC  A P     1 
ATOM   102 O  OP1   . DC  A 1 6  ? 3.858   -10.787 -0.316  1.00 37.55 ? 6   DC  A OP1   1 
ATOM   103 O  OP2   . DC  A 1 6  ? 4.645   -8.853  0.992   1.00 26.68 ? 6   DC  A OP2   1 
ATOM   104 O  "O5'" . DC  A 1 6  ? 3.001   -8.442  -0.947  1.00 34.64 ? 6   DC  A "O5'" 1 
ATOM   105 C  "C5'" . DC  A 1 6  ? 1.711   -8.741  -1.566  1.00 33.31 ? 6   DC  A "C5'" 1 
ATOM   106 C  "C4'" . DC  A 1 6  ? 1.699   -8.072  -2.938  1.00 33.64 ? 6   DC  A "C4'" 1 
ATOM   107 O  "O4'" . DC  A 1 6  ? 1.036   -6.800  -2.804  1.00 10.25 ? 6   DC  A "O4'" 1 
ATOM   108 C  "C3'" . DC  A 1 6  ? 3.105   -7.714  -3.427  1.00 26.71 ? 6   DC  A "C3'" 1 
ATOM   109 O  "O3'" . DC  A 1 6  ? 3.018   -7.412  -4.837  1.00 26.40 ? 6   DC  A "O3'" 1 
ATOM   110 C  "C2'" . DC  A 1 6  ? 3.361   -6.430  -2.630  1.00 24.99 ? 6   DC  A "C2'" 1 
ATOM   111 C  "C1'" . DC  A 1 6  ? 2.002   -5.775  -2.768  1.00 14.96 ? 6   DC  A "C1'" 1 
ATOM   112 N  N1    . DC  A 1 6  ? 1.723   -4.882  -1.627  1.00 10.01 ? 6   DC  A N1    1 
ATOM   113 C  C2    . DC  A 1 6  ? 0.633   -4.038  -1.805  1.00 19.94 ? 6   DC  A C2    1 
ATOM   114 O  O2    . DC  A 1 6  ? -0.008  -4.052  -2.862  1.00 18.30 ? 6   DC  A O2    1 
ATOM   115 N  N3    . DC  A 1 6  ? 0.286   -3.214  -0.767  1.00 17.25 ? 6   DC  A N3    1 
ATOM   116 C  C4    . DC  A 1 6  ? 1.000   -3.208  0.394   1.00 19.53 ? 6   DC  A C4    1 
ATOM   117 N  N4    . DC  A 1 6  ? 0.626   -2.357  1.357   1.00 24.56 ? 6   DC  A N4    1 
ATOM   118 C  C5    . DC  A 1 6  ? 2.121   -4.068  0.555   1.00 12.38 ? 6   DC  A C5    1 
ATOM   119 C  C6    . DC  A 1 6  ? 2.430   -4.877  -0.464  1.00 8.44  ? 6   DC  A C6    1 
ATOM   120 P  P     . DG  A 1 7  ? 4.240   -6.585  -5.497  1.00 42.80 ? 7   DG  A P     1 
ATOM   121 O  OP1   . DG  A 1 7  ? 4.704   -7.473  -6.586  1.00 41.54 ? 7   DG  A OP1   1 
ATOM   122 O  OP2   . DG  A 1 7  ? 5.301   -6.361  -4.414  1.00 28.78 ? 7   DG  A OP2   1 
ATOM   123 O  "O5'" . DG  A 1 7  ? 3.602   -5.222  -5.930  1.00 39.83 ? 7   DG  A "O5'" 1 
ATOM   124 C  "C5'" . DG  A 1 7  ? 3.172   -4.951  -7.280  1.00 46.66 ? 7   DG  A "C5'" 1 
ATOM   125 C  "C4'" . DG  A 1 7  ? 2.780   -3.503  -7.321  1.00 48.92 ? 7   DG  A "C4'" 1 
ATOM   126 O  "O4'" . DG  A 1 7  ? 2.543   -2.952  -6.009  1.00 51.53 ? 7   DG  A "O4'" 1 
ATOM   127 C  "C3'" . DG  A 1 7  ? 3.695   -2.516  -8.016  1.00 48.68 ? 7   DG  A "C3'" 1 
ATOM   128 O  "O3'" . DG  A 1 7  ? 2.943   -1.560  -8.769  1.00 39.22 ? 7   DG  A "O3'" 1 
ATOM   129 C  "C2'" . DG  A 1 7  ? 4.469   -1.919  -6.833  1.00 40.12 ? 7   DG  A "C2'" 1 
ATOM   130 C  "C1'" . DG  A 1 7  ? 3.375   -1.841  -5.776  1.00 41.59 ? 7   DG  A "C1'" 1 
ATOM   131 N  N9    . DG  A 1 7  ? 3.985   -1.831  -4.437  1.00 43.98 ? 7   DG  A N9    1 
ATOM   132 C  C8    . DG  A 1 7  ? 5.050   -2.577  -3.998  1.00 47.85 ? 7   DG  A C8    1 
ATOM   133 N  N7    . DG  A 1 7  ? 5.374   -2.357  -2.752  1.00 45.54 ? 7   DG  A N7    1 
ATOM   134 C  C5    . DG  A 1 7  ? 4.448   -1.401  -2.335  1.00 40.99 ? 7   DG  A C5    1 
ATOM   135 C  C6    . DG  A 1 7  ? 4.278   -0.748  -1.085  1.00 47.74 ? 7   DG  A C6    1 
ATOM   136 O  O6    . DG  A 1 7  ? 4.932   -0.891  -0.056  1.00 54.67 ? 7   DG  A O6    1 
ATOM   137 N  N1    . DG  A 1 7  ? 3.239   0.146   -1.061  1.00 47.13 ? 7   DG  A N1    1 
ATOM   138 C  C2    . DG  A 1 7  ? 2.460   0.400   -2.147  1.00 46.61 ? 7   DG  A C2    1 
ATOM   139 N  N2    . DG  A 1 7  ? 1.500   1.304   -1.925  1.00 47.19 ? 7   DG  A N2    1 
ATOM   140 N  N3    . DG  A 1 7  ? 2.584   -0.184  -3.342  1.00 42.54 ? 7   DG  A N3    1 
ATOM   141 C  C4    . DG  A 1 7  ? 3.600   -1.069  -3.365  1.00 41.09 ? 7   DG  A C4    1 
ATOM   142 P  P     . DC  A 1 8  ? 3.892   -0.458  -9.579  1.00 39.72 ? 8   DC  A P     1 
ATOM   143 O  OP1   . DC  A 1 8  ? 3.509   -0.432  -11.015 1.00 27.21 ? 8   DC  A OP1   1 
ATOM   144 O  OP2   . DC  A 1 8  ? 5.354   -0.505  -9.347  1.00 36.92 ? 8   DC  A OP2   1 
ATOM   145 O  "O5'" . DC  A 1 8  ? 3.230   0.780   -8.745  1.00 33.20 ? 8   DC  A "O5'" 1 
ATOM   146 C  "C5'" . DC  A 1 8  ? 1.791   0.939   -8.919  1.00 37.74 ? 8   DC  A "C5'" 1 
ATOM   147 C  "C4'" . DC  A 1 8  ? 1.452   2.365   -8.542  1.00 32.20 ? 8   DC  A "C4'" 1 
ATOM   148 O  "O4'" . DC  A 1 8  ? 1.681   2.537   -7.124  1.00 36.84 ? 8   DC  A "O4'" 1 
ATOM   149 C  "C3'" . DC  A 1 8  ? 2.322   3.396   -9.233  1.00 28.91 ? 8   DC  A "C3'" 1 
ATOM   150 O  "O3'" . DC  A 1 8  ? 1.663   4.623   -9.521  1.00 29.30 ? 8   DC  A "O3'" 1 
ATOM   151 C  "C2'" . DC  A 1 8  ? 3.488   3.522   -8.254  1.00 28.34 ? 8   DC  A "C2'" 1 
ATOM   152 C  "C1'" . DC  A 1 8  ? 2.750   3.411   -6.915  1.00 24.25 ? 8   DC  A "C1'" 1 
ATOM   153 N  N1    . DC  A 1 8  ? 3.760   2.910   -5.960  1.00 23.84 ? 8   DC  A N1    1 
ATOM   154 C  C2    . DC  A 1 8  ? 3.749   3.497   -4.709  1.00 21.10 ? 8   DC  A C2    1 
ATOM   155 O  O2    . DC  A 1 8  ? 2.904   4.338   -4.400  1.00 29.82 ? 8   DC  A O2    1 
ATOM   156 N  N3    . DC  A 1 8  ? 4.701   3.090   -3.820  1.00 23.30 ? 8   DC  A N3    1 
ATOM   157 C  C4    . DC  A 1 8  ? 5.632   2.148   -4.127  1.00 29.28 ? 8   DC  A C4    1 
ATOM   158 N  N4    . DC  A 1 8  ? 6.525   1.828   -3.185  1.00 28.48 ? 8   DC  A N4    1 
ATOM   159 C  C5    . DC  A 1 8  ? 5.641   1.570   -5.427  1.00 24.84 ? 8   DC  A C5    1 
ATOM   160 C  C6    . DC  A 1 8  ? 4.700   1.977   -6.291  1.00 19.82 ? 8   DC  A C6    1 
ATOM   161 P  P     . DC  A 1 9  ? 2.627   5.884   -9.864  1.00 31.71 ? 9   DC  A P     1 
ATOM   162 O  OP1   . DC  A 1 9  ? 1.744   6.831   -10.545 1.00 31.12 ? 9   DC  A OP1   1 
ATOM   163 O  OP2   . DC  A 1 9  ? 3.800   5.419   -10.671 1.00 28.15 ? 9   DC  A OP2   1 
ATOM   164 O  "O5'" . DC  A 1 9  ? 3.104   6.323   -8.377  1.00 33.28 ? 9   DC  A "O5'" 1 
ATOM   165 C  "C5'" . DC  A 1 9  ? 2.290   7.344   -7.731  1.00 32.05 ? 9   DC  A "C5'" 1 
ATOM   166 C  "C4'" . DC  A 1 9  ? 3.050   7.830   -6.525  1.00 34.35 ? 9   DC  A "C4'" 1 
ATOM   167 O  "O4'" . DC  A 1 9  ? 3.827   6.777   -5.936  1.00 29.39 ? 9   DC  A "O4'" 1 
ATOM   168 C  "C3'" . DC  A 1 9  ? 4.025   8.957   -6.817  1.00 34.36 ? 9   DC  A "C3'" 1 
ATOM   169 O  "O3'" . DC  A 1 9  ? 3.400   10.216  -6.725  1.00 47.49 ? 9   DC  A "O3'" 1 
ATOM   170 C  "C2'" . DC  A 1 9  ? 5.133   8.708   -5.800  1.00 38.05 ? 9   DC  A "C2'" 1 
ATOM   171 C  "C1'" . DC  A 1 9  ? 4.871   7.351   -5.161  1.00 35.47 ? 9   DC  A "C1'" 1 
ATOM   172 N  N1    . DC  A 1 9  ? 6.067   6.485   -5.334  1.00 41.08 ? 9   DC  A N1    1 
ATOM   173 C  C2    . DC  A 1 9  ? 6.812   6.088   -4.236  1.00 45.10 ? 9   DC  A C2    1 
ATOM   174 O  O2    . DC  A 1 9  ? 6.478   6.507   -3.120  1.00 43.40 ? 9   DC  A O2    1 
ATOM   175 N  N3    . DC  A 1 9  ? 7.916   5.285   -4.424  1.00 35.23 ? 9   DC  A N3    1 
ATOM   176 C  C4    . DC  A 1 9  ? 8.214   4.860   -5.700  1.00 48.49 ? 9   DC  A C4    1 
ATOM   177 N  N4    . DC  A 1 9  ? 9.241   4.065   -6.017  1.00 41.63 ? 9   DC  A N4    1 
ATOM   178 C  C5    . DC  A 1 9  ? 7.429   5.261   -6.822  1.00 47.46 ? 9   DC  A C5    1 
ATOM   179 C  C6    . DC  A 1 9  ? 6.377   6.061   -6.593  1.00 42.56 ? 9   DC  A C6    1 
ATOM   180 P  P     . DA  A 1 10 ? 2.965   11.527  -7.393  1.00 44.75 ? 10  DA  A P     1 
ATOM   181 O  OP1   . DA  A 1 10 ? 1.648   11.321  -8.048  1.00 37.57 ? 10  DA  A OP1   1 
ATOM   182 O  OP2   . DA  A 1 10 ? 3.999   12.106  -8.304  1.00 39.15 ? 10  DA  A OP2   1 
ATOM   183 O  "O5'" . DA  A 1 10 ? 2.784   12.529  -6.071  1.00 26.27 ? 10  DA  A "O5'" 1 
ATOM   184 C  "C5'" . DA  A 1 10 ? 4.004   12.550  -5.305  1.00 26.25 ? 10  DA  A "C5'" 1 
ATOM   185 C  "C4'" . DA  A 1 10 ? 3.790   13.147  -3.938  1.00 31.71 ? 10  DA  A "C4'" 1 
ATOM   186 O  "O4'" . DA  A 1 10 ? 4.330   12.185  -2.981  1.00 39.12 ? 10  DA  A "O4'" 1 
ATOM   187 C  "C3'" . DA  A 1 10 ? 4.604   14.387  -3.724  1.00 42.64 ? 10  DA  A "C3'" 1 
ATOM   188 O  "O3'" . DA  A 1 10 ? 4.157   15.188  -2.614  1.00 39.51 ? 10  DA  A "O3'" 1 
ATOM   189 C  "C2'" . DA  A 1 10 ? 6.000   13.829  -3.521  1.00 42.91 ? 10  DA  A "C2'" 1 
ATOM   190 C  "C1'" . DA  A 1 10 ? 5.713   12.490  -2.811  1.00 37.61 ? 10  DA  A "C1'" 1 
ATOM   191 N  N9    . DA  A 1 10 ? 6.505   11.555  -3.665  1.00 31.77 ? 10  DA  A N9    1 
ATOM   192 C  C8    . DA  A 1 10 ? 6.409   11.430  -5.026  1.00 30.26 ? 10  DA  A C8    1 
ATOM   193 N  N7    . DA  A 1 10 ? 7.208   10.532  -5.530  1.00 30.60 ? 10  DA  A N7    1 
ATOM   194 C  C5    . DA  A 1 10 ? 7.886   10.042  -4.416  1.00 29.06 ? 10  DA  A C5    1 
ATOM   195 C  C6    . DA  A 1 10 ? 8.889   9.047   -4.296  1.00 29.93 ? 10  DA  A C6    1 
ATOM   196 N  N6    . DA  A 1 10 ? 9.344   8.364   -5.339  1.00 22.54 ? 10  DA  A N6    1 
ATOM   197 N  N1    . DA  A 1 10 ? 9.345   8.833   -3.026  1.00 26.25 ? 10  DA  A N1    1 
ATOM   198 C  C2    . DA  A 1 10 ? 8.846   9.524   -1.966  1.00 26.65 ? 10  DA  A C2    1 
ATOM   199 N  N3    . DA  A 1 10 ? 7.907   10.470  -2.008  1.00 33.58 ? 10  DA  A N3    1 
ATOM   200 C  C4    . DA  A 1 10 ? 7.475   10.676  -3.264  1.00 27.91 ? 10  DA  A C4    1 
ATOM   201 P  P     . DC  A 1 11 ? 4.932   16.638  -2.623  1.00 40.01 ? 11  DC  A P     1 
ATOM   202 O  OP1   . DC  A 1 11 ? 3.868   17.596  -2.541  1.00 36.34 ? 11  DC  A OP1   1 
ATOM   203 O  OP2   . DC  A 1 11 ? 5.754   16.627  -3.932  1.00 22.55 ? 11  DC  A OP2   1 
ATOM   204 O  "O5'" . DC  A 1 11 ? 5.954   16.477  -1.409  1.00 29.31 ? 11  DC  A "O5'" 1 
ATOM   205 C  "C5'" . DC  A 1 11 ? 5.852   15.486  -0.379  1.00 25.70 ? 11  DC  A "C5'" 1 
ATOM   206 C  "C4'" . DC  A 1 11 ? 7.192   14.825  -0.187  1.00 32.79 ? 11  DC  A "C4'" 1 
ATOM   207 O  "O4'" . DC  A 1 11 ? 7.486   14.032  -1.379  1.00 40.08 ? 11  DC  A "O4'" 1 
ATOM   208 C  "C3'" . DC  A 1 11 ? 8.429   15.671  -0.064  1.00 28.24 ? 11  DC  A "C3'" 1 
ATOM   209 O  "O3'" . DC  A 1 11 ? 8.658   16.094  1.297   1.00 21.70 ? 11  DC  A "O3'" 1 
ATOM   210 C  "C2'" . DC  A 1 11 ? 9.541   14.746  -0.556  1.00 35.91 ? 11  DC  A "C2'" 1 
ATOM   211 C  "C1'" . DC  A 1 11 ? 8.795   13.571  -1.184  1.00 40.74 ? 11  DC  A "C1'" 1 
ATOM   212 N  N1    . DC  A 1 11 ? 9.569   13.041  -2.313  1.00 36.10 ? 11  DC  A N1    1 
ATOM   213 C  C2    . DC  A 1 11 ? 10.689  12.274  -1.990  1.00 35.76 ? 11  DC  A C2    1 
ATOM   214 O  O2    . DC  A 1 11 ? 10.987  12.032  -0.824  1.00 37.22 ? 11  DC  A O2    1 
ATOM   215 N  N3    . DC  A 1 11 ? 11.467  11.795  -3.007  1.00 35.32 ? 11  DC  A N3    1 
ATOM   216 C  C4    . DC  A 1 11 ? 11.172  12.051  -4.315  1.00 41.12 ? 11  DC  A C4    1 
ATOM   217 N  N4    . DC  A 1 11 ? 11.968  11.559  -5.269  1.00 29.33 ? 11  DC  A N4    1 
ATOM   218 C  C5    . DC  A 1 11 ? 10.026  12.832  -4.634  1.00 43.59 ? 11  DC  A C5    1 
ATOM   219 C  C6    . DC  A 1 11 ? 9.273   13.292  -3.621  1.00 33.41 ? 11  DC  A C6    1 
ATOM   220 P  P     . DA  A 1 12 ? 9.971   16.982  1.563   1.00 23.51 ? 12  DA  A P     1 
ATOM   221 O  OP1   . DA  A 1 12 ? 9.846   17.530  2.931   1.00 15.03 ? 12  DA  A OP1   1 
ATOM   222 O  OP2   . DA  A 1 12 ? 10.014  18.060  0.526   1.00 20.81 ? 12  DA  A OP2   1 
ATOM   223 O  "O5'" . DA  A 1 12 ? 11.173  15.908  1.423   1.00 11.82 ? 12  DA  A "O5'" 1 
ATOM   224 C  "C5'" . DA  A 1 12 ? 12.037  15.793  2.591   1.00 11.88 ? 12  DA  A "C5'" 1 
ATOM   225 C  "C4'" . DA  A 1 12 ? 13.169  14.866  2.321   1.00 20.25 ? 12  DA  A "C4'" 1 
ATOM   226 O  "O4'" . DA  A 1 12 ? 12.953  13.979  1.214   1.00 21.08 ? 12  DA  A "O4'" 1 
ATOM   227 C  "C3'" . DA  A 1 12 ? 14.593  15.346  2.185   1.00 17.92 ? 12  DA  A "C3'" 1 
ATOM   228 O  "O3'" . DA  A 1 12 ? 15.543  14.593  2.952   1.00 14.94 ? 12  DA  A "O3'" 1 
ATOM   229 C  "C2'" . DA  A 1 12 ? 14.880  15.189  0.689   1.00 5.40  ? 12  DA  A "C2'" 1 
ATOM   230 C  "C1'" . DA  A 1 12 ? 14.062  13.952  0.345   1.00 15.42 ? 12  DA  A "C1'" 1 
ATOM   231 N  N9    . DA  A 1 12 ? 13.656  14.117  -1.064  1.00 21.02 ? 12  DA  A N9    1 
ATOM   232 C  C8    . DA  A 1 12 ? 12.769  15.039  -1.549  1.00 32.42 ? 12  DA  A C8    1 
ATOM   233 N  N7    . DA  A 1 12 ? 12.621  15.002  -2.859  1.00 30.46 ? 12  DA  A N7    1 
ATOM   234 C  C5    . DA  A 1 12 ? 13.471  13.971  -3.243  1.00 25.77 ? 12  DA  A C5    1 
ATOM   235 C  C6    . DA  A 1 12 ? 13.754  13.431  -4.524  1.00 28.42 ? 12  DA  A C6    1 
ATOM   236 N  N6    . DA  A 1 12 ? 13.189  13.866  -5.645  1.00 27.28 ? 12  DA  A N6    1 
ATOM   237 N  N1    . DA  A 1 12 ? 14.666  12.413  -4.524  1.00 25.46 ? 12  DA  A N1    1 
ATOM   238 C  C2    . DA  A 1 12 ? 15.248  11.983  -3.378  1.00 26.61 ? 12  DA  A C2    1 
ATOM   239 N  N3    . DA  A 1 12 ? 15.026  12.439  -2.144  1.00 20.02 ? 12  DA  A N3    1 
ATOM   240 C  C4    . DA  A 1 12 ? 14.117  13.424  -2.153  1.00 19.11 ? 12  DA  A C4    1 
ATOM   241 O  "O5'" . DT  B 2 1  ? 19.085  6.604   -7.731  1.00 12.88 ? 13  DT  B "O5'" 1 
ATOM   242 C  "C5'" . DT  B 2 1  ? 20.452  6.342   -7.310  1.00 29.98 ? 13  DT  B "C5'" 1 
ATOM   243 C  "C4'" . DT  B 2 1  ? 20.346  5.807   -5.894  1.00 36.29 ? 13  DT  B "C4'" 1 
ATOM   244 O  "O4'" . DT  B 2 1  ? 19.424  6.677   -5.194  1.00 39.09 ? 13  DT  B "O4'" 1 
ATOM   245 C  "C3'" . DT  B 2 1  ? 19.672  4.435   -5.783  1.00 46.51 ? 13  DT  B "C3'" 1 
ATOM   246 O  "O3'" . DT  B 2 1  ? 19.964  3.917   -4.460  1.00 45.34 ? 13  DT  B "O3'" 1 
ATOM   247 C  "C2'" . DT  B 2 1  ? 18.179  4.803   -5.872  1.00 41.90 ? 13  DT  B "C2'" 1 
ATOM   248 C  "C1'" . DT  B 2 1  ? 18.173  6.033   -5.007  1.00 31.25 ? 13  DT  B "C1'" 1 
ATOM   249 N  N1    . DT  B 2 1  ? 17.096  6.985   -5.320  1.00 25.60 ? 13  DT  B N1    1 
ATOM   250 C  C2    . DT  B 2 1  ? 16.821  7.894   -4.307  1.00 29.67 ? 13  DT  B C2    1 
ATOM   251 O  O2    . DT  B 2 1  ? 17.400  7.835   -3.221  1.00 31.99 ? 13  DT  B O2    1 
ATOM   252 N  N3    . DT  B 2 1  ? 15.871  8.847   -4.551  1.00 29.77 ? 13  DT  B N3    1 
ATOM   253 C  C4    . DT  B 2 1  ? 15.221  8.940   -5.746  1.00 30.43 ? 13  DT  B C4    1 
ATOM   254 O  O4    . DT  B 2 1  ? 14.371  9.867   -5.862  1.00 31.03 ? 13  DT  B O4    1 
ATOM   255 C  C5    . DT  B 2 1  ? 15.535  8.009   -6.775  1.00 30.84 ? 13  DT  B C5    1 
ATOM   256 C  C7    . DT  B 2 1  ? 14.836  8.085   -8.107  1.00 28.82 ? 13  DT  B C7    1 
ATOM   257 C  C6    . DT  B 2 1  ? 16.473  7.084   -6.525  1.00 26.33 ? 13  DT  B C6    1 
ATOM   258 P  P     . DG  B 2 2  ? 19.011  2.882   -3.697  1.00 38.04 ? 14  DG  B P     1 
ATOM   259 O  OP1   . DG  B 2 2  ? 19.979  1.882   -3.172  1.00 44.78 ? 14  DG  B OP1   1 
ATOM   260 O  OP2   . DG  B 2 2  ? 18.023  2.299   -4.685  1.00 31.41 ? 14  DG  B OP2   1 
ATOM   261 O  "O5'" . DG  B 2 2  ? 18.265  3.730   -2.566  1.00 35.30 ? 14  DG  B "O5'" 1 
ATOM   262 C  "C5'" . DG  B 2 2  ? 19.022  4.141   -1.404  1.00 35.77 ? 14  DG  B "C5'" 1 
ATOM   263 C  "C4'" . DG  B 2 2  ? 18.136  4.758   -0.374  1.00 28.89 ? 14  DG  B "C4'" 1 
ATOM   264 O  "O4'" . DG  B 2 2  ? 17.306  5.812   -0.886  1.00 28.28 ? 14  DG  B "O4'" 1 
ATOM   265 C  "C3'" . DG  B 2 2  ? 17.200  3.876   0.420   1.00 29.00 ? 14  DG  B "C3'" 1 
ATOM   266 O  "O3'" . DG  B 2 2  ? 16.980  4.449   1.745   1.00 29.94 ? 14  DG  B "O3'" 1 
ATOM   267 C  "C2'" . DG  B 2 2  ? 15.885  4.001   -0.361  1.00 20.36 ? 14  DG  B "C2'" 1 
ATOM   268 C  "C1'" . DG  B 2 2  ? 15.944  5.495   -0.694  1.00 17.57 ? 14  DG  B "C1'" 1 
ATOM   269 N  N9    . DG  B 2 2  ? 15.090  5.705   -1.877  1.00 9.62  ? 14  DG  B N9    1 
ATOM   270 C  C8    . DG  B 2 2  ? 15.045  4.942   -3.017  1.00 14.29 ? 14  DG  B C8    1 
ATOM   271 N  N7    . DG  B 2 2  ? 14.190  5.375   -3.907  1.00 10.63 ? 14  DG  B N7    1 
ATOM   272 C  C5    . DG  B 2 2  ? 13.625  6.498   -3.295  1.00 13.39 ? 14  DG  B C5    1 
ATOM   273 C  C6    . DG  B 2 2  ? 12.639  7.416   -3.749  1.00 13.13 ? 14  DG  B C6    1 
ATOM   274 O  O6    . DG  B 2 2  ? 12.052  7.378   -4.832  1.00 14.78 ? 14  DG  B O6    1 
ATOM   275 N  N1    . DG  B 2 2  ? 12.335  8.416   -2.869  1.00 7.38  ? 14  DG  B N1    1 
ATOM   276 C  C2    . DG  B 2 2  ? 12.954  8.519   -1.656  1.00 15.59 ? 14  DG  B C2    1 
ATOM   277 N  N2    . DG  B 2 2  ? 12.566  9.558   -0.904  1.00 18.06 ? 14  DG  B N2    1 
ATOM   278 N  N3    . DG  B 2 2  ? 13.899  7.699   -1.183  1.00 14.11 ? 14  DG  B N3    1 
ATOM   279 C  C4    . DG  B 2 2  ? 14.171  6.705   -2.052  1.00 8.13  ? 14  DG  B C4    1 
ATOM   280 P  P     . DT  B 2 3  ? 15.822  3.590   2.584   1.00 22.15 ? 15  DT  B P     1 
ATOM   281 O  OP1   . DT  B 2 3  ? 16.434  3.452   3.898   1.00 9.57  ? 15  DT  B OP1   1 
ATOM   282 O  OP2   . DT  B 2 3  ? 15.733  2.298   1.776   1.00 6.40  ? 15  DT  B OP2   1 
ATOM   283 O  "O5'" . DT  B 2 3  ? 14.524  4.431   2.404   1.00 12.95 ? 15  DT  B "O5'" 1 
ATOM   284 C  "C5'" . DT  B 2 3  ? 14.235  5.618   3.185   1.00 17.90 ? 15  DT  B "C5'" 1 
ATOM   285 C  "C4'" . DT  B 2 3  ? 12.787  5.972   2.934   1.00 24.57 ? 15  DT  B "C4'" 1 
ATOM   286 O  "O4'" . DT  B 2 3  ? 12.498  6.137   1.532   1.00 29.39 ? 15  DT  B "O4'" 1 
ATOM   287 C  "C3'" . DT  B 2 3  ? 11.748  4.956   3.415   1.00 22.93 ? 15  DT  B "C3'" 1 
ATOM   288 O  "O3'" . DT  B 2 3  ? 11.575  5.072   4.818   1.00 22.33 ? 15  DT  B "O3'" 1 
ATOM   289 C  "C2'" . DT  B 2 3  ? 10.551  5.348   2.537   1.00 21.79 ? 15  DT  B "C2'" 1 
ATOM   290 C  "C1'" . DT  B 2 3  ? 11.109  5.979   1.288   1.00 12.00 ? 15  DT  B "C1'" 1 
ATOM   291 N  N1    . DT  B 2 3  ? 10.894  5.311   -0.006  1.00 8.59  ? 15  DT  B N1    1 
ATOM   292 C  C2    . DT  B 2 3  ? 10.127  5.948   -0.974  1.00 2.26  ? 15  DT  B C2    1 
ATOM   293 O  O2    . DT  B 2 3  ? 9.598   7.030   -0.693  1.00 13.37 ? 15  DT  B O2    1 
ATOM   294 N  N3    . DT  B 2 3  ? 9.928   5.348   -2.198  1.00 2.00  ? 15  DT  B N3    1 
ATOM   295 C  C4    . DT  B 2 3  ? 10.567  4.171   -2.476  1.00 12.96 ? 15  DT  B C4    1 
ATOM   296 O  O4    . DT  B 2 3  ? 10.388  3.635   -3.606  1.00 14.07 ? 15  DT  B O4    1 
ATOM   297 C  C5    . DT  B 2 3  ? 11.376  3.521   -1.493  1.00 12.69 ? 15  DT  B C5    1 
ATOM   298 C  C7    . DT  B 2 3  ? 12.012  2.193   -1.800  1.00 2.00  ? 15  DT  B C7    1 
ATOM   299 C  C6    . DT  B 2 3  ? 11.517  4.130   -0.310  1.00 11.41 ? 15  DT  B C6    1 
ATOM   300 P  P     . DG  B 2 4  ? 11.408  4.355   6.149   1.00 22.87 ? 16  DG  B P     1 
ATOM   301 O  OP1   . DG  B 2 4  ? 12.438  4.917   7.116   1.00 23.95 ? 16  DG  B OP1   1 
ATOM   302 O  OP2   . DG  B 2 4  ? 11.478  2.872   6.162   1.00 20.77 ? 16  DG  B OP2   1 
ATOM   303 O  "O5'" . DG  B 2 4  ? 9.934   4.853   6.678   1.00 20.74 ? 16  DG  B "O5'" 1 
ATOM   304 C  "C5'" . DG  B 2 4  ? 9.740   6.215   7.142   1.00 5.82  ? 16  DG  B "C5'" 1 
ATOM   305 C  "C4'" . DG  B 2 4  ? 8.428   6.676   6.517   1.00 10.44 ? 16  DG  B "C4'" 1 
ATOM   306 O  "O4'" . DG  B 2 4  ? 8.589   6.401   5.103   1.00 14.07 ? 16  DG  B "O4'" 1 
ATOM   307 C  "C3'" . DG  B 2 4  ? 7.208   5.846   6.890   1.00 6.48  ? 16  DG  B "C3'" 1 
ATOM   308 O  "O3'" . DG  B 2 4  ? 6.523   5.919   8.032   1.00 7.48  ? 16  DG  B "O3'" 1 
ATOM   309 C  "C2'" . DG  B 2 4  ? 6.409   5.705   5.603   1.00 2.00  ? 16  DG  B "C2'" 1 
ATOM   310 C  "C1'" . DG  B 2 4  ? 7.308   6.232   4.508   1.00 2.00  ? 16  DG  B "C1'" 1 
ATOM   311 N  N9    . DG  B 2 4  ? 7.491   5.304   3.378   1.00 2.00  ? 16  DG  B N9    1 
ATOM   312 C  C8    . DG  B 2 4  ? 8.223   4.148   3.395   1.00 2.00  ? 16  DG  B C8    1 
ATOM   313 N  N7    . DG  B 2 4  ? 8.270   3.528   2.241   1.00 2.57  ? 16  DG  B N7    1 
ATOM   314 C  C5    . DG  B 2 4  ? 7.545   4.370   1.395   1.00 2.00  ? 16  DG  B C5    1 
ATOM   315 C  C6    . DG  B 2 4  ? 7.224   4.251   0.015   1.00 2.89  ? 16  DG  B C6    1 
ATOM   316 O  O6    . DG  B 2 4  ? 7.525   3.363   -0.785  1.00 9.19  ? 16  DG  B O6    1 
ATOM   317 N  N1    . DG  B 2 4  ? 6.463   5.278   -0.465  1.00 10.47 ? 16  DG  B N1    1 
ATOM   318 C  C2    . DG  B 2 4  ? 6.055   6.330   0.299   1.00 8.91  ? 16  DG  B C2    1 
ATOM   319 N  N2    . DG  B 2 4  ? 5.341   7.213   -0.404  1.00 6.31  ? 16  DG  B N2    1 
ATOM   320 N  N3    . DG  B 2 4  ? 6.324   6.482   1.597   1.00 5.01  ? 16  DG  B N3    1 
ATOM   321 C  C4    . DG  B 2 4  ? 7.074   5.471   2.079   1.00 2.37  ? 16  DG  B C4    1 
ATOM   322 P  P     . DG  B 2 5  ? 5.372   6.915   8.361   1.00 17.56 ? 17  DG  B P     1 
ATOM   323 O  OP1   . DG  B 2 5  ? 5.952   8.249   8.545   1.00 10.79 ? 17  DG  B OP1   1 
ATOM   324 O  OP2   . DG  B 2 5  ? 4.495   6.466   9.514   1.00 23.80 ? 17  DG  B OP2   1 
ATOM   325 O  "O5'" . DG  B 2 5  ? 4.357   6.865   7.072   1.00 11.03 ? 17  DG  B "O5'" 1 
ATOM   326 C  "C5'" . DG  B 2 5  ? 3.486   8.023   6.978   1.00 2.00  ? 17  DG  B "C5'" 1 
ATOM   327 C  "C4'" . DG  B 2 5  ? 2.795   7.911   5.617   1.00 7.25  ? 17  DG  B "C4'" 1 
ATOM   328 O  "O4'" . DG  B 2 5  ? 3.062   7.656   4.227   1.00 14.03 ? 17  DG  B "O4'" 1 
ATOM   329 C  "C3'" . DG  B 2 5  ? 1.333   7.582   5.801   1.00 3.83  ? 17  DG  B "C3'" 1 
ATOM   330 O  "O3'" . DG  B 2 5  ? 0.508   8.683   5.375   1.00 18.23 ? 17  DG  B "O3'" 1 
ATOM   331 C  "C2'" . DG  B 2 5  ? 1.193   6.371   4.892   1.00 19.17 ? 17  DG  B "C2'" 1 
ATOM   332 C  "C1'" . DG  B 2 5  ? 2.082   6.751   3.710   1.00 24.19 ? 17  DG  B "C1'" 1 
ATOM   333 N  N9    . DG  B 2 5  ? 2.844   5.528   3.340   1.00 29.91 ? 17  DG  B N9    1 
ATOM   334 C  C8    . DG  B 2 5  ? 3.664   4.815   4.182   1.00 29.36 ? 17  DG  B C8    1 
ATOM   335 N  N7    . DG  B 2 5  ? 4.254   3.797   3.607   1.00 21.89 ? 17  DG  B N7    1 
ATOM   336 C  C5    . DG  B 2 5  ? 3.808   3.877   2.291   1.00 23.64 ? 17  DG  B C5    1 
ATOM   337 C  C6    . DG  B 2 5  ? 4.098   3.070   1.160   1.00 21.02 ? 17  DG  B C6    1 
ATOM   338 O  O6    . DG  B 2 5  ? 4.825   2.079   1.121   1.00 20.50 ? 17  DG  B O6    1 
ATOM   339 N  N1    . DG  B 2 5  ? 3.448   3.458   0.019   1.00 22.30 ? 17  DG  B N1    1 
ATOM   340 C  C2    . DG  B 2 5  ? 2.612   4.533   -0.029  1.00 27.52 ? 17  DG  B C2    1 
ATOM   341 N  N2    . DG  B 2 5  ? 2.100   4.736   -1.258  1.00 33.42 ? 17  DG  B N2    1 
ATOM   342 N  N3    . DG  B 2 5  ? 2.310   5.329   0.992   1.00 19.21 ? 17  DG  B N3    1 
ATOM   343 C  C4    . DG  B 2 5  ? 2.939   4.935   2.111   1.00 22.00 ? 17  DG  B C4    1 
ATOM   344 P  P     . DC  B 2 6  ? -1.095  8.450   5.600   1.00 20.86 ? 18  DC  B P     1 
ATOM   345 O  OP1   . DC  B 2 6  ? -1.668  9.769   5.446   1.00 24.00 ? 18  DC  B OP1   1 
ATOM   346 O  OP2   . DC  B 2 6  ? -1.186  7.762   6.890   1.00 27.28 ? 18  DC  B OP2   1 
ATOM   347 O  "O5'" . DC  B 2 6  ? -1.394  7.463   4.326   1.00 14.14 ? 18  DC  B "O5'" 1 
ATOM   348 C  "C5'" . DC  B 2 6  ? -0.712  7.941   3.126   1.00 22.24 ? 18  DC  B "C5'" 1 
ATOM   349 C  "C4'" . DC  B 2 6  ? -1.347  7.273   1.939   1.00 24.50 ? 18  DC  B "C4'" 1 
ATOM   350 O  "O4'" . DC  B 2 6  ? -0.550  6.122   1.594   1.00 25.90 ? 18  DC  B "O4'" 1 
ATOM   351 C  "C3'" . DC  B 2 6  ? -2.744  6.727   2.162   1.00 25.46 ? 18  DC  B "C3'" 1 
ATOM   352 O  "O3'" . DC  B 2 6  ? -3.615  7.170   1.114   1.00 27.55 ? 18  DC  B "O3'" 1 
ATOM   353 C  "C2'" . DC  B 2 6  ? -2.568  5.216   2.256   1.00 24.87 ? 18  DC  B "C2'" 1 
ATOM   354 C  "C1'" . DC  B 2 6  ? -1.329  4.970   1.393   1.00 30.27 ? 18  DC  B "C1'" 1 
ATOM   355 N  N1    . DC  B 2 6  ? -0.597  3.763   1.849   1.00 30.64 ? 18  DC  B N1    1 
ATOM   356 C  C2    . DC  B 2 6  ? -0.075  2.936   0.867   1.00 26.39 ? 18  DC  B C2    1 
ATOM   357 O  O2    . DC  B 2 6  ? -0.207  3.204   -0.322  1.00 29.25 ? 18  DC  B O2    1 
ATOM   358 N  N3    . DC  B 2 6  ? 0.588   1.807   1.266   1.00 29.75 ? 18  DC  B N3    1 
ATOM   359 C  C4    . DC  B 2 6  ? 0.759   1.498   2.578   1.00 28.31 ? 18  DC  B C4    1 
ATOM   360 N  N4    . DC  B 2 6  ? 1.434   0.387   2.899   1.00 26.03 ? 18  DC  B N4    1 
ATOM   361 C  C5    . DC  B 2 6  ? 0.236   2.361   3.577   1.00 18.31 ? 18  DC  B C5    1 
ATOM   362 C  C6    . DC  B 2 6  ? -0.418  3.452   3.167   1.00 28.40 ? 18  DC  B C6    1 
ATOM   363 P  P     . DG  B 2 7  ? -5.201  6.956   1.302   1.00 36.57 ? 19  DG  B P     1 
ATOM   364 O  OP1   . DG  B 2 7  ? -5.824  8.124   0.645   1.00 20.11 ? 19  DG  B OP1   1 
ATOM   365 O  OP2   . DG  B 2 7  ? -5.561  6.766   2.717   1.00 23.40 ? 19  DG  B OP2   1 
ATOM   366 O  "O5'" . DG  B 2 7  ? -5.412  5.579   0.428   1.00 33.56 ? 19  DG  B "O5'" 1 
ATOM   367 C  "C5'" . DG  B 2 7  ? -6.439  5.648   -0.589  1.00 24.08 ? 19  DG  B "C5'" 1 
ATOM   368 C  "C4'" . DG  B 2 7  ? -6.135  4.810   -1.788  1.00 11.12 ? 19  DG  B "C4'" 1 
ATOM   369 O  "O4'" . DG  B 2 7  ? -4.914  4.056   -1.695  1.00 2.00  ? 19  DG  B "O4'" 1 
ATOM   370 C  "C3'" . DG  B 2 7  ? -7.212  3.807   -2.162  1.00 2.00  ? 19  DG  B "C3'" 1 
ATOM   371 O  "O3'" . DG  B 2 7  ? -7.415  3.651   -3.565  1.00 9.30  ? 19  DG  B "O3'" 1 
ATOM   372 C  "C2'" . DG  B 2 7  ? -6.725  2.567   -1.423  1.00 2.00  ? 19  DG  B "C2'" 1 
ATOM   373 C  "C1'" . DG  B 2 7  ? -5.213  2.682   -1.600  1.00 17.31 ? 19  DG  B "C1'" 1 
ATOM   374 N  N9    . DG  B 2 7  ? -4.600  2.145   -0.364  1.00 29.09 ? 19  DG  B N9    1 
ATOM   375 C  C8    . DG  B 2 7  ? -4.835  2.539   0.932   1.00 37.25 ? 19  DG  B C8    1 
ATOM   376 N  N7    . DG  B 2 7  ? -4.137  1.881   1.816   1.00 38.91 ? 19  DG  B N7    1 
ATOM   377 C  C5    . DG  B 2 7  ? -3.384  0.988   1.046   1.00 37.24 ? 19  DG  B C5    1 
ATOM   378 C  C6    . DG  B 2 7  ? -2.431  0.004   1.415   1.00 33.47 ? 19  DG  B C6    1 
ATOM   379 O  O6    . DG  B 2 7  ? -2.042  -0.291  2.540   1.00 34.44 ? 19  DG  B O6    1 
ATOM   380 N  N1    . DG  B 2 7  ? -1.892  -0.678  0.354   1.00 35.92 ? 19  DG  B N1    1 
ATOM   381 C  C2    . DG  B 2 7  ? -2.242  -0.432  -0.934  1.00 34.96 ? 19  DG  B C2    1 
ATOM   382 N  N2    . DG  B 2 7  ? -1.604  -1.191  -1.835  1.00 37.51 ? 19  DG  B N2    1 
ATOM   383 N  N3    . DG  B 2 7  ? -3.132  0.476   -1.335  1.00 32.75 ? 19  DG  B N3    1 
ATOM   384 C  C4    . DG  B 2 7  ? -3.663  1.148   -0.293  1.00 36.12 ? 19  DG  B C4    1 
ATOM   385 P  P     . DC  B 2 8  ? -8.900  3.505   -4.191  1.00 26.35 ? 20  DC  B P     1 
ATOM   386 O  OP1   . DC  B 2 8  ? -9.015  4.543   -5.209  1.00 15.08 ? 20  DC  B OP1   1 
ATOM   387 O  OP2   . DC  B 2 8  ? -9.962  3.605   -3.117  1.00 24.99 ? 20  DC  B OP2   1 
ATOM   388 O  "O5'" . DC  B 2 8  ? -8.881  1.995   -4.765  1.00 13.51 ? 20  DC  B "O5'" 1 
ATOM   389 C  "C5'" . DC  B 2 8  ? -7.936  1.655   -5.785  1.00 20.69 ? 20  DC  B "C5'" 1 
ATOM   390 C  "C4'" . DC  B 2 8  ? -7.455  0.255   -5.625  1.00 29.59 ? 20  DC  B "C4'" 1 
ATOM   391 O  "O4'" . DC  B 2 8  ? -6.482  0.155   -4.556  1.00 24.29 ? 20  DC  B "O4'" 1 
ATOM   392 C  "C3'" . DC  B 2 8  ? -8.386  -0.896  -5.320  1.00 25.66 ? 20  DC  B "C3'" 1 
ATOM   393 O  "O3'" . DC  B 2 8  ? -9.222  -1.336  -6.363  1.00 28.89 ? 20  DC  B "O3'" 1 
ATOM   394 C  "C2'" . DC  B 2 8  ? -7.519  -1.900  -4.574  1.00 25.70 ? 20  DC  B "C2'" 1 
ATOM   395 C  "C1'" . DC  B 2 8  ? -6.381  -1.112  -3.906  1.00 35.77 ? 20  DC  B "C1'" 1 
ATOM   396 N  N1    . DC  B 2 8  ? -6.525  -1.223  -2.439  1.00 43.09 ? 20  DC  B N1    1 
ATOM   397 C  C2    . DC  B 2 8  ? -5.662  -1.978  -1.649  1.00 45.42 ? 20  DC  B C2    1 
ATOM   398 O  O2    . DC  B 2 8  ? -4.698  -2.541  -2.170  1.00 41.88 ? 20  DC  B O2    1 
ATOM   399 N  N3    . DC  B 2 8  ? -5.894  -2.140  -0.271  1.00 41.95 ? 20  DC  B N3    1 
ATOM   400 C  C4    . DC  B 2 8  ? -6.918  -1.435  0.278   1.00 44.04 ? 20  DC  B C4    1 
ATOM   401 N  N4    . DC  B 2 8  ? -7.112  -1.520  1.588   1.00 33.43 ? 20  DC  B N4    1 
ATOM   402 C  C5    . DC  B 2 8  ? -7.821  -0.679  -0.506  1.00 51.82 ? 20  DC  B C5    1 
ATOM   403 C  C6    . DC  B 2 8  ? -7.586  -0.607  -1.825  1.00 51.17 ? 20  DC  B C6    1 
ATOM   404 P  P     . DC  B 2 9  ? -9.104  -2.405  -7.556  1.00 46.87 ? 21  DC  B P     1 
ATOM   405 O  OP1   . DC  B 2 9  ? -8.085  -1.715  -8.448  1.00 40.03 ? 21  DC  B OP1   1 
ATOM   406 O  OP2   . DC  B 2 9  ? -10.409 -2.537  -8.278  1.00 51.15 ? 21  DC  B OP2   1 
ATOM   407 O  "O5'" . DC  B 2 9  ? -8.609  -3.729  -6.874  1.00 45.56 ? 21  DC  B "O5'" 1 
ATOM   408 C  "C5'" . DC  B 2 9  ? -7.234  -3.953  -6.462  1.00 33.68 ? 21  DC  B "C5'" 1 
ATOM   409 C  "C4'" . DC  B 2 9  ? -7.173  -5.366  -5.929  1.00 30.61 ? 21  DC  B "C4'" 1 
ATOM   410 O  "O4'" . DC  B 2 9  ? -7.000  -5.316  -4.499  1.00 17.15 ? 21  DC  B "O4'" 1 
ATOM   411 C  "C3'" . DC  B 2 9  ? -8.418  -6.205  -6.179  1.00 25.91 ? 21  DC  B "C3'" 1 
ATOM   412 O  "O3'" . DC  B 2 9  ? -8.017  -7.573  -6.379  1.00 33.28 ? 21  DC  B "O3'" 1 
ATOM   413 C  "C2'" . DC  B 2 9  ? -9.216  -6.024  -4.891  1.00 21.88 ? 21  DC  B "C2'" 1 
ATOM   414 C  "C1'" . DC  B 2 9  ? -8.133  -5.813  -3.860  1.00 11.31 ? 21  DC  B "C1'" 1 
ATOM   415 N  N1    . DC  B 2 9  ? -8.612  -5.078  -2.681  1.00 12.65 ? 21  DC  B N1    1 
ATOM   416 C  C2    . DC  B 2 9  ? -7.870  -5.250  -1.517  1.00 15.17 ? 21  DC  B C2    1 
ATOM   417 O  O2    . DC  B 2 9  ? -6.862  -5.966  -1.526  1.00 11.38 ? 21  DC  B O2    1 
ATOM   418 N  N3    . DC  B 2 9  ? -8.304  -4.612  -0.383  1.00 10.76 ? 21  DC  B N3    1 
ATOM   419 C  C4    . DC  B 2 9  ? -9.410  -3.829  -0.383  1.00 8.51  ? 21  DC  B C4    1 
ATOM   420 N  N4    . DC  B 2 9  ? -9.775  -3.229  0.756   1.00 16.72 ? 21  DC  B N4    1 
ATOM   421 C  C5    . DC  B 2 9  ? -10.161 -3.651  -1.572  1.00 6.99  ? 21  DC  B C5    1 
ATOM   422 C  C6    . DC  B 2 9  ? -9.729  -4.294  -2.667  1.00 14.77 ? 21  DC  B C6    1 
ATOM   423 P  P     . DG  B 2 10 ? -8.973  -8.783  -6.654  1.00 24.90 ? 22  DG  B P     1 
ATOM   424 O  OP1   . DG  B 2 10 ? -8.701  -9.219  -8.042  1.00 27.77 ? 22  DG  B OP1   1 
ATOM   425 O  OP2   . DG  B 2 10 ? -10.423 -8.417  -6.450  1.00 30.87 ? 22  DG  B OP2   1 
ATOM   426 O  "O5'" . DG  B 2 10 ? -8.568  -9.885  -5.562  1.00 21.34 ? 22  DG  B "O5'" 1 
ATOM   427 C  "C5'" . DG  B 2 10 ? -7.202  -10.349 -5.443  1.00 16.22 ? 22  DG  B "C5'" 1 
ATOM   428 C  "C4'" . DG  B 2 10 ? -7.015  -10.714 -3.981  1.00 27.26 ? 22  DG  B "C4'" 1 
ATOM   429 O  "O4'" . DG  B 2 10 ? -7.694  -9.696  -3.194  1.00 23.28 ? 22  DG  B "O4'" 1 
ATOM   430 C  "C3'" . DG  B 2 10 ? -7.700  -11.977 -3.483  1.00 35.17 ? 22  DG  B "C3'" 1 
ATOM   431 O  "O3'" . DG  B 2 10 ? -6.829  -13.121 -3.572  1.00 38.37 ? 22  DG  B "O3'" 1 
ATOM   432 C  "C2'" . DG  B 2 10 ? -8.102  -11.682 -2.039  1.00 29.09 ? 22  DG  B "C2'" 1 
ATOM   433 C  "C1'" . DG  B 2 10 ? -7.812  -10.219 -1.881  1.00 21.77 ? 22  DG  B "C1'" 1 
ATOM   434 N  N9    . DG  B 2 10 ? -8.769  -9.439  -1.090  1.00 12.14 ? 22  DG  B N9    1 
ATOM   435 C  C8    . DG  B 2 10 ? -8.655  -9.019  0.213   1.00 4.03  ? 22  DG  B C8    1 
ATOM   436 N  N7    . DG  B 2 10 ? -9.648  -8.267  0.615   1.00 18.80 ? 22  DG  B N7    1 
ATOM   437 C  C5    . DG  B 2 10 ? -10.464 -8.163  -0.518  1.00 29.11 ? 22  DG  B C5    1 
ATOM   438 C  C6    . DG  B 2 10 ? -11.703 -7.494  -0.731  1.00 28.90 ? 22  DG  B C6    1 
ATOM   439 O  O6    . DG  B 2 10 ? -12.353 -6.802  0.055   1.00 17.31 ? 22  DG  B O6    1 
ATOM   440 N  N1    . DG  B 2 10 ? -12.230 -7.641  -1.994  1.00 19.75 ? 22  DG  B N1    1 
ATOM   441 C  C2    . DG  B 2 10 ? -11.590 -8.356  -2.960  1.00 28.88 ? 22  DG  B C2    1 
ATOM   442 N  N2    . DG  B 2 10 ? -12.251 -8.374  -4.128  1.00 33.95 ? 22  DG  B N2    1 
ATOM   443 N  N3    . DG  B 2 10 ? -10.425 -8.990  -2.821  1.00 18.25 ? 22  DG  B N3    1 
ATOM   444 C  C4    . DG  B 2 10 ? -9.921  -8.857  -1.580  1.00 16.01 ? 22  DG  B C4    1 
ATOM   445 P  P     . DG  B 2 11 ? -7.625  -14.546 -3.788  1.00 33.79 ? 23  DG  B P     1 
ATOM   446 O  OP1   . DG  B 2 11 ? -7.003  -15.046 -5.015  1.00 29.69 ? 23  DG  B OP1   1 
ATOM   447 O  OP2   . DG  B 2 11 ? -9.090  -14.148 -4.030  1.00 27.39 ? 23  DG  B OP2   1 
ATOM   448 O  "O5'" . DG  B 2 11 ? -7.461  -15.285 -2.420  1.00 33.38 ? 23  DG  B "O5'" 1 
ATOM   449 C  "C5'" . DG  B 2 11 ? -6.352  -15.406 -1.508  1.00 31.91 ? 23  DG  B "C5'" 1 
ATOM   450 C  "C4'" . DG  B 2 11 ? -6.782  -15.045 -0.092  1.00 44.39 ? 23  DG  B "C4'" 1 
ATOM   451 O  "O4'" . DG  B 2 11 ? -7.629  -13.877 -0.288  1.00 53.41 ? 23  DG  B "O4'" 1 
ATOM   452 C  "C3'" . DG  B 2 11 ? -7.653  -16.011 0.682   1.00 47.57 ? 23  DG  B "C3'" 1 
ATOM   453 O  "O3'" . DG  B 2 11 ? -6.869  -16.712 1.668   1.00 41.28 ? 23  DG  B "O3'" 1 
ATOM   454 C  "C2'" . DG  B 2 11 ? -8.711  -15.143 1.375   1.00 42.33 ? 23  DG  B "C2'" 1 
ATOM   455 C  "C1'" . DG  B 2 11 ? -8.474  -13.752 0.833   1.00 40.02 ? 23  DG  B "C1'" 1 
ATOM   456 N  N9    . DG  B 2 11 ? -9.713  -13.053 0.446   1.00 34.94 ? 23  DG  B N9    1 
ATOM   457 C  C8    . DG  B 2 11 ? -10.362 -13.082 -0.761  1.00 30.52 ? 23  DG  B C8    1 
ATOM   458 N  N7    . DG  B 2 11 ? -11.419 -12.311 -0.808  1.00 31.13 ? 23  DG  B N7    1 
ATOM   459 C  C5    . DG  B 2 11 ? -11.458 -11.716 0.449   1.00 32.82 ? 23  DG  B C5    1 
ATOM   460 C  C6    . DG  B 2 11 ? -12.359 -10.780 1.019   1.00 29.60 ? 23  DG  B C6    1 
ATOM   461 O  O6    . DG  B 2 11 ? -13.353 -10.270 0.487   1.00 29.25 ? 23  DG  B O6    1 
ATOM   462 N  N1    . DG  B 2 11 ? -12.046 -10.419 2.308   1.00 31.07 ? 23  DG  B N1    1 
ATOM   463 C  C2    . DG  B 2 11 ? -10.974 -10.924 2.978   1.00 27.67 ? 23  DG  B C2    1 
ATOM   464 N  N2    . DG  B 2 11 ? -10.811 -10.473 4.228   1.00 26.21 ? 23  DG  B N2    1 
ATOM   465 N  N3    . DG  B 2 11 ? -10.107 -11.804 2.492   1.00 31.39 ? 23  DG  B N3    1 
ATOM   466 C  C4    . DG  B 2 11 ? -10.405 -12.152 1.224   1.00 33.70 ? 23  DG  B C4    1 
ATOM   467 P  P     . DT  B 2 12 ? -7.346  -17.975 2.476   1.00 41.63 ? 24  DT  B P     1 
ATOM   468 O  OP1   . DT  B 2 12 ? -6.189  -18.895 2.468   1.00 28.37 ? 24  DT  B OP1   1 
ATOM   469 O  OP2   . DT  B 2 12 ? -8.574  -18.621 1.873   1.00 27.25 ? 24  DT  B OP2   1 
ATOM   470 O  "O5'" . DT  B 2 12 ? -7.740  -17.391 3.954   1.00 35.71 ? 24  DT  B "O5'" 1 
ATOM   471 C  "C5'" . DT  B 2 12 ? -8.826  -16.431 3.929   1.00 46.43 ? 24  DT  B "C5'" 1 
ATOM   472 C  "C4'" . DT  B 2 12 ? -9.432  -16.178 5.281   1.00 42.12 ? 24  DT  B "C4'" 1 
ATOM   473 O  "O4'" . DT  B 2 12 ? -10.152 -14.916 5.159   1.00 35.09 ? 24  DT  B "O4'" 1 
ATOM   474 C  "C3'" . DT  B 2 12 ? -10.477 -17.146 5.818   1.00 44.38 ? 24  DT  B "C3'" 1 
ATOM   475 O  "O3'" . DT  B 2 12 ? -10.632 -17.128 7.251   1.00 43.05 ? 24  DT  B "O3'" 1 
ATOM   476 C  "C2'" . DT  B 2 12 ? -11.768 -16.630 5.177   1.00 29.40 ? 24  DT  B "C2'" 1 
ATOM   477 C  "C1'" . DT  B 2 12 ? -11.534 -15.124 5.277   1.00 17.05 ? 24  DT  B "C1'" 1 
ATOM   478 N  N1    . DT  B 2 12 ? -12.281 -14.522 4.150   1.00 2.00  ? 24  DT  B N1    1 
ATOM   479 C  C2    . DT  B 2 12 ? -13.064 -13.419 4.438   1.00 11.15 ? 24  DT  B C2    1 
ATOM   480 O  O2    . DT  B 2 12 ? -13.117 -12.963 5.579   1.00 12.61 ? 24  DT  B O2    1 
ATOM   481 N  N3    . DT  B 2 12 ? -13.758 -12.864 3.403   1.00 7.28  ? 24  DT  B N3    1 
ATOM   482 C  C4    . DT  B 2 12 ? -13.706 -13.353 2.137   1.00 6.72  ? 24  DT  B C4    1 
ATOM   483 O  O4    . DT  B 2 12 ? -14.395 -12.777 1.249   1.00 14.71 ? 24  DT  B O4    1 
ATOM   484 C  C5    . DT  B 2 12 ? -12.890 -14.484 1.869   1.00 14.36 ? 24  DT  B C5    1 
ATOM   485 C  C7    . DT  B 2 12 ? -12.800 -15.057 0.473   1.00 14.14 ? 24  DT  B C7    1 
ATOM   486 C  C6    . DT  B 2 12 ? -12.205 -15.023 2.891   1.00 7.06  ? 24  DT  B C6    1 
HETATM 487 MG MG    . MG  C 3 .  ? 7.022   -0.483  2.464   0.81 18.98 ? 68  MG  A MG    1 
HETATM 488 MG MG    . MG  D 3 .  ? 9.791   21.051  5.634   0.35 3.73  ? 75  MG  A MG    1 
HETATM 489 MG MG    . MG  E 3 .  ? -2.640  13.875  -5.592  0.69 9.89  ? 80  MG  A MG    1 
HETATM 490 MG MG    . MG  F 3 .  ? -3.790  -11.900 2.433   0.59 4.68  ? 87  MG  A MG    1 
HETATM 491 MG MG    . MG  G 3 .  ? 8.506   5.685   -10.499 0.67 24.37 ? 99  MG  A MG    1 
HETATM 492 MG MG    . MG  H 3 .  ? -10.954 -10.992 9.748   0.64 26.56 ? 112 MG  A MG    1 
HETATM 493 MG MG    . MG  I 3 .  ? -2.601  -0.128  5.635   1.00 27.51 ? 61  MG  B MG    1 
HETATM 494 MG MG    . MG  J 3 .  ? 2.819   11.400  1.946   0.55 41.63 ? 119 MG  B MG    1 
HETATM 495 O  O     . HOH K 4 .  ? 8.832   8.978   -7.580  0.99 14.09 ? 25  HOH A O     1 
HETATM 496 O  O     . HOH K 4 .  ? -0.851  -6.540  -4.373  1.00 2.00  ? 26  HOH A O     1 
HETATM 497 O  O     . HOH K 4 .  ? 3.074   -9.501  -7.741  0.76 32.11 ? 30  HOH A O     1 
HETATM 498 O  O     . HOH K 4 .  ? 13.620  6.667   -10.078 1.00 3.08  ? 34  HOH A O     1 
HETATM 499 O  O     . HOH K 4 .  ? -1.223  5.354   -5.224  1.00 3.34  ? 35  HOH A O     1 
HETATM 500 O  O     . HOH K 4 .  ? -18.691 -1.204  6.773   1.00 21.59 ? 37  HOH A O     1 
HETATM 501 O  O     . HOH K 4 .  ? 4.171   17.860  -6.909  1.00 34.05 ? 38  HOH A O     1 
HETATM 502 O  O     . HOH K 4 .  ? -2.395  3.009   -6.224  1.00 27.20 ? 39  HOH A O     1 
HETATM 503 O  O     . HOH K 4 .  ? 10.960  9.837   -12.614 1.00 9.06  ? 40  HOH A O     1 
HETATM 504 O  O     . HOH K 4 .  ? -11.458 -0.065  12.587  1.00 48.06 ? 42  HOH A O     1 
HETATM 505 O  O     . HOH K 4 .  ? -3.217  -5.298  -4.645  1.00 2.00  ? 45  HOH A O     1 
HETATM 506 O  O     . HOH K 4 .  ? 12.273  4.741   -7.177  1.00 2.00  ? 46  HOH A O     1 
HETATM 507 O  O     . HOH K 4 .  ? 8.829   0.137   -3.824  0.77 9.59  ? 48  HOH A O     1 
HETATM 508 O  O     . HOH K 4 .  ? -0.592  -11.488 -4.380  0.47 2.00  ? 50  HOH A O     1 
HETATM 509 O  O     . HOH K 4 .  ? -3.883  -11.131 5.701   0.77 14.42 ? 51  HOH A O     1 
HETATM 510 O  O     . HOH K 4 .  ? 9.366   11.047  3.103   1.00 57.36 ? 52  HOH A O     1 
HETATM 511 O  O     . HOH K 4 .  ? 13.476  12.104  3.063   0.54 9.50  ? 55  HOH A O     1 
HETATM 512 O  O     . HOH K 4 .  ? -2.969  -1.584  6.964   0.11 28.41 ? 64  HOH A O     1 
HETATM 513 O  O     . HOH K 4 .  ? -1.622  0.879   7.052   0.40 26.04 ? 65  HOH A O     1 
HETATM 514 O  O     . HOH K 4 .  ? 7.878   -1.448  3.970   0.17 17.03 ? 71  HOH A O     1 
HETATM 515 O  O     . HOH K 4 .  ? 5.368   -1.565  2.718   0.83 11.28 ? 72  HOH A O     1 
HETATM 516 O  O     . HOH K 4 .  ? 7.741   -1.804  1.171   1.00 10.54 ? 74  HOH A O     1 
HETATM 517 O  O     . HOH K 4 .  ? 7.778   21.023  6.006   0.53 2.48  ? 76  HOH A O     1 
HETATM 518 O  O     . HOH K 4 .  ? 11.591  22.020  5.580   0.35 2.00  ? 77  HOH A O     1 
HETATM 519 O  O     . HOH K 4 .  ? 4.659   3.344   -13.877 1.00 23.84 ? 78  HOH A O     1 
HETATM 520 O  O     . HOH K 4 .  ? 7.599   4.120   -14.880 1.00 21.02 ? 79  HOH A O     1 
HETATM 521 O  O     . HOH K 4 .  ? -1.458  15.421  -5.206  0.49 5.92  ? 81  HOH A O     1 
HETATM 522 O  O     . HOH K 4 .  ? -1.949  13.775  -7.448  0.27 8.84  ? 82  HOH A O     1 
HETATM 523 O  O     . HOH K 4 .  ? -1.210  12.617  -5.007  0.69 10.51 ? 83  HOH A O     1 
HETATM 524 O  O     . HOH K 4 .  ? -3.336  13.953  -3.725  0.01 8.66  ? 84  HOH A O     1 
HETATM 525 O  O     . HOH K 4 .  ? -4.072  15.123  -6.182  0.01 8.55  ? 85  HOH A O     1 
HETATM 526 O  O     . HOH K 4 .  ? -3.869  12.333  -5.948  0.71 6.58  ? 86  HOH A O     1 
HETATM 527 O  O     . HOH K 4 .  ? -4.624  -13.543 1.686   0.09 2.89  ? 88  HOH A O     1 
HETATM 528 O  O     . HOH K 4 .  ? -2.313  -12.057 1.103   0.61 2.00  ? 89  HOH A O     1 
HETATM 529 O  O     . HOH K 4 .  ? -4.834  -10.786 1.146   0.85 3.88  ? 90  HOH A O     1 
HETATM 530 O  O     . HOH K 4 .  ? -5.276  -11.743 3.744   0.01 2.90  ? 91  HOH A O     1 
HETATM 531 O  O     . HOH K 4 .  ? -2.765  -12.994 3.731   0.48 2.00  ? 92  HOH A O     1 
HETATM 532 O  O     . HOH K 4 .  ? -2.940  -10.261 3.158   0.52 4.15  ? 93  HOH A O     1 
HETATM 533 O  O     . HOH K 4 .  ? 1.118   -12.580 5.686   1.00 2.00  ? 94  HOH A O     1 
HETATM 534 O  O     . HOH K 4 .  ? 0.760   -12.849 3.101   0.83 2.00  ? 95  HOH A O     1 
HETATM 535 O  O     . HOH K 4 .  ? -5.301  -12.400 8.176   0.94 19.48 ? 96  HOH A O     1 
HETATM 536 O  O     . HOH K 4 .  ? -6.011  -14.156 6.297   0.53 22.03 ? 97  HOH A O     1 
HETATM 537 O  O     . HOH K 4 .  ? 6.873   4.848   -9.735  0.38 14.94 ? 100 HOH A O     1 
HETATM 538 O  O     . HOH K 4 .  ? 9.254   3.889   -10.935 0.30 16.46 ? 101 HOH A O     1 
HETATM 539 O  O     . HOH K 4 .  ? 7.643   5.750   -12.286 0.06 17.39 ? 102 HOH A O     1 
HETATM 540 O  O     . HOH K 4 .  ? 7.779   7.484   -10.085 0.52 10.76 ? 103 HOH A O     1 
HETATM 541 O  O     . HOH K 4 .  ? 9.393   5.597   -8.708  0.75 18.26 ? 104 HOH A O     1 
HETATM 542 O  O     . HOH K 4 .  ? 10.145  6.524   -11.252 0.01 17.50 ? 105 HOH A O     1 
HETATM 543 O  O     . HOH K 4 .  ? -17.031 -6.384  -2.418  0.70 22.46 ? 107 HOH A O     1 
HETATM 544 O  O     . HOH K 4 .  ? -21.353 -6.038  -1.793  1.00 5.07  ? 109 HOH A O     1 
HETATM 545 O  O     . HOH K 4 .  ? -14.109 -1.742  7.039   0.83 6.80  ? 110 HOH A O     1 
HETATM 546 O  O     . HOH K 4 .  ? -9.208  -10.887 10.706  0.59 30.60 ? 113 HOH A O     1 
HETATM 547 O  O     . HOH K 4 .  ? -9.985  -11.200 8.022   0.18 28.53 ? 114 HOH A O     1 
HETATM 548 O  O     . HOH K 4 .  ? -10.951 -12.970 9.978   0.04 27.37 ? 115 HOH A O     1 
HETATM 549 O  O     . HOH K 4 .  ? -11.913 -10.796 11.472  0.31 28.35 ? 116 HOH A O     1 
HETATM 550 O  O     . HOH K 4 .  ? -10.937 -9.024  9.514   0.44 24.55 ? 117 HOH A O     1 
HETATM 551 O  O     . HOH K 4 .  ? -12.686 -11.096 8.787   0.01 27.50 ? 118 HOH A O     1 
HETATM 552 O  O     . HOH K 4 .  ? 3.373   11.520  0.041   0.51 38.04 ? 123 HOH A O     1 
HETATM 553 O  O     . HOH K 4 .  ? -7.134  -10.154 3.127   0.74 2.98  ? 126 HOH A O     1 
HETATM 554 O  O     . HOH K 4 .  ? -23.632 -7.564  -0.697  1.00 10.43 ? 128 HOH A O     1 
HETATM 555 O  O     . HOH K 4 .  ? -21.032 -8.217  0.747   0.92 7.52  ? 129 HOH A O     1 
HETATM 556 O  O     . HOH K 4 .  ? -7.450  -11.218 14.806  0.67 49.05 ? 131 HOH A O     1 
HETATM 557 O  O     . HOH K 4 .  ? -5.603  -2.268  7.646   1.00 7.85  ? 132 HOH A O     1 
HETATM 558 O  O     . HOH K 4 .  ? 11.422  -2.136  -2.761  0.83 14.14 ? 133 HOH A O     1 
HETATM 559 O  O     . HOH K 4 .  ? 5.869   3.023   -11.474 0.82 2.00  ? 134 HOH A O     1 
HETATM 560 O  O     . HOH K 4 .  ? -0.699  -0.398  -5.962  0.56 2.00  ? 136 HOH A O     1 
HETATM 561 O  O     . HOH K 4 .  ? -4.954  -8.322  1.702   0.71 2.00  ? 138 HOH A O     1 
HETATM 562 O  O     . HOH L 4 .  ? -11.483 -3.909  -10.816 0.53 31.84 ? 27  HOH B O     1 
HETATM 563 O  O     . HOH L 4 .  ? -11.872 -1.565  -2.656  1.00 19.66 ? 28  HOH B O     1 
HETATM 564 O  O     . HOH L 4 .  ? 15.257  2.764   -5.493  1.00 2.00  ? 29  HOH B O     1 
HETATM 565 O  O     . HOH L 4 .  ? -3.428  4.604   7.117   0.80 2.00  ? 31  HOH B O     1 
HETATM 566 O  O     . HOH L 4 .  ? -13.259 -14.892 8.420   1.00 21.73 ? 32  HOH B O     1 
HETATM 567 O  O     . HOH L 4 .  ? 13.053  0.492   3.750   0.81 2.00  ? 33  HOH B O     1 
HETATM 568 O  O     . HOH L 4 .  ? -13.951 -4.594  -1.567  1.00 17.33 ? 36  HOH B O     1 
HETATM 569 O  O     . HOH L 4 .  ? -8.793  -14.281 -6.957  0.73 38.88 ? 41  HOH B O     1 
HETATM 570 O  O     . HOH L 4 .  ? -2.373  9.723   -5.403  1.00 30.29 ? 43  HOH B O     1 
HETATM 571 O  O     . HOH L 4 .  ? 1.964   8.440   -0.669  1.00 2.00  ? 44  HOH B O     1 
HETATM 572 O  O     . HOH L 4 .  ? 9.633   0.853   -0.632  0.96 2.00  ? 47  HOH B O     1 
HETATM 573 O  O     . HOH L 4 .  ? 14.020  9.428   1.460   0.91 19.05 ? 49  HOH B O     1 
HETATM 574 O  O     . HOH L 4 .  ? -8.231  0.902   2.467   0.91 2.00  ? 53  HOH B O     1 
HETATM 575 O  O     . HOH L 4 .  ? 9.307   4.482   11.172  0.81 2.00  ? 54  HOH B O     1 
HETATM 576 O  O     . HOH L 4 .  ? 16.359  0.297   -0.097  0.97 3.55  ? 56  HOH B O     1 
HETATM 577 O  O     . HOH L 4 .  ? -4.461  -17.362 4.078   1.00 2.00  ? 57  HOH B O     1 
HETATM 578 O  O     . HOH L 4 .  ? -2.881  9.132   3.301   1.00 6.31  ? 58  HOH B O     1 
HETATM 579 O  O     . HOH L 4 .  ? -8.434  4.260   2.720   0.51 2.00  ? 59  HOH B O     1 
HETATM 580 O  O     . HOH L 4 .  ? 11.182  -0.143  1.673   0.72 69.60 ? 60  HOH B O     1 
HETATM 581 O  O     . HOH L 4 .  ? -0.919  -1.043  5.116   0.45 25.93 ? 62  HOH B O     1 
HETATM 582 O  O     . HOH L 4 .  ? -3.591  -1.155  4.259   0.56 27.88 ? 63  HOH B O     1 
HETATM 583 O  O     . HOH L 4 .  ? -2.250  1.321   4.347   0.55 28.82 ? 66  HOH B O     1 
HETATM 584 O  O     . HOH L 4 .  ? -4.295  0.767   6.180   0.38 25.63 ? 67  HOH B O     1 
HETATM 585 O  O     . HOH L 4 .  ? 6.307   0.871   3.753   0.43 21.38 ? 69  HOH B O     1 
HETATM 586 O  O     . HOH L 4 .  ? 8.654   0.630   2.245   0.73 16.68 ? 70  HOH B O     1 
HETATM 587 O  O     . HOH L 4 .  ? 6.148   0.497   0.963   0.29 16.94 ? 73  HOH B O     1 
HETATM 588 O  O     . HOH L 4 .  ? -8.758  -12.433 6.195   0.88 36.08 ? 98  HOH B O     1 
HETATM 589 O  O     . HOH L 4 .  ? -16.343 -5.670  -5.574  0.89 35.42 ? 106 HOH B O     1 
HETATM 590 O  O     . HOH L 4 .  ? -14.842 -14.607 -1.064  0.67 19.57 ? 108 HOH B O     1 
HETATM 591 O  O     . HOH L 4 .  ? -10.900 -8.161  -8.847  0.79 16.37 ? 111 HOH B O     1 
HETATM 592 O  O     . HOH L 4 .  ? 2.830   9.415   1.806   0.94 33.36 ? 120 HOH B O     1 
HETATM 593 O  O     . HOH L 4 .  ? 2.274   11.280  3.850   0.42 37.57 ? 121 HOH B O     1 
HETATM 594 O  O     . HOH L 4 .  ? 4.732   11.369  2.510   1.00 43.24 ? 122 HOH B O     1 
HETATM 595 O  O     . HOH L 4 .  ? 0.907   11.444  1.401   0.82 40.76 ? 124 HOH B O     1 
HETATM 596 O  O     . HOH L 4 .  ? 2.825   13.385  2.068   0.01 39.05 ? 125 HOH B O     1 
HETATM 597 O  O     . HOH L 4 .  ? -13.525 -11.782 -2.916  1.00 49.05 ? 127 HOH B O     1 
HETATM 598 O  O     . HOH L 4 .  ? 10.294  1.718   -5.213  0.68 25.99 ? 130 HOH B O     1 
HETATM 599 O  O     . HOH L 4 .  ? -3.409  6.080   -4.328  0.88 32.45 ? 135 HOH B O     1 
HETATM 600 O  O     . HOH L 4 .  ? -5.455  2.107   -10.040 0.95 18.06 ? 137 HOH B O     1 
HETATM 601 O  O     . HOH L 4 .  ? -3.630  -1.485  -7.744  0.66 19.33 ? 139 HOH B O     1 
# 
